data_6EPV
# 
_entry.id   6EPV 
# 
_audit_conform.dict_name       mmcif_pdbx.dic 
_audit_conform.dict_version    5.391 
_audit_conform.dict_location   http://mmcif.pdb.org/dictionaries/ascii/mmcif_pdbx.dic 
# 
loop_
_database_2.database_id 
_database_2.database_code 
_database_2.pdbx_database_accession 
_database_2.pdbx_DOI 
PDB   6EPV         pdb_00006epv 10.2210/pdb6epv/pdb 
WWPDB D_1200007020 ?            ?                   
# 
loop_
_pdbx_audit_revision_history.ordinal 
_pdbx_audit_revision_history.data_content_type 
_pdbx_audit_revision_history.major_revision 
_pdbx_audit_revision_history.minor_revision 
_pdbx_audit_revision_history.revision_date 
1 'Structure model' 1 0 2018-10-31 
2 'Structure model' 1 1 2019-11-13 
3 'Structure model' 1 2 2020-11-04 
4 'Structure model' 1 3 2024-05-08 
# 
_pdbx_audit_revision_details.ordinal             1 
_pdbx_audit_revision_details.revision_ordinal    1 
_pdbx_audit_revision_details.data_content_type   'Structure model' 
_pdbx_audit_revision_details.provider            repository 
_pdbx_audit_revision_details.type                'Initial release' 
_pdbx_audit_revision_details.description         ? 
_pdbx_audit_revision_details.details             ? 
# 
loop_
_pdbx_audit_revision_group.ordinal 
_pdbx_audit_revision_group.revision_ordinal 
_pdbx_audit_revision_group.data_content_type 
_pdbx_audit_revision_group.group 
1 2 'Structure model' 'Data collection'     
2 2 'Structure model' 'Database references' 
3 3 'Structure model' 'Database references' 
4 4 'Structure model' 'Data collection'     
5 4 'Structure model' 'Database references' 
# 
loop_
_pdbx_audit_revision_category.ordinal 
_pdbx_audit_revision_category.revision_ordinal 
_pdbx_audit_revision_category.data_content_type 
_pdbx_audit_revision_category.category 
1 2 'Structure model' citation        
2 3 'Structure model' citation        
3 3 'Structure model' citation_author 
4 4 'Structure model' chem_comp_atom  
5 4 'Structure model' chem_comp_bond  
6 4 'Structure model' database_2      
# 
loop_
_pdbx_audit_revision_item.ordinal 
_pdbx_audit_revision_item.revision_ordinal 
_pdbx_audit_revision_item.data_content_type 
_pdbx_audit_revision_item.item 
1  2 'Structure model' '_citation.title'                     
2  3 'Structure model' '_citation.country'                   
3  3 'Structure model' '_citation.journal_abbrev'            
4  3 'Structure model' '_citation.journal_id_CSD'            
5  3 'Structure model' '_citation.journal_id_ISSN'           
6  3 'Structure model' '_citation.journal_volume'            
7  3 'Structure model' '_citation.page_first'                
8  3 'Structure model' '_citation.page_last'                 
9  3 'Structure model' '_citation.pdbx_database_id_DOI'      
10 3 'Structure model' '_citation.pdbx_database_id_PubMed'   
11 3 'Structure model' '_citation.title'                     
12 3 'Structure model' '_citation.year'                      
13 4 'Structure model' '_database_2.pdbx_DOI'                
14 4 'Structure model' '_database_2.pdbx_database_accession' 
# 
_pdbx_database_status.status_code                     REL 
_pdbx_database_status.status_code_sf                  REL 
_pdbx_database_status.status_code_mr                  ? 
_pdbx_database_status.entry_id                        6EPV 
_pdbx_database_status.recvd_initial_deposition_date   2017-10-12 
_pdbx_database_status.SG_entry                        N 
_pdbx_database_status.deposit_site                    PDBE 
_pdbx_database_status.process_site                    PDBE 
_pdbx_database_status.status_code_cs                  ? 
_pdbx_database_status.methods_development_category    ? 
_pdbx_database_status.pdb_format_compatible           Y 
_pdbx_database_status.status_code_nmr_data            ? 
# 
loop_
_audit_author.name 
_audit_author.pdbx_ordinal 
_audit_author.identifier_ORCID 
'Sledz, P.'    1 ? 
'Caflisch, A.' 2 ? 
# 
_citation.abstract                  ? 
_citation.abstract_id_CAS           ? 
_citation.book_id_ISBN              ? 
_citation.book_publisher            ? 
_citation.book_publisher_city       ? 
_citation.book_title                ? 
_citation.coordinate_linkage        ? 
_citation.country                   US 
_citation.database_id_Medline       ? 
_citation.details                   ? 
_citation.id                        primary 
_citation.journal_abbrev            'Acs Med.Chem.Lett.' 
_citation.journal_id_ASTM           ? 
_citation.journal_id_CSD            ? 
_citation.journal_id_ISSN           1948-5875 
_citation.journal_full              ? 
_citation.journal_issue             ? 
_citation.journal_volume            11 
_citation.language                  ? 
_citation.page_first                1573 
_citation.page_last                 1580 
_citation.title                     'Hitting a Moving Target: Simulation and Crystallography Study of ATAD2 Bromodomain Blockers.' 
_citation.year                      2020 
_citation.database_id_CSD           ? 
_citation.pdbx_database_id_DOI      10.1021/acsmedchemlett.0c00080 
_citation.pdbx_database_id_PubMed   32832026 
_citation.unpublished_flag          ? 
# 
loop_
_citation_author.citation_id 
_citation_author.name 
_citation_author.ordinal 
_citation_author.identifier_ORCID 
primary 'Dolbois, A.'        1  ? 
primary 'Batiste, L.'        2  ? 
primary 'Wiedmer, L.'        3  ? 
primary 'Dong, J.'           4  ? 
primary 'Brutsch, M.'        5  ? 
primary 'Huang, D.'          6  ? 
primary 'Deerain, N.M.'      7  ? 
primary 'Spiliotopoulos, D.' 8  ? 
primary 'Cheng-Sanchez, I.'  9  ? 
primary 'Laul, E.'           10 ? 
primary 'Nevado, C.'         11 ? 
primary 'Sledz, P.'          12 ? 
primary 'Caflisch, A.'       13 ? 
# 
loop_
_entity.id 
_entity.type 
_entity.src_method 
_entity.pdbx_description 
_entity.formula_weight 
_entity.pdbx_number_of_molecules 
_entity.pdbx_ec 
_entity.pdbx_mutation 
_entity.pdbx_fragment 
_entity.details 
1 polymer     man 'ATPase family AAA domain-containing protein 2'                                              15453.514 1  
3.6.1.3 ? ? ? 
2 non-polymer syn 'SULFATE ION'                                                                                96.063    1  ? ? ? 
? 
3 non-polymer syn '(2~{R})-2-azanyl-~{N}-(4-oxidanylidene-6,7-dihydro-5~{H}-1,3-benzothiazol-2-yl)propanamide' 239.294   1  ? ? ? 
? 
4 water       nat water                                                                                        18.015    82 ? ? ? 
? 
# 
_entity_name_com.entity_id   1 
_entity_name_com.name        'AAA nuclear coregulator cancer-associated protein,ANCCA' 
# 
_entity_poly.entity_id                      1 
_entity_poly.type                           'polypeptide(L)' 
_entity_poly.nstd_linkage                   no 
_entity_poly.nstd_monomer                   no 
_entity_poly.pdbx_seq_one_letter_code       
;SMQEEDTFRELRIFLRNVTHRLAIDKRFRVFTKPVDPDEVPDYVTVIKQPMDLSSVISKIDLHKYLTVKDYLRDIDLICS
NALEYNPDRDPGDRLIRHRACALRDTAYAIIKEELDEDFEQLCEEIQESR
;
_entity_poly.pdbx_seq_one_letter_code_can   
;SMQEEDTFRELRIFLRNVTHRLAIDKRFRVFTKPVDPDEVPDYVTVIKQPMDLSSVISKIDLHKYLTVKDYLRDIDLICS
NALEYNPDRDPGDRLIRHRACALRDTAYAIIKEELDEDFEQLCEEIQESR
;
_entity_poly.pdbx_strand_id                 A 
_entity_poly.pdbx_target_identifier         ? 
# 
loop_
_pdbx_entity_nonpoly.entity_id 
_pdbx_entity_nonpoly.name 
_pdbx_entity_nonpoly.comp_id 
2 'SULFATE ION'                                                                                SO4 
3 '(2~{R})-2-azanyl-~{N}-(4-oxidanylidene-6,7-dihydro-5~{H}-1,3-benzothiazol-2-yl)propanamide' BQT 
4 water                                                                                        HOH 
# 
loop_
_entity_poly_seq.entity_id 
_entity_poly_seq.num 
_entity_poly_seq.mon_id 
_entity_poly_seq.hetero 
1 1   SER n 
1 2   MET n 
1 3   GLN n 
1 4   GLU n 
1 5   GLU n 
1 6   ASP n 
1 7   THR n 
1 8   PHE n 
1 9   ARG n 
1 10  GLU n 
1 11  LEU n 
1 12  ARG n 
1 13  ILE n 
1 14  PHE n 
1 15  LEU n 
1 16  ARG n 
1 17  ASN n 
1 18  VAL n 
1 19  THR n 
1 20  HIS n 
1 21  ARG n 
1 22  LEU n 
1 23  ALA n 
1 24  ILE n 
1 25  ASP n 
1 26  LYS n 
1 27  ARG n 
1 28  PHE n 
1 29  ARG n 
1 30  VAL n 
1 31  PHE n 
1 32  THR n 
1 33  LYS n 
1 34  PRO n 
1 35  VAL n 
1 36  ASP n 
1 37  PRO n 
1 38  ASP n 
1 39  GLU n 
1 40  VAL n 
1 41  PRO n 
1 42  ASP n 
1 43  TYR n 
1 44  VAL n 
1 45  THR n 
1 46  VAL n 
1 47  ILE n 
1 48  LYS n 
1 49  GLN n 
1 50  PRO n 
1 51  MET n 
1 52  ASP n 
1 53  LEU n 
1 54  SER n 
1 55  SER n 
1 56  VAL n 
1 57  ILE n 
1 58  SER n 
1 59  LYS n 
1 60  ILE n 
1 61  ASP n 
1 62  LEU n 
1 63  HIS n 
1 64  LYS n 
1 65  TYR n 
1 66  LEU n 
1 67  THR n 
1 68  VAL n 
1 69  LYS n 
1 70  ASP n 
1 71  TYR n 
1 72  LEU n 
1 73  ARG n 
1 74  ASP n 
1 75  ILE n 
1 76  ASP n 
1 77  LEU n 
1 78  ILE n 
1 79  CYS n 
1 80  SER n 
1 81  ASN n 
1 82  ALA n 
1 83  LEU n 
1 84  GLU n 
1 85  TYR n 
1 86  ASN n 
1 87  PRO n 
1 88  ASP n 
1 89  ARG n 
1 90  ASP n 
1 91  PRO n 
1 92  GLY n 
1 93  ASP n 
1 94  ARG n 
1 95  LEU n 
1 96  ILE n 
1 97  ARG n 
1 98  HIS n 
1 99  ARG n 
1 100 ALA n 
1 101 CYS n 
1 102 ALA n 
1 103 LEU n 
1 104 ARG n 
1 105 ASP n 
1 106 THR n 
1 107 ALA n 
1 108 TYR n 
1 109 ALA n 
1 110 ILE n 
1 111 ILE n 
1 112 LYS n 
1 113 GLU n 
1 114 GLU n 
1 115 LEU n 
1 116 ASP n 
1 117 GLU n 
1 118 ASP n 
1 119 PHE n 
1 120 GLU n 
1 121 GLN n 
1 122 LEU n 
1 123 CYS n 
1 124 GLU n 
1 125 GLU n 
1 126 ILE n 
1 127 GLN n 
1 128 GLU n 
1 129 SER n 
1 130 ARG n 
# 
_entity_src_gen.entity_id                          1 
_entity_src_gen.pdbx_src_id                        1 
_entity_src_gen.pdbx_alt_source_flag               sample 
_entity_src_gen.pdbx_seq_type                      'Biological sequence' 
_entity_src_gen.pdbx_beg_seq_num                   1 
_entity_src_gen.pdbx_end_seq_num                   130 
_entity_src_gen.gene_src_common_name               Human 
_entity_src_gen.gene_src_genus                     ? 
_entity_src_gen.pdbx_gene_src_gene                 'ATAD2, L16, PRO2000' 
_entity_src_gen.gene_src_species                   ? 
_entity_src_gen.gene_src_strain                    ? 
_entity_src_gen.gene_src_tissue                    ? 
_entity_src_gen.gene_src_tissue_fraction           ? 
_entity_src_gen.gene_src_details                   ? 
_entity_src_gen.pdbx_gene_src_fragment             ? 
_entity_src_gen.pdbx_gene_src_scientific_name      'Homo sapiens' 
_entity_src_gen.pdbx_gene_src_ncbi_taxonomy_id     9606 
_entity_src_gen.pdbx_gene_src_variant              ? 
_entity_src_gen.pdbx_gene_src_cell_line            ? 
_entity_src_gen.pdbx_gene_src_atcc                 ? 
_entity_src_gen.pdbx_gene_src_organ                ? 
_entity_src_gen.pdbx_gene_src_organelle            ? 
_entity_src_gen.pdbx_gene_src_cell                 ? 
_entity_src_gen.pdbx_gene_src_cellular_location    ? 
_entity_src_gen.host_org_common_name               ? 
_entity_src_gen.pdbx_host_org_scientific_name      'Escherichia coli' 
_entity_src_gen.pdbx_host_org_ncbi_taxonomy_id     562 
_entity_src_gen.host_org_genus                     ? 
_entity_src_gen.pdbx_host_org_gene                 ? 
_entity_src_gen.pdbx_host_org_organ                ? 
_entity_src_gen.host_org_species                   ? 
_entity_src_gen.pdbx_host_org_tissue               ? 
_entity_src_gen.pdbx_host_org_tissue_fraction      ? 
_entity_src_gen.pdbx_host_org_strain               ? 
_entity_src_gen.pdbx_host_org_variant              ? 
_entity_src_gen.pdbx_host_org_cell_line            ? 
_entity_src_gen.pdbx_host_org_atcc                 ? 
_entity_src_gen.pdbx_host_org_culture_collection   ? 
_entity_src_gen.pdbx_host_org_cell                 ? 
_entity_src_gen.pdbx_host_org_organelle            ? 
_entity_src_gen.pdbx_host_org_cellular_location    ? 
_entity_src_gen.pdbx_host_org_vector_type          ? 
_entity_src_gen.pdbx_host_org_vector               ? 
_entity_src_gen.host_org_details                   ? 
_entity_src_gen.expression_system_id               ? 
_entity_src_gen.plasmid_name                       ? 
_entity_src_gen.plasmid_details                    ? 
_entity_src_gen.pdbx_description                   ? 
# 
loop_
_chem_comp.id 
_chem_comp.type 
_chem_comp.mon_nstd_flag 
_chem_comp.name 
_chem_comp.pdbx_synonyms 
_chem_comp.formula 
_chem_comp.formula_weight 
ALA 'L-peptide linking' y ALANINE                                                                                      ? 
'C3 H7 N O2'      89.093  
ARG 'L-peptide linking' y ARGININE                                                                                     ? 
'C6 H15 N4 O2 1'  175.209 
ASN 'L-peptide linking' y ASPARAGINE                                                                                   ? 
'C4 H8 N2 O3'     132.118 
ASP 'L-peptide linking' y 'ASPARTIC ACID'                                                                              ? 
'C4 H7 N O4'      133.103 
BQT non-polymer         . '(2~{R})-2-azanyl-~{N}-(4-oxidanylidene-6,7-dihydro-5~{H}-1,3-benzothiazol-2-yl)propanamide' ? 
'C10 H13 N3 O2 S' 239.294 
CYS 'L-peptide linking' y CYSTEINE                                                                                     ? 
'C3 H7 N O2 S'    121.158 
GLN 'L-peptide linking' y GLUTAMINE                                                                                    ? 
'C5 H10 N2 O3'    146.144 
GLU 'L-peptide linking' y 'GLUTAMIC ACID'                                                                              ? 
'C5 H9 N O4'      147.129 
GLY 'peptide linking'   y GLYCINE                                                                                      ? 
'C2 H5 N O2'      75.067  
HIS 'L-peptide linking' y HISTIDINE                                                                                    ? 
'C6 H10 N3 O2 1'  156.162 
HOH non-polymer         . WATER                                                                                        ? 'H2 O' 
18.015  
ILE 'L-peptide linking' y ISOLEUCINE                                                                                   ? 
'C6 H13 N O2'     131.173 
LEU 'L-peptide linking' y LEUCINE                                                                                      ? 
'C6 H13 N O2'     131.173 
LYS 'L-peptide linking' y LYSINE                                                                                       ? 
'C6 H15 N2 O2 1'  147.195 
MET 'L-peptide linking' y METHIONINE                                                                                   ? 
'C5 H11 N O2 S'   149.211 
PHE 'L-peptide linking' y PHENYLALANINE                                                                                ? 
'C9 H11 N O2'     165.189 
PRO 'L-peptide linking' y PROLINE                                                                                      ? 
'C5 H9 N O2'      115.130 
SER 'L-peptide linking' y SERINE                                                                                       ? 
'C3 H7 N O3'      105.093 
SO4 non-polymer         . 'SULFATE ION'                                                                                ? 'O4 S -2' 
96.063  
THR 'L-peptide linking' y THREONINE                                                                                    ? 
'C4 H9 N O3'      119.119 
TYR 'L-peptide linking' y TYROSINE                                                                                     ? 
'C9 H11 N O3'     181.189 
VAL 'L-peptide linking' y VALINE                                                                                       ? 
'C5 H11 N O2'     117.146 
# 
loop_
_pdbx_poly_seq_scheme.asym_id 
_pdbx_poly_seq_scheme.entity_id 
_pdbx_poly_seq_scheme.seq_id 
_pdbx_poly_seq_scheme.mon_id 
_pdbx_poly_seq_scheme.ndb_seq_num 
_pdbx_poly_seq_scheme.pdb_seq_num 
_pdbx_poly_seq_scheme.auth_seq_num 
_pdbx_poly_seq_scheme.pdb_mon_id 
_pdbx_poly_seq_scheme.auth_mon_id 
_pdbx_poly_seq_scheme.pdb_strand_id 
_pdbx_poly_seq_scheme.pdb_ins_code 
_pdbx_poly_seq_scheme.hetero 
A 1 1   SER 1   979  979  SER SER A . n 
A 1 2   MET 2   980  980  MET MET A . n 
A 1 3   GLN 3   981  981  GLN GLN A . n 
A 1 4   GLU 4   982  982  GLU GLU A . n 
A 1 5   GLU 5   983  983  GLU GLU A . n 
A 1 6   ASP 6   984  984  ASP ASP A . n 
A 1 7   THR 7   985  985  THR THR A . n 
A 1 8   PHE 8   986  986  PHE PHE A . n 
A 1 9   ARG 9   987  987  ARG ARG A . n 
A 1 10  GLU 10  988  988  GLU GLU A . n 
A 1 11  LEU 11  989  989  LEU LEU A . n 
A 1 12  ARG 12  990  990  ARG ARG A . n 
A 1 13  ILE 13  991  991  ILE ILE A . n 
A 1 14  PHE 14  992  992  PHE PHE A . n 
A 1 15  LEU 15  993  993  LEU LEU A . n 
A 1 16  ARG 16  994  994  ARG ARG A . n 
A 1 17  ASN 17  995  995  ASN ASN A . n 
A 1 18  VAL 18  996  996  VAL VAL A . n 
A 1 19  THR 19  997  997  THR THR A . n 
A 1 20  HIS 20  998  998  HIS HIS A . n 
A 1 21  ARG 21  999  999  ARG ARG A . n 
A 1 22  LEU 22  1000 1000 LEU LEU A . n 
A 1 23  ALA 23  1001 1001 ALA ALA A . n 
A 1 24  ILE 24  1002 1002 ILE ILE A . n 
A 1 25  ASP 25  1003 1003 ASP ASP A . n 
A 1 26  LYS 26  1004 1004 LYS LYS A . n 
A 1 27  ARG 27  1005 1005 ARG ARG A . n 
A 1 28  PHE 28  1006 1006 PHE PHE A . n 
A 1 29  ARG 29  1007 1007 ARG ARG A . n 
A 1 30  VAL 30  1008 1008 VAL VAL A . n 
A 1 31  PHE 31  1009 1009 PHE PHE A . n 
A 1 32  THR 32  1010 1010 THR THR A . n 
A 1 33  LYS 33  1011 1011 LYS LYS A . n 
A 1 34  PRO 34  1012 1012 PRO PRO A . n 
A 1 35  VAL 35  1013 1013 VAL VAL A . n 
A 1 36  ASP 36  1014 1014 ASP ASP A . n 
A 1 37  PRO 37  1015 1015 PRO PRO A . n 
A 1 38  ASP 38  1016 1016 ASP ASP A . n 
A 1 39  GLU 39  1017 1017 GLU GLU A . n 
A 1 40  VAL 40  1018 1018 VAL VAL A . n 
A 1 41  PRO 41  1019 1019 PRO PRO A . n 
A 1 42  ASP 42  1020 1020 ASP ASP A . n 
A 1 43  TYR 43  1021 1021 TYR TYR A . n 
A 1 44  VAL 44  1022 1022 VAL VAL A . n 
A 1 45  THR 45  1023 1023 THR THR A . n 
A 1 46  VAL 46  1024 1024 VAL VAL A . n 
A 1 47  ILE 47  1025 1025 ILE ILE A . n 
A 1 48  LYS 48  1026 1026 LYS LYS A . n 
A 1 49  GLN 49  1027 1027 GLN GLN A . n 
A 1 50  PRO 50  1028 1028 PRO PRO A . n 
A 1 51  MET 51  1029 1029 MET MET A . n 
A 1 52  ASP 52  1030 1030 ASP ASP A . n 
A 1 53  LEU 53  1031 1031 LEU LEU A . n 
A 1 54  SER 54  1032 1032 SER SER A . n 
A 1 55  SER 55  1033 1033 SER SER A . n 
A 1 56  VAL 56  1034 1034 VAL VAL A . n 
A 1 57  ILE 57  1035 1035 ILE ILE A . n 
A 1 58  SER 58  1036 1036 SER SER A . n 
A 1 59  LYS 59  1037 1037 LYS LYS A . n 
A 1 60  ILE 60  1038 1038 ILE ILE A . n 
A 1 61  ASP 61  1039 1039 ASP ASP A . n 
A 1 62  LEU 62  1040 1040 LEU LEU A . n 
A 1 63  HIS 63  1041 1041 HIS HIS A . n 
A 1 64  LYS 64  1042 1042 LYS LYS A . n 
A 1 65  TYR 65  1043 1043 TYR TYR A . n 
A 1 66  LEU 66  1044 1044 LEU LEU A . n 
A 1 67  THR 67  1045 1045 THR THR A . n 
A 1 68  VAL 68  1046 1046 VAL VAL A . n 
A 1 69  LYS 69  1047 1047 LYS LYS A . n 
A 1 70  ASP 70  1048 1048 ASP ASP A . n 
A 1 71  TYR 71  1049 1049 TYR TYR A . n 
A 1 72  LEU 72  1050 1050 LEU LEU A . n 
A 1 73  ARG 73  1051 1051 ARG ARG A . n 
A 1 74  ASP 74  1052 1052 ASP ASP A . n 
A 1 75  ILE 75  1053 1053 ILE ILE A . n 
A 1 76  ASP 76  1054 1054 ASP ASP A . n 
A 1 77  LEU 77  1055 1055 LEU LEU A . n 
A 1 78  ILE 78  1056 1056 ILE ILE A . n 
A 1 79  CYS 79  1057 1057 CYS CYS A . n 
A 1 80  SER 80  1058 1058 SER SER A . n 
A 1 81  ASN 81  1059 1059 ASN ASN A . n 
A 1 82  ALA 82  1060 1060 ALA ALA A . n 
A 1 83  LEU 83  1061 1061 LEU LEU A . n 
A 1 84  GLU 84  1062 1062 GLU GLU A . n 
A 1 85  TYR 85  1063 1063 TYR TYR A . n 
A 1 86  ASN 86  1064 1064 ASN ASN A . n 
A 1 87  PRO 87  1065 1065 PRO PRO A . n 
A 1 88  ASP 88  1066 1066 ASP ASP A . n 
A 1 89  ARG 89  1067 1067 ARG ARG A . n 
A 1 90  ASP 90  1068 1068 ASP ASP A . n 
A 1 91  PRO 91  1069 1069 PRO PRO A . n 
A 1 92  GLY 92  1070 1070 GLY GLY A . n 
A 1 93  ASP 93  1071 1071 ASP ASP A . n 
A 1 94  ARG 94  1072 1072 ARG ARG A . n 
A 1 95  LEU 95  1073 1073 LEU LEU A . n 
A 1 96  ILE 96  1074 1074 ILE ILE A . n 
A 1 97  ARG 97  1075 1075 ARG ARG A . n 
A 1 98  HIS 98  1076 1076 HIS HIS A . n 
A 1 99  ARG 99  1077 1077 ARG ARG A . n 
A 1 100 ALA 100 1078 1078 ALA ALA A . n 
A 1 101 CYS 101 1079 1079 CYS CYS A . n 
A 1 102 ALA 102 1080 1080 ALA ALA A . n 
A 1 103 LEU 103 1081 1081 LEU LEU A . n 
A 1 104 ARG 104 1082 1082 ARG ARG A . n 
A 1 105 ASP 105 1083 1083 ASP ASP A . n 
A 1 106 THR 106 1084 1084 THR THR A . n 
A 1 107 ALA 107 1085 1085 ALA ALA A . n 
A 1 108 TYR 108 1086 1086 TYR TYR A . n 
A 1 109 ALA 109 1087 1087 ALA ALA A . n 
A 1 110 ILE 110 1088 1088 ILE ILE A . n 
A 1 111 ILE 111 1089 1089 ILE ILE A . n 
A 1 112 LYS 112 1090 1090 LYS LYS A . n 
A 1 113 GLU 113 1091 1091 GLU GLU A . n 
A 1 114 GLU 114 1092 1092 GLU GLU A . n 
A 1 115 LEU 115 1093 1093 LEU LEU A . n 
A 1 116 ASP 116 1094 1094 ASP ASP A . n 
A 1 117 GLU 117 1095 1095 GLU GLU A . n 
A 1 118 ASP 118 1096 1096 ASP ASP A . n 
A 1 119 PHE 119 1097 1097 PHE PHE A . n 
A 1 120 GLU 120 1098 1098 GLU GLU A . n 
A 1 121 GLN 121 1099 1099 GLN GLN A . n 
A 1 122 LEU 122 1100 1100 LEU LEU A . n 
A 1 123 CYS 123 1101 1101 CYS CYS A . n 
A 1 124 GLU 124 1102 1102 GLU GLU A . n 
A 1 125 GLU 125 1103 1103 GLU GLU A . n 
A 1 126 ILE 126 1104 1104 ILE ILE A . n 
A 1 127 GLN 127 1105 1105 GLN GLN A . n 
A 1 128 GLU 128 1106 1106 GLU GLU A . n 
A 1 129 SER 129 1107 1107 SER SER A . n 
A 1 130 ARG 130 1108 1108 ARG ARG A . n 
# 
loop_
_pdbx_nonpoly_scheme.asym_id 
_pdbx_nonpoly_scheme.entity_id 
_pdbx_nonpoly_scheme.mon_id 
_pdbx_nonpoly_scheme.ndb_seq_num 
_pdbx_nonpoly_scheme.pdb_seq_num 
_pdbx_nonpoly_scheme.auth_seq_num 
_pdbx_nonpoly_scheme.pdb_mon_id 
_pdbx_nonpoly_scheme.auth_mon_id 
_pdbx_nonpoly_scheme.pdb_strand_id 
_pdbx_nonpoly_scheme.pdb_ins_code 
B 2 SO4 1  1201 1  SO4 SO4 A . 
C 3 BQT 1  1202 1  BQT DRG A . 
D 4 HOH 1  1301 46 HOH HOH A . 
D 4 HOH 2  1302 65 HOH HOH A . 
D 4 HOH 3  1303 16 HOH HOH A . 
D 4 HOH 4  1304 14 HOH HOH A . 
D 4 HOH 5  1305 31 HOH HOH A . 
D 4 HOH 6  1306 28 HOH HOH A . 
D 4 HOH 7  1307 78 HOH HOH A . 
D 4 HOH 8  1308 27 HOH HOH A . 
D 4 HOH 9  1309 58 HOH HOH A . 
D 4 HOH 10 1310 43 HOH HOH A . 
D 4 HOH 11 1311 34 HOH HOH A . 
D 4 HOH 12 1312 29 HOH HOH A . 
D 4 HOH 13 1313 19 HOH HOH A . 
D 4 HOH 14 1314 15 HOH HOH A . 
D 4 HOH 15 1315 4  HOH HOH A . 
D 4 HOH 16 1316 44 HOH HOH A . 
D 4 HOH 17 1317 10 HOH HOH A . 
D 4 HOH 18 1318 69 HOH HOH A . 
D 4 HOH 19 1319 17 HOH HOH A . 
D 4 HOH 20 1320 47 HOH HOH A . 
D 4 HOH 21 1321 1  HOH HOH A . 
D 4 HOH 22 1322 45 HOH HOH A . 
D 4 HOH 23 1323 25 HOH HOH A . 
D 4 HOH 24 1324 61 HOH HOH A . 
D 4 HOH 25 1325 6  HOH HOH A . 
D 4 HOH 26 1326 3  HOH HOH A . 
D 4 HOH 27 1327 48 HOH HOH A . 
D 4 HOH 28 1328 13 HOH HOH A . 
D 4 HOH 29 1329 32 HOH HOH A . 
D 4 HOH 30 1330 52 HOH HOH A . 
D 4 HOH 31 1331 63 HOH HOH A . 
D 4 HOH 32 1332 20 HOH HOH A . 
D 4 HOH 33 1333 41 HOH HOH A . 
D 4 HOH 34 1334 81 HOH HOH A . 
D 4 HOH 35 1335 59 HOH HOH A . 
D 4 HOH 36 1336 57 HOH HOH A . 
D 4 HOH 37 1337 54 HOH HOH A . 
D 4 HOH 38 1338 51 HOH HOH A . 
D 4 HOH 39 1339 24 HOH HOH A . 
D 4 HOH 40 1340 12 HOH HOH A . 
D 4 HOH 41 1341 50 HOH HOH A . 
D 4 HOH 42 1342 22 HOH HOH A . 
D 4 HOH 43 1343 73 HOH HOH A . 
D 4 HOH 44 1344 21 HOH HOH A . 
D 4 HOH 45 1345 62 HOH HOH A . 
D 4 HOH 46 1346 42 HOH HOH A . 
D 4 HOH 47 1347 9  HOH HOH A . 
D 4 HOH 48 1348 26 HOH HOH A . 
D 4 HOH 49 1349 8  HOH HOH A . 
D 4 HOH 50 1350 56 HOH HOH A . 
D 4 HOH 51 1351 2  HOH HOH A . 
D 4 HOH 52 1352 39 HOH HOH A . 
D 4 HOH 53 1353 18 HOH HOH A . 
D 4 HOH 54 1354 30 HOH HOH A . 
D 4 HOH 55 1355 60 HOH HOH A . 
D 4 HOH 56 1356 40 HOH HOH A . 
D 4 HOH 57 1357 70 HOH HOH A . 
D 4 HOH 58 1358 36 HOH HOH A . 
D 4 HOH 59 1359 11 HOH HOH A . 
D 4 HOH 60 1360 7  HOH HOH A . 
D 4 HOH 61 1361 72 HOH HOH A . 
D 4 HOH 62 1362 5  HOH HOH A . 
D 4 HOH 63 1363 38 HOH HOH A . 
D 4 HOH 64 1364 71 HOH HOH A . 
D 4 HOH 65 1365 82 HOH HOH A . 
D 4 HOH 66 1366 55 HOH HOH A . 
D 4 HOH 67 1367 23 HOH HOH A . 
D 4 HOH 68 1368 64 HOH HOH A . 
D 4 HOH 69 1369 35 HOH HOH A . 
D 4 HOH 70 1370 75 HOH HOH A . 
D 4 HOH 71 1371 33 HOH HOH A . 
D 4 HOH 72 1372 53 HOH HOH A . 
D 4 HOH 73 1373 68 HOH HOH A . 
D 4 HOH 74 1374 80 HOH HOH A . 
D 4 HOH 75 1375 66 HOH HOH A . 
D 4 HOH 76 1376 74 HOH HOH A . 
D 4 HOH 77 1377 77 HOH HOH A . 
D 4 HOH 78 1378 76 HOH HOH A . 
D 4 HOH 79 1379 49 HOH HOH A . 
D 4 HOH 80 1380 67 HOH HOH A . 
D 4 HOH 81 1381 79 HOH HOH A . 
D 4 HOH 82 1382 37 HOH HOH A . 
# 
loop_
_pdbx_unobs_or_zero_occ_atoms.id 
_pdbx_unobs_or_zero_occ_atoms.PDB_model_num 
_pdbx_unobs_or_zero_occ_atoms.polymer_flag 
_pdbx_unobs_or_zero_occ_atoms.occupancy_flag 
_pdbx_unobs_or_zero_occ_atoms.auth_asym_id 
_pdbx_unobs_or_zero_occ_atoms.auth_comp_id 
_pdbx_unobs_or_zero_occ_atoms.auth_seq_id 
_pdbx_unobs_or_zero_occ_atoms.PDB_ins_code 
_pdbx_unobs_or_zero_occ_atoms.auth_atom_id 
_pdbx_unobs_or_zero_occ_atoms.label_alt_id 
_pdbx_unobs_or_zero_occ_atoms.label_asym_id 
_pdbx_unobs_or_zero_occ_atoms.label_comp_id 
_pdbx_unobs_or_zero_occ_atoms.label_seq_id 
_pdbx_unobs_or_zero_occ_atoms.label_atom_id 
1 1 Y 1 A MET 980  ? CG ? A MET 2  CG 
2 1 Y 1 A MET 980  ? SD ? A MET 2  SD 
3 1 Y 1 A MET 980  ? CE ? A MET 2  CE 
4 1 Y 1 A LYS 1004 ? CG ? A LYS 26 CG 
5 1 Y 1 A LYS 1004 ? CD ? A LYS 26 CD 
6 1 Y 1 A LYS 1004 ? CE ? A LYS 26 CE 
7 1 Y 1 A LYS 1004 ? NZ ? A LYS 26 NZ 
# 
loop_
_software.citation_id 
_software.classification 
_software.compiler_name 
_software.compiler_version 
_software.contact_author 
_software.contact_author_email 
_software.date 
_software.description 
_software.dependencies 
_software.hardware 
_software.language 
_software.location 
_software.mods 
_software.name 
_software.os 
_software.os_version 
_software.type 
_software.version 
_software.pdbx_ordinal 
? refinement       ? ? ? ? ? ? ? ? ? ? ? PHENIX ? ? ? '(1.12_2829: ???)' 1 
? 'data reduction' ? ? ? ? ? ? ? ? ? ? ? XDS    ? ? ? .                  2 
? phasing          ? ? ? ? ? ? ? ? ? ? ? PHASER ? ? ? .                  3 
? 'data scaling'   ? ? ? ? ? ? ? ? ? ? ? XDS    ? ? ? .                  4 
# 
_cell.angle_alpha                  90.00 
_cell.angle_alpha_esd              ? 
_cell.angle_beta                   90.00 
_cell.angle_beta_esd               ? 
_cell.angle_gamma                  120.00 
_cell.angle_gamma_esd              ? 
_cell.entry_id                     6EPV 
_cell.details                      ? 
_cell.formula_units_Z              ? 
_cell.length_a                     79.482 
_cell.length_a_esd                 ? 
_cell.length_b                     79.482 
_cell.length_b_esd                 ? 
_cell.length_c                     138.006 
_cell.length_c_esd                 ? 
_cell.volume                       ? 
_cell.volume_esd                   ? 
_cell.Z_PDB                        12 
_cell.reciprocal_angle_alpha       ? 
_cell.reciprocal_angle_beta        ? 
_cell.reciprocal_angle_gamma       ? 
_cell.reciprocal_angle_alpha_esd   ? 
_cell.reciprocal_angle_beta_esd    ? 
_cell.reciprocal_angle_gamma_esd   ? 
_cell.reciprocal_length_a          ? 
_cell.reciprocal_length_b          ? 
_cell.reciprocal_length_c          ? 
_cell.reciprocal_length_a_esd      ? 
_cell.reciprocal_length_b_esd      ? 
_cell.reciprocal_length_c_esd      ? 
_cell.pdbx_unique_axis             ? 
# 
_symmetry.entry_id                         6EPV 
_symmetry.cell_setting                     ? 
_symmetry.Int_Tables_number                179 
_symmetry.space_group_name_Hall            ? 
_symmetry.space_group_name_H-M             'P 65 2 2' 
_symmetry.pdbx_full_space_group_name_H-M   ? 
# 
_exptl.absorpt_coefficient_mu     ? 
_exptl.absorpt_correction_T_max   ? 
_exptl.absorpt_correction_T_min   ? 
_exptl.absorpt_correction_type    ? 
_exptl.absorpt_process_details    ? 
_exptl.entry_id                   6EPV 
_exptl.crystals_number            1 
_exptl.details                    ? 
_exptl.method                     'X-RAY DIFFRACTION' 
_exptl.method_details             ? 
# 
_exptl_crystal.colour                      ? 
_exptl_crystal.density_diffrn              ? 
_exptl_crystal.density_Matthews            4.07 
_exptl_crystal.density_method              ? 
_exptl_crystal.density_percent_sol         69.79 
_exptl_crystal.description                 ? 
_exptl_crystal.F_000                       ? 
_exptl_crystal.id                          1 
_exptl_crystal.preparation                 ? 
_exptl_crystal.size_max                    ? 
_exptl_crystal.size_mid                    ? 
_exptl_crystal.size_min                    ? 
_exptl_crystal.size_rad                    ? 
_exptl_crystal.colour_lustre               ? 
_exptl_crystal.colour_modifier             ? 
_exptl_crystal.colour_primary              ? 
_exptl_crystal.density_meas                ? 
_exptl_crystal.density_meas_esd            ? 
_exptl_crystal.density_meas_gt             ? 
_exptl_crystal.density_meas_lt             ? 
_exptl_crystal.density_meas_temp           ? 
_exptl_crystal.density_meas_temp_esd       ? 
_exptl_crystal.density_meas_temp_gt        ? 
_exptl_crystal.density_meas_temp_lt        ? 
_exptl_crystal.pdbx_crystal_image_url      ? 
_exptl_crystal.pdbx_crystal_image_format   ? 
_exptl_crystal.pdbx_mosaicity              ? 
_exptl_crystal.pdbx_mosaicity_esd          ? 
# 
_exptl_crystal_grow.apparatus       ? 
_exptl_crystal_grow.atmosphere      ? 
_exptl_crystal_grow.crystal_id      1 
_exptl_crystal_grow.details         ? 
_exptl_crystal_grow.method          'VAPOR DIFFUSION, HANGING DROP' 
_exptl_crystal_grow.method_ref      ? 
_exptl_crystal_grow.pH              ? 
_exptl_crystal_grow.pressure        ? 
_exptl_crystal_grow.pressure_esd    ? 
_exptl_crystal_grow.seeding         ? 
_exptl_crystal_grow.seeding_ref     ? 
_exptl_crystal_grow.temp            277 
_exptl_crystal_grow.temp_details    ? 
_exptl_crystal_grow.temp_esd        ? 
_exptl_crystal_grow.time            ? 
_exptl_crystal_grow.pdbx_details    '2M ammonium sulfate, 0.1M Bis-Tris pH 5.5' 
_exptl_crystal_grow.pdbx_pH_range   ? 
# 
_diffrn.ambient_environment    ? 
_diffrn.ambient_temp           100 
_diffrn.ambient_temp_details   ? 
_diffrn.ambient_temp_esd       ? 
_diffrn.crystal_id             1 
_diffrn.crystal_support        ? 
_diffrn.crystal_treatment      ? 
_diffrn.details                ? 
_diffrn.id                     1 
_diffrn.ambient_pressure       ? 
_diffrn.ambient_pressure_esd   ? 
_diffrn.ambient_pressure_gt    ? 
_diffrn.ambient_pressure_lt    ? 
_diffrn.ambient_temp_gt        ? 
_diffrn.ambient_temp_lt        ? 
# 
_diffrn_detector.details                      ? 
_diffrn_detector.detector                     PIXEL 
_diffrn_detector.diffrn_id                    1 
_diffrn_detector.type                         'DECTRIS EIGER X 16M' 
_diffrn_detector.area_resol_mean              ? 
_diffrn_detector.dtime                        ? 
_diffrn_detector.pdbx_frames_total            ? 
_diffrn_detector.pdbx_collection_time_total   ? 
_diffrn_detector.pdbx_collection_date         2017-07-25 
# 
_diffrn_radiation.collimation                      ? 
_diffrn_radiation.diffrn_id                        1 
_diffrn_radiation.filter_edge                      ? 
_diffrn_radiation.inhomogeneity                    ? 
_diffrn_radiation.monochromator                    ? 
_diffrn_radiation.polarisn_norm                    ? 
_diffrn_radiation.polarisn_ratio                   ? 
_diffrn_radiation.probe                            ? 
_diffrn_radiation.type                             ? 
_diffrn_radiation.xray_symbol                      ? 
_diffrn_radiation.wavelength_id                    1 
_diffrn_radiation.pdbx_monochromatic_or_laue_m_l   M 
_diffrn_radiation.pdbx_wavelength_list             ? 
_diffrn_radiation.pdbx_wavelength                  ? 
_diffrn_radiation.pdbx_diffrn_protocol             'SINGLE WAVELENGTH' 
_diffrn_radiation.pdbx_analyzer                    ? 
_diffrn_radiation.pdbx_scattering_type             x-ray 
# 
_diffrn_radiation_wavelength.id           1 
_diffrn_radiation_wavelength.wavelength   0.999870 
_diffrn_radiation_wavelength.wt           1.0 
# 
_diffrn_source.current                     ? 
_diffrn_source.details                     ? 
_diffrn_source.diffrn_id                   1 
_diffrn_source.power                       ? 
_diffrn_source.size                        ? 
_diffrn_source.source                      SYNCHROTRON 
_diffrn_source.target                      ? 
_diffrn_source.type                        'SLS BEAMLINE X06SA' 
_diffrn_source.voltage                     ? 
_diffrn_source.take-off_angle              ? 
_diffrn_source.pdbx_wavelength_list        0.999870 
_diffrn_source.pdbx_wavelength             ? 
_diffrn_source.pdbx_synchrotron_beamline   X06SA 
_diffrn_source.pdbx_synchrotron_site       SLS 
# 
_reflns.B_iso_Wilson_estimate            ? 
_reflns.entry_id                         6EPV 
_reflns.data_reduction_details           ? 
_reflns.data_reduction_method            ? 
_reflns.d_resolution_high                1.79 
_reflns.d_resolution_low                 48.732 
_reflns.details                          ? 
_reflns.limit_h_max                      ? 
_reflns.limit_h_min                      ? 
_reflns.limit_k_max                      ? 
_reflns.limit_k_min                      ? 
_reflns.limit_l_max                      ? 
_reflns.limit_l_min                      ? 
_reflns.number_all                       ? 
_reflns.number_obs                       45731 
_reflns.observed_criterion               ? 
_reflns.observed_criterion_F_max         ? 
_reflns.observed_criterion_F_min         ? 
_reflns.observed_criterion_I_max         ? 
_reflns.observed_criterion_I_min         ? 
_reflns.observed_criterion_sigma_F       ? 
_reflns.observed_criterion_sigma_I       ? 
_reflns.percent_possible_obs             99.8 
_reflns.R_free_details                   ? 
_reflns.Rmerge_F_all                     ? 
_reflns.Rmerge_F_obs                     ? 
_reflns.Friedel_coverage                 ? 
_reflns.number_gt                        ? 
_reflns.threshold_expression             ? 
_reflns.pdbx_redundancy                  5.85 
_reflns.pdbx_Rmerge_I_obs                ? 
_reflns.pdbx_Rmerge_I_all                ? 
_reflns.pdbx_Rsym_value                  ? 
_reflns.pdbx_netI_over_av_sigmaI         ? 
_reflns.pdbx_netI_over_sigmaI            19.4 
_reflns.pdbx_res_netI_over_av_sigmaI_2   ? 
_reflns.pdbx_res_netI_over_sigmaI_2      ? 
_reflns.pdbx_chi_squared                 ? 
_reflns.pdbx_scaling_rejects             ? 
_reflns.pdbx_d_res_high_opt              ? 
_reflns.pdbx_d_res_low_opt               ? 
_reflns.pdbx_d_res_opt_method            ? 
_reflns.phase_calculation_details        ? 
_reflns.pdbx_Rrim_I_all                  0.049 
_reflns.pdbx_Rpim_I_all                  ? 
_reflns.pdbx_d_opt                       ? 
_reflns.pdbx_number_measured_all         ? 
_reflns.pdbx_diffrn_id                   1 
_reflns.pdbx_ordinal                     1 
_reflns.pdbx_CC_half                     0.999 
_reflns.pdbx_R_split                     ? 
# 
_reflns_shell.d_res_high                  1.79 
_reflns_shell.d_res_low                   1.90 
_reflns_shell.meanI_over_sigI_all         ? 
_reflns_shell.meanI_over_sigI_obs         1.76 
_reflns_shell.number_measured_all         ? 
_reflns_shell.number_measured_obs         ? 
_reflns_shell.number_possible             ? 
_reflns_shell.number_unique_all           ? 
_reflns_shell.number_unique_obs           7320 
_reflns_shell.percent_possible_all        99.1 
_reflns_shell.percent_possible_obs        ? 
_reflns_shell.Rmerge_F_all                ? 
_reflns_shell.Rmerge_F_obs                ? 
_reflns_shell.Rmerge_I_all                ? 
_reflns_shell.Rmerge_I_obs                ? 
_reflns_shell.meanI_over_sigI_gt          ? 
_reflns_shell.meanI_over_uI_all           ? 
_reflns_shell.meanI_over_uI_gt            ? 
_reflns_shell.number_measured_gt          ? 
_reflns_shell.number_unique_gt            ? 
_reflns_shell.percent_possible_gt         ? 
_reflns_shell.Rmerge_F_gt                 ? 
_reflns_shell.Rmerge_I_gt                 ? 
_reflns_shell.pdbx_redundancy             5.71 
_reflns_shell.pdbx_Rsym_value             ? 
_reflns_shell.pdbx_chi_squared            ? 
_reflns_shell.pdbx_netI_over_sigmaI_all   ? 
_reflns_shell.pdbx_netI_over_sigmaI_obs   ? 
_reflns_shell.pdbx_Rrim_I_all             .961 
_reflns_shell.pdbx_Rpim_I_all             ? 
_reflns_shell.pdbx_rejects                ? 
_reflns_shell.pdbx_ordinal                1 
_reflns_shell.pdbx_diffrn_id              1 
_reflns_shell.pdbx_CC_half                .734 
_reflns_shell.pdbx_R_split                ? 
# 
_refine.aniso_B[1][1]                            ? 
_refine.aniso_B[1][2]                            ? 
_refine.aniso_B[1][3]                            ? 
_refine.aniso_B[2][2]                            ? 
_refine.aniso_B[2][3]                            ? 
_refine.aniso_B[3][3]                            ? 
_refine.B_iso_max                                ? 
_refine.B_iso_mean                               ? 
_refine.B_iso_min                                ? 
_refine.correlation_coeff_Fo_to_Fc               ? 
_refine.correlation_coeff_Fo_to_Fc_free          ? 
_refine.details                                  ? 
_refine.diff_density_max                         ? 
_refine.diff_density_max_esd                     ? 
_refine.diff_density_min                         ? 
_refine.diff_density_min_esd                     ? 
_refine.diff_density_rms                         ? 
_refine.diff_density_rms_esd                     ? 
_refine.entry_id                                 6EPV 
_refine.pdbx_refine_id                           'X-RAY DIFFRACTION' 
_refine.ls_abs_structure_details                 ? 
_refine.ls_abs_structure_Flack                   ? 
_refine.ls_abs_structure_Flack_esd               ? 
_refine.ls_abs_structure_Rogers                  ? 
_refine.ls_abs_structure_Rogers_esd              ? 
_refine.ls_d_res_high                            1.793 
_refine.ls_d_res_low                             48.732 
_refine.ls_extinction_coef                       ? 
_refine.ls_extinction_coef_esd                   ? 
_refine.ls_extinction_expression                 ? 
_refine.ls_extinction_method                     ? 
_refine.ls_goodness_of_fit_all                   ? 
_refine.ls_goodness_of_fit_all_esd               ? 
_refine.ls_goodness_of_fit_obs                   ? 
_refine.ls_goodness_of_fit_obs_esd               ? 
_refine.ls_hydrogen_treatment                    ? 
_refine.ls_matrix_type                           ? 
_refine.ls_number_constraints                    ? 
_refine.ls_number_parameters                     ? 
_refine.ls_number_reflns_all                     ? 
_refine.ls_number_reflns_obs                     45673 
_refine.ls_number_reflns_R_free                  2293 
_refine.ls_number_reflns_R_work                  ? 
_refine.ls_number_restraints                     ? 
_refine.ls_percent_reflns_obs                    99.83 
_refine.ls_percent_reflns_R_free                 5.02 
_refine.ls_R_factor_all                          ? 
_refine.ls_R_factor_obs                          0.2105 
_refine.ls_R_factor_R_free                       0.2174 
_refine.ls_R_factor_R_free_error                 ? 
_refine.ls_R_factor_R_free_error_details         ? 
_refine.ls_R_factor_R_work                       0.2101 
_refine.ls_R_Fsqd_factor_obs                     ? 
_refine.ls_R_I_factor_obs                        ? 
_refine.ls_redundancy_reflns_all                 ? 
_refine.ls_redundancy_reflns_obs                 ? 
_refine.ls_restrained_S_all                      ? 
_refine.ls_restrained_S_obs                      ? 
_refine.ls_shift_over_esd_max                    ? 
_refine.ls_shift_over_esd_mean                   ? 
_refine.ls_structure_factor_coef                 ? 
_refine.ls_weighting_details                     ? 
_refine.ls_weighting_scheme                      ? 
_refine.ls_wR_factor_all                         ? 
_refine.ls_wR_factor_obs                         ? 
_refine.ls_wR_factor_R_free                      ? 
_refine.ls_wR_factor_R_work                      ? 
_refine.occupancy_max                            ? 
_refine.occupancy_min                            ? 
_refine.solvent_model_details                    ? 
_refine.solvent_model_param_bsol                 ? 
_refine.solvent_model_param_ksol                 ? 
_refine.ls_R_factor_gt                           ? 
_refine.ls_goodness_of_fit_gt                    ? 
_refine.ls_goodness_of_fit_ref                   ? 
_refine.ls_shift_over_su_max                     ? 
_refine.ls_shift_over_su_max_lt                  ? 
_refine.ls_shift_over_su_mean                    ? 
_refine.ls_shift_over_su_mean_lt                 ? 
_refine.pdbx_ls_sigma_I                          ? 
_refine.pdbx_ls_sigma_F                          1.36 
_refine.pdbx_ls_sigma_Fsqd                       ? 
_refine.pdbx_data_cutoff_high_absF               ? 
_refine.pdbx_data_cutoff_high_rms_absF           ? 
_refine.pdbx_data_cutoff_low_absF                ? 
_refine.pdbx_isotropic_thermal_model             ? 
_refine.pdbx_ls_cross_valid_method               'FREE R-VALUE' 
_refine.pdbx_method_to_determine_struct          'MOLECULAR REPLACEMENT' 
_refine.pdbx_starting_model                      ? 
_refine.pdbx_stereochemistry_target_values       ? 
_refine.pdbx_R_Free_selection_details            ? 
_refine.pdbx_stereochem_target_val_spec_case     ? 
_refine.pdbx_overall_ESU_R                       ? 
_refine.pdbx_overall_ESU_R_Free                  ? 
_refine.pdbx_solvent_vdw_probe_radii             1.11 
_refine.pdbx_solvent_ion_probe_radii             ? 
_refine.pdbx_solvent_shrinkage_radii             0.90 
_refine.pdbx_real_space_R                        ? 
_refine.pdbx_density_correlation                 ? 
_refine.pdbx_pd_number_of_powder_patterns        ? 
_refine.pdbx_pd_number_of_points                 ? 
_refine.pdbx_pd_meas_number_of_points            ? 
_refine.pdbx_pd_proc_ls_prof_R_factor            ? 
_refine.pdbx_pd_proc_ls_prof_wR_factor           ? 
_refine.pdbx_pd_Marquardt_correlation_coeff      ? 
_refine.pdbx_pd_Fsqrd_R_factor                   ? 
_refine.pdbx_pd_ls_matrix_band_width             ? 
_refine.pdbx_overall_phase_error                 23.88 
_refine.pdbx_overall_SU_R_free_Cruickshank_DPI   ? 
_refine.pdbx_overall_SU_R_free_Blow_DPI          ? 
_refine.pdbx_overall_SU_R_Blow_DPI               ? 
_refine.pdbx_TLS_residual_ADP_flag               ? 
_refine.pdbx_diffrn_id                           1 
_refine.overall_SU_B                             ? 
_refine.overall_SU_ML                            0.30 
_refine.overall_SU_R_Cruickshank_DPI             ? 
_refine.overall_SU_R_free                        ? 
_refine.overall_FOM_free_R_set                   ? 
_refine.overall_FOM_work_R_set                   ? 
_refine.pdbx_average_fsc_overall                 ? 
_refine.pdbx_average_fsc_work                    ? 
_refine.pdbx_average_fsc_free                    ? 
# 
_refine_hist.pdbx_refine_id                   'X-RAY DIFFRACTION' 
_refine_hist.cycle_id                         LAST 
_refine_hist.pdbx_number_atoms_protein        1077 
_refine_hist.pdbx_number_atoms_nucleic_acid   0 
_refine_hist.pdbx_number_atoms_ligand         21 
_refine_hist.number_atoms_solvent             82 
_refine_hist.number_atoms_total               1180 
_refine_hist.d_res_high                       1.793 
_refine_hist.d_res_low                        48.732 
# 
loop_
_refine_ls_restr.pdbx_refine_id 
_refine_ls_restr.criterion 
_refine_ls_restr.dev_ideal 
_refine_ls_restr.dev_ideal_target 
_refine_ls_restr.number 
_refine_ls_restr.rejects 
_refine_ls_restr.type 
_refine_ls_restr.weight 
_refine_ls_restr.pdbx_restraint_function 
'X-RAY DIFFRACTION' ? 0.007 ? 1118 ? f_bond_d           ? ? 
'X-RAY DIFFRACTION' ? 0.927 ? 1515 ? f_angle_d          ? ? 
'X-RAY DIFFRACTION' ? 8.320 ? 986  ? f_dihedral_angle_d ? ? 
'X-RAY DIFFRACTION' ? 0.043 ? 169  ? f_chiral_restr     ? ? 
'X-RAY DIFFRACTION' ? 0.004 ? 200  ? f_plane_restr      ? ? 
# 
loop_
_refine_ls_shell.pdbx_refine_id 
_refine_ls_shell.d_res_high 
_refine_ls_shell.d_res_low 
_refine_ls_shell.number_reflns_all 
_refine_ls_shell.number_reflns_obs 
_refine_ls_shell.number_reflns_R_free 
_refine_ls_shell.number_reflns_R_work 
_refine_ls_shell.percent_reflns_obs 
_refine_ls_shell.percent_reflns_R_free 
_refine_ls_shell.R_factor_all 
_refine_ls_shell.R_factor_obs 
_refine_ls_shell.R_factor_R_free 
_refine_ls_shell.R_factor_R_free_error 
_refine_ls_shell.R_factor_R_work 
_refine_ls_shell.redundancy_reflns_all 
_refine_ls_shell.redundancy_reflns_obs 
_refine_ls_shell.wR_factor_all 
_refine_ls_shell.wR_factor_obs 
_refine_ls_shell.wR_factor_R_free 
_refine_ls_shell.wR_factor_R_work 
_refine_ls_shell.pdbx_total_number_of_bins_used 
_refine_ls_shell.pdbx_phase_error 
_refine_ls_shell.pdbx_fsc_work 
_refine_ls_shell.pdbx_fsc_free 
'X-RAY DIFFRACTION' 1.7931 1.8321  . . 142 2651 97.00  . . . 0.4040 . 0.3742 . . . . . . . . . . 
'X-RAY DIFFRACTION' 1.8321 1.8747  . . 139 2720 100.00 . . . 0.4138 . 0.3376 . . . . . . . . . . 
'X-RAY DIFFRACTION' 1.8747 1.9216  . . 146 2698 100.00 . . . 0.3507 . 0.2937 . . . . . . . . . . 
'X-RAY DIFFRACTION' 1.9216 1.9736  . . 141 2719 100.00 . . . 0.3941 . 0.2575 . . . . . . . . . . 
'X-RAY DIFFRACTION' 1.9736 2.0316  . . 143 2722 100.00 . . . 0.2705 . 0.2433 . . . . . . . . . . 
'X-RAY DIFFRACTION' 2.0316 2.0972  . . 141 2736 100.00 . . . 0.2211 . 0.2310 . . . . . . . . . . 
'X-RAY DIFFRACTION' 2.0972 2.1722  . . 142 2696 100.00 . . . 0.2579 . 0.2230 . . . . . . . . . . 
'X-RAY DIFFRACTION' 2.1722 2.2592  . . 145 2718 100.00 . . . 0.2501 . 0.2283 . . . . . . . . . . 
'X-RAY DIFFRACTION' 2.2592 2.3620  . . 141 2696 100.00 . . . 0.2153 . 0.2234 . . . . . . . . . . 
'X-RAY DIFFRACTION' 2.3620 2.4865  . . 142 2748 100.00 . . . 0.2785 . 0.2242 . . . . . . . . . . 
'X-RAY DIFFRACTION' 2.4865 2.6423  . . 149 2704 100.00 . . . 0.2430 . 0.2316 . . . . . . . . . . 
'X-RAY DIFFRACTION' 2.6423 2.8463  . . 146 2714 100.00 . . . 0.2388 . 0.2320 . . . . . . . . . . 
'X-RAY DIFFRACTION' 2.8463 3.1326  . . 142 2709 100.00 . . . 0.2527 . 0.2326 . . . . . . . . . . 
'X-RAY DIFFRACTION' 3.1326 3.5858  . . 147 2705 100.00 . . . 0.2124 . 0.2103 . . . . . . . . . . 
'X-RAY DIFFRACTION' 3.5858 4.5173  . . 145 2710 100.00 . . . 0.1508 . 0.1720 . . . . . . . . . . 
'X-RAY DIFFRACTION' 4.5173 48.7504 . . 142 2734 100.00 . . . 0.1745 . 0.1759 . . . . . . . . . . 
# 
_struct.entry_id                     6EPV 
_struct.title                        'The ATAD2 bromodomain in complex with compound 5' 
_struct.pdbx_model_details           ? 
_struct.pdbx_formula_weight          ? 
_struct.pdbx_formula_weight_method   ? 
_struct.pdbx_model_type_details      ? 
_struct.pdbx_CASP_flag               N 
# 
_struct_keywords.entry_id        6EPV 
_struct_keywords.text            'Bromodomain, ATAD2, inhibitor, complex, CYTOSOLIC PROTEIN' 
_struct_keywords.pdbx_keywords   'CYTOSOLIC PROTEIN' 
# 
loop_
_struct_asym.id 
_struct_asym.pdbx_blank_PDB_chainid_flag 
_struct_asym.pdbx_modified 
_struct_asym.entity_id 
_struct_asym.details 
A N N 1 ? 
B N N 2 ? 
C N N 3 ? 
D N N 4 ? 
# 
_struct_ref.id                         1 
_struct_ref.db_name                    UNP 
_struct_ref.db_code                    ATAD2_HUMAN 
_struct_ref.pdbx_db_accession          Q6PL18 
_struct_ref.pdbx_db_isoform            ? 
_struct_ref.entity_id                  1 
_struct_ref.pdbx_seq_one_letter_code   
;QEEDTFRELRIFLRNVTHRLAIDKRFRVFTKPVDPDEVPDYVTVIKQPMDLSSVISKIDLHKYLTVKDYLRDIDLICSNA
LEYNPDRDPGDRLIRHRACALRDTAYAIIKEELDEDFEQLCEEIQESR
;
_struct_ref.pdbx_align_begin           981 
# 
_struct_ref_seq.align_id                      1 
_struct_ref_seq.ref_id                        1 
_struct_ref_seq.pdbx_PDB_id_code              6EPV 
_struct_ref_seq.pdbx_strand_id                A 
_struct_ref_seq.seq_align_beg                 3 
_struct_ref_seq.pdbx_seq_align_beg_ins_code   ? 
_struct_ref_seq.seq_align_end                 130 
_struct_ref_seq.pdbx_seq_align_end_ins_code   ? 
_struct_ref_seq.pdbx_db_accession             Q6PL18 
_struct_ref_seq.db_align_beg                  981 
_struct_ref_seq.pdbx_db_align_beg_ins_code    ? 
_struct_ref_seq.db_align_end                  1108 
_struct_ref_seq.pdbx_db_align_end_ins_code    ? 
_struct_ref_seq.pdbx_auth_seq_align_beg       981 
_struct_ref_seq.pdbx_auth_seq_align_end       1108 
# 
loop_
_struct_ref_seq_dif.align_id 
_struct_ref_seq_dif.pdbx_pdb_id_code 
_struct_ref_seq_dif.mon_id 
_struct_ref_seq_dif.pdbx_pdb_strand_id 
_struct_ref_seq_dif.seq_num 
_struct_ref_seq_dif.pdbx_pdb_ins_code 
_struct_ref_seq_dif.pdbx_seq_db_name 
_struct_ref_seq_dif.pdbx_seq_db_accession_code 
_struct_ref_seq_dif.db_mon_id 
_struct_ref_seq_dif.pdbx_seq_db_seq_num 
_struct_ref_seq_dif.details 
_struct_ref_seq_dif.pdbx_auth_seq_num 
_struct_ref_seq_dif.pdbx_ordinal 
1 6EPV SER A 1 ? UNP Q6PL18 ? ? 'expression tag' 979 1 
1 6EPV MET A 2 ? UNP Q6PL18 ? ? 'expression tag' 980 2 
# 
_pdbx_struct_assembly.id                   1 
_pdbx_struct_assembly.details              author_and_software_defined_assembly 
_pdbx_struct_assembly.method_details       PISA 
_pdbx_struct_assembly.oligomeric_details   monomeric 
_pdbx_struct_assembly.oligomeric_count     1 
# 
loop_
_pdbx_struct_assembly_prop.biol_id 
_pdbx_struct_assembly_prop.type 
_pdbx_struct_assembly_prop.value 
_pdbx_struct_assembly_prop.details 
1 'ABSA (A^2)' 180  ? 
1 MORE         -13  ? 
1 'SSA (A^2)'  8020 ? 
# 
_pdbx_struct_assembly_gen.assembly_id       1 
_pdbx_struct_assembly_gen.oper_expression   1 
_pdbx_struct_assembly_gen.asym_id_list      A,B,C,D 
# 
_pdbx_struct_assembly_auth_evidence.id                     1 
_pdbx_struct_assembly_auth_evidence.assembly_id            1 
_pdbx_struct_assembly_auth_evidence.experimental_support   'gel filtration' 
_pdbx_struct_assembly_auth_evidence.details                ? 
# 
_pdbx_struct_oper_list.id                   1 
_pdbx_struct_oper_list.type                 'identity operation' 
_pdbx_struct_oper_list.name                 1_555 
_pdbx_struct_oper_list.symmetry_operation   x,y,z 
_pdbx_struct_oper_list.matrix[1][1]         1.0000000000 
_pdbx_struct_oper_list.matrix[1][2]         0.0000000000 
_pdbx_struct_oper_list.matrix[1][3]         0.0000000000 
_pdbx_struct_oper_list.vector[1]            0.0000000000 
_pdbx_struct_oper_list.matrix[2][1]         0.0000000000 
_pdbx_struct_oper_list.matrix[2][2]         1.0000000000 
_pdbx_struct_oper_list.matrix[2][3]         0.0000000000 
_pdbx_struct_oper_list.vector[2]            0.0000000000 
_pdbx_struct_oper_list.matrix[3][1]         0.0000000000 
_pdbx_struct_oper_list.matrix[3][2]         0.0000000000 
_pdbx_struct_oper_list.matrix[3][3]         1.0000000000 
_pdbx_struct_oper_list.vector[3]            0.0000000000 
# 
loop_
_struct_conf.conf_type_id 
_struct_conf.id 
_struct_conf.pdbx_PDB_helix_id 
_struct_conf.beg_label_comp_id 
_struct_conf.beg_label_asym_id 
_struct_conf.beg_label_seq_id 
_struct_conf.pdbx_beg_PDB_ins_code 
_struct_conf.end_label_comp_id 
_struct_conf.end_label_asym_id 
_struct_conf.end_label_seq_id 
_struct_conf.pdbx_end_PDB_ins_code 
_struct_conf.beg_auth_comp_id 
_struct_conf.beg_auth_asym_id 
_struct_conf.beg_auth_seq_id 
_struct_conf.end_auth_comp_id 
_struct_conf.end_auth_asym_id 
_struct_conf.end_auth_seq_id 
_struct_conf.pdbx_PDB_helix_class 
_struct_conf.details 
_struct_conf.pdbx_PDB_helix_length 
HELX_P HELX_P1 AA1 SER A 1   ? ILE A 24  ? SER A 979  ILE A 1002 1 ? 24 
HELX_P HELX_P2 AA2 ASP A 25  ? THR A 32  ? ASP A 1003 THR A 1010 5 ? 8  
HELX_P HELX_P3 AA3 ASP A 42  ? ILE A 47  ? ASP A 1020 ILE A 1025 1 ? 6  
HELX_P HELX_P4 AA4 ASP A 52  ? LEU A 62  ? ASP A 1030 LEU A 1040 1 ? 11 
HELX_P HELX_P5 AA5 THR A 67  ? ASN A 86  ? THR A 1045 ASN A 1064 1 ? 20 
HELX_P HELX_P6 AA6 ASP A 90  ? LEU A 115 ? ASP A 1068 LEU A 1093 1 ? 26 
HELX_P HELX_P7 AA7 ASP A 116 ? SER A 129 ? ASP A 1094 SER A 1107 1 ? 14 
# 
_struct_conf_type.id          HELX_P 
_struct_conf_type.criteria    ? 
_struct_conf_type.reference   ? 
# 
loop_
_struct_site.id 
_struct_site.pdbx_evidence_code 
_struct_site.pdbx_auth_asym_id 
_struct_site.pdbx_auth_comp_id 
_struct_site.pdbx_auth_seq_id 
_struct_site.pdbx_auth_ins_code 
_struct_site.pdbx_num_residues 
_struct_site.details 
AC1 Software A SO4 1201 ? 4 'binding site for residue SO4 A 1201' 
AC2 Software A BQT 1202 ? 6 'binding site for residue BQT A 1202' 
# 
loop_
_struct_site_gen.id 
_struct_site_gen.site_id 
_struct_site_gen.pdbx_num_res 
_struct_site_gen.label_comp_id 
_struct_site_gen.label_asym_id 
_struct_site_gen.label_seq_id 
_struct_site_gen.pdbx_auth_ins_code 
_struct_site_gen.auth_comp_id 
_struct_site_gen.auth_asym_id 
_struct_site_gen.auth_seq_id 
_struct_site_gen.label_atom_id 
_struct_site_gen.label_alt_id 
_struct_site_gen.symmetry 
_struct_site_gen.details 
1  AC1 4 ARG A 9  ? ARG A 987  . ? 1_555 ? 
2  AC1 4 ARG A 12 ? ARG A 990  . ? 1_555 ? 
3  AC1 4 ARG A 16 ? ARG A 994  . ? 1_555 ? 
4  AC1 4 ARG A 89 ? ARG A 1067 . ? 6_444 ? 
5  AC2 6 VAL A 35 ? VAL A 1013 . ? 1_555 ? 
6  AC2 6 ALA A 82 ? ALA A 1060 . ? 1_555 ? 
7  AC2 6 TYR A 85 ? TYR A 1063 . ? 1_555 ? 
8  AC2 6 ASN A 86 ? ASN A 1064 . ? 1_555 ? 
9  AC2 6 ASP A 93 ? ASP A 1071 . ? 1_555 ? 
10 AC2 6 HOH D .  ? HOH A 1305 . ? 1_555 ? 
# 
_pdbx_struct_special_symmetry.id              1 
_pdbx_struct_special_symmetry.PDB_model_num   1 
_pdbx_struct_special_symmetry.auth_asym_id    A 
_pdbx_struct_special_symmetry.auth_comp_id    HOH 
_pdbx_struct_special_symmetry.auth_seq_id     1345 
_pdbx_struct_special_symmetry.PDB_ins_code    ? 
_pdbx_struct_special_symmetry.label_asym_id   D 
_pdbx_struct_special_symmetry.label_comp_id   HOH 
_pdbx_struct_special_symmetry.label_seq_id    . 
# 
loop_
_chem_comp_atom.comp_id 
_chem_comp_atom.atom_id 
_chem_comp_atom.type_symbol 
_chem_comp_atom.pdbx_aromatic_flag 
_chem_comp_atom.pdbx_stereo_config 
_chem_comp_atom.pdbx_ordinal 
ALA N    N N N 1   
ALA CA   C N S 2   
ALA C    C N N 3   
ALA O    O N N 4   
ALA CB   C N N 5   
ALA OXT  O N N 6   
ALA H    H N N 7   
ALA H2   H N N 8   
ALA HA   H N N 9   
ALA HB1  H N N 10  
ALA HB2  H N N 11  
ALA HB3  H N N 12  
ALA HXT  H N N 13  
ARG N    N N N 14  
ARG CA   C N S 15  
ARG C    C N N 16  
ARG O    O N N 17  
ARG CB   C N N 18  
ARG CG   C N N 19  
ARG CD   C N N 20  
ARG NE   N N N 21  
ARG CZ   C N N 22  
ARG NH1  N N N 23  
ARG NH2  N N N 24  
ARG OXT  O N N 25  
ARG H    H N N 26  
ARG H2   H N N 27  
ARG HA   H N N 28  
ARG HB2  H N N 29  
ARG HB3  H N N 30  
ARG HG2  H N N 31  
ARG HG3  H N N 32  
ARG HD2  H N N 33  
ARG HD3  H N N 34  
ARG HE   H N N 35  
ARG HH11 H N N 36  
ARG HH12 H N N 37  
ARG HH21 H N N 38  
ARG HH22 H N N 39  
ARG HXT  H N N 40  
ASN N    N N N 41  
ASN CA   C N S 42  
ASN C    C N N 43  
ASN O    O N N 44  
ASN CB   C N N 45  
ASN CG   C N N 46  
ASN OD1  O N N 47  
ASN ND2  N N N 48  
ASN OXT  O N N 49  
ASN H    H N N 50  
ASN H2   H N N 51  
ASN HA   H N N 52  
ASN HB2  H N N 53  
ASN HB3  H N N 54  
ASN HD21 H N N 55  
ASN HD22 H N N 56  
ASN HXT  H N N 57  
ASP N    N N N 58  
ASP CA   C N S 59  
ASP C    C N N 60  
ASP O    O N N 61  
ASP CB   C N N 62  
ASP CG   C N N 63  
ASP OD1  O N N 64  
ASP OD2  O N N 65  
ASP OXT  O N N 66  
ASP H    H N N 67  
ASP H2   H N N 68  
ASP HA   H N N 69  
ASP HB2  H N N 70  
ASP HB3  H N N 71  
ASP HD2  H N N 72  
ASP HXT  H N N 73  
BQT N    N N N 74  
BQT CA   C N R 75  
BQT C    C N N 76  
BQT O    O N N 77  
BQT CB   C N N 78  
BQT CAE  C N N 79  
BQT CAF  C N N 80  
BQT CAG  C N N 81  
BQT CAK  C N N 82  
BQT CAM  C Y N 83  
BQT CAN  C Y N 84  
BQT CAO  C Y N 85  
BQT NAH  N Y N 86  
BQT NAI  N N N 87  
BQT OAC  O N N 88  
BQT SAJ  S Y N 89  
BQT H1   H N N 90  
BQT H2   H N N 91  
BQT H4   H N N 92  
BQT H5   H N N 93  
BQT H6   H N N 94  
BQT H7   H N N 95  
BQT H8   H N N 96  
BQT H9   H N N 97  
BQT H10  H N N 98  
BQT H11  H N N 99  
BQT H12  H N N 100 
BQT H13  H N N 101 
BQT H14  H N N 102 
CYS N    N N N 103 
CYS CA   C N R 104 
CYS C    C N N 105 
CYS O    O N N 106 
CYS CB   C N N 107 
CYS SG   S N N 108 
CYS OXT  O N N 109 
CYS H    H N N 110 
CYS H2   H N N 111 
CYS HA   H N N 112 
CYS HB2  H N N 113 
CYS HB3  H N N 114 
CYS HG   H N N 115 
CYS HXT  H N N 116 
GLN N    N N N 117 
GLN CA   C N S 118 
GLN C    C N N 119 
GLN O    O N N 120 
GLN CB   C N N 121 
GLN CG   C N N 122 
GLN CD   C N N 123 
GLN OE1  O N N 124 
GLN NE2  N N N 125 
GLN OXT  O N N 126 
GLN H    H N N 127 
GLN H2   H N N 128 
GLN HA   H N N 129 
GLN HB2  H N N 130 
GLN HB3  H N N 131 
GLN HG2  H N N 132 
GLN HG3  H N N 133 
GLN HE21 H N N 134 
GLN HE22 H N N 135 
GLN HXT  H N N 136 
GLU N    N N N 137 
GLU CA   C N S 138 
GLU C    C N N 139 
GLU O    O N N 140 
GLU CB   C N N 141 
GLU CG   C N N 142 
GLU CD   C N N 143 
GLU OE1  O N N 144 
GLU OE2  O N N 145 
GLU OXT  O N N 146 
GLU H    H N N 147 
GLU H2   H N N 148 
GLU HA   H N N 149 
GLU HB2  H N N 150 
GLU HB3  H N N 151 
GLU HG2  H N N 152 
GLU HG3  H N N 153 
GLU HE2  H N N 154 
GLU HXT  H N N 155 
GLY N    N N N 156 
GLY CA   C N N 157 
GLY C    C N N 158 
GLY O    O N N 159 
GLY OXT  O N N 160 
GLY H    H N N 161 
GLY H2   H N N 162 
GLY HA2  H N N 163 
GLY HA3  H N N 164 
GLY HXT  H N N 165 
HIS N    N N N 166 
HIS CA   C N S 167 
HIS C    C N N 168 
HIS O    O N N 169 
HIS CB   C N N 170 
HIS CG   C Y N 171 
HIS ND1  N Y N 172 
HIS CD2  C Y N 173 
HIS CE1  C Y N 174 
HIS NE2  N Y N 175 
HIS OXT  O N N 176 
HIS H    H N N 177 
HIS H2   H N N 178 
HIS HA   H N N 179 
HIS HB2  H N N 180 
HIS HB3  H N N 181 
HIS HD1  H N N 182 
HIS HD2  H N N 183 
HIS HE1  H N N 184 
HIS HE2  H N N 185 
HIS HXT  H N N 186 
HOH O    O N N 187 
HOH H1   H N N 188 
HOH H2   H N N 189 
ILE N    N N N 190 
ILE CA   C N S 191 
ILE C    C N N 192 
ILE O    O N N 193 
ILE CB   C N S 194 
ILE CG1  C N N 195 
ILE CG2  C N N 196 
ILE CD1  C N N 197 
ILE OXT  O N N 198 
ILE H    H N N 199 
ILE H2   H N N 200 
ILE HA   H N N 201 
ILE HB   H N N 202 
ILE HG12 H N N 203 
ILE HG13 H N N 204 
ILE HG21 H N N 205 
ILE HG22 H N N 206 
ILE HG23 H N N 207 
ILE HD11 H N N 208 
ILE HD12 H N N 209 
ILE HD13 H N N 210 
ILE HXT  H N N 211 
LEU N    N N N 212 
LEU CA   C N S 213 
LEU C    C N N 214 
LEU O    O N N 215 
LEU CB   C N N 216 
LEU CG   C N N 217 
LEU CD1  C N N 218 
LEU CD2  C N N 219 
LEU OXT  O N N 220 
LEU H    H N N 221 
LEU H2   H N N 222 
LEU HA   H N N 223 
LEU HB2  H N N 224 
LEU HB3  H N N 225 
LEU HG   H N N 226 
LEU HD11 H N N 227 
LEU HD12 H N N 228 
LEU HD13 H N N 229 
LEU HD21 H N N 230 
LEU HD22 H N N 231 
LEU HD23 H N N 232 
LEU HXT  H N N 233 
LYS N    N N N 234 
LYS CA   C N S 235 
LYS C    C N N 236 
LYS O    O N N 237 
LYS CB   C N N 238 
LYS CG   C N N 239 
LYS CD   C N N 240 
LYS CE   C N N 241 
LYS NZ   N N N 242 
LYS OXT  O N N 243 
LYS H    H N N 244 
LYS H2   H N N 245 
LYS HA   H N N 246 
LYS HB2  H N N 247 
LYS HB3  H N N 248 
LYS HG2  H N N 249 
LYS HG3  H N N 250 
LYS HD2  H N N 251 
LYS HD3  H N N 252 
LYS HE2  H N N 253 
LYS HE3  H N N 254 
LYS HZ1  H N N 255 
LYS HZ2  H N N 256 
LYS HZ3  H N N 257 
LYS HXT  H N N 258 
MET N    N N N 259 
MET CA   C N S 260 
MET C    C N N 261 
MET O    O N N 262 
MET CB   C N N 263 
MET CG   C N N 264 
MET SD   S N N 265 
MET CE   C N N 266 
MET OXT  O N N 267 
MET H    H N N 268 
MET H2   H N N 269 
MET HA   H N N 270 
MET HB2  H N N 271 
MET HB3  H N N 272 
MET HG2  H N N 273 
MET HG3  H N N 274 
MET HE1  H N N 275 
MET HE2  H N N 276 
MET HE3  H N N 277 
MET HXT  H N N 278 
PHE N    N N N 279 
PHE CA   C N S 280 
PHE C    C N N 281 
PHE O    O N N 282 
PHE CB   C N N 283 
PHE CG   C Y N 284 
PHE CD1  C Y N 285 
PHE CD2  C Y N 286 
PHE CE1  C Y N 287 
PHE CE2  C Y N 288 
PHE CZ   C Y N 289 
PHE OXT  O N N 290 
PHE H    H N N 291 
PHE H2   H N N 292 
PHE HA   H N N 293 
PHE HB2  H N N 294 
PHE HB3  H N N 295 
PHE HD1  H N N 296 
PHE HD2  H N N 297 
PHE HE1  H N N 298 
PHE HE2  H N N 299 
PHE HZ   H N N 300 
PHE HXT  H N N 301 
PRO N    N N N 302 
PRO CA   C N S 303 
PRO C    C N N 304 
PRO O    O N N 305 
PRO CB   C N N 306 
PRO CG   C N N 307 
PRO CD   C N N 308 
PRO OXT  O N N 309 
PRO H    H N N 310 
PRO HA   H N N 311 
PRO HB2  H N N 312 
PRO HB3  H N N 313 
PRO HG2  H N N 314 
PRO HG3  H N N 315 
PRO HD2  H N N 316 
PRO HD3  H N N 317 
PRO HXT  H N N 318 
SER N    N N N 319 
SER CA   C N S 320 
SER C    C N N 321 
SER O    O N N 322 
SER CB   C N N 323 
SER OG   O N N 324 
SER OXT  O N N 325 
SER H    H N N 326 
SER H2   H N N 327 
SER HA   H N N 328 
SER HB2  H N N 329 
SER HB3  H N N 330 
SER HG   H N N 331 
SER HXT  H N N 332 
SO4 S    S N N 333 
SO4 O1   O N N 334 
SO4 O2   O N N 335 
SO4 O3   O N N 336 
SO4 O4   O N N 337 
THR N    N N N 338 
THR CA   C N S 339 
THR C    C N N 340 
THR O    O N N 341 
THR CB   C N R 342 
THR OG1  O N N 343 
THR CG2  C N N 344 
THR OXT  O N N 345 
THR H    H N N 346 
THR H2   H N N 347 
THR HA   H N N 348 
THR HB   H N N 349 
THR HG1  H N N 350 
THR HG21 H N N 351 
THR HG22 H N N 352 
THR HG23 H N N 353 
THR HXT  H N N 354 
TYR N    N N N 355 
TYR CA   C N S 356 
TYR C    C N N 357 
TYR O    O N N 358 
TYR CB   C N N 359 
TYR CG   C Y N 360 
TYR CD1  C Y N 361 
TYR CD2  C Y N 362 
TYR CE1  C Y N 363 
TYR CE2  C Y N 364 
TYR CZ   C Y N 365 
TYR OH   O N N 366 
TYR OXT  O N N 367 
TYR H    H N N 368 
TYR H2   H N N 369 
TYR HA   H N N 370 
TYR HB2  H N N 371 
TYR HB3  H N N 372 
TYR HD1  H N N 373 
TYR HD2  H N N 374 
TYR HE1  H N N 375 
TYR HE2  H N N 376 
TYR HH   H N N 377 
TYR HXT  H N N 378 
VAL N    N N N 379 
VAL CA   C N S 380 
VAL C    C N N 381 
VAL O    O N N 382 
VAL CB   C N N 383 
VAL CG1  C N N 384 
VAL CG2  C N N 385 
VAL OXT  O N N 386 
VAL H    H N N 387 
VAL H2   H N N 388 
VAL HA   H N N 389 
VAL HB   H N N 390 
VAL HG11 H N N 391 
VAL HG12 H N N 392 
VAL HG13 H N N 393 
VAL HG21 H N N 394 
VAL HG22 H N N 395 
VAL HG23 H N N 396 
VAL HXT  H N N 397 
# 
loop_
_chem_comp_bond.comp_id 
_chem_comp_bond.atom_id_1 
_chem_comp_bond.atom_id_2 
_chem_comp_bond.value_order 
_chem_comp_bond.pdbx_aromatic_flag 
_chem_comp_bond.pdbx_stereo_config 
_chem_comp_bond.pdbx_ordinal 
ALA N   CA   sing N N 1   
ALA N   H    sing N N 2   
ALA N   H2   sing N N 3   
ALA CA  C    sing N N 4   
ALA CA  CB   sing N N 5   
ALA CA  HA   sing N N 6   
ALA C   O    doub N N 7   
ALA C   OXT  sing N N 8   
ALA CB  HB1  sing N N 9   
ALA CB  HB2  sing N N 10  
ALA CB  HB3  sing N N 11  
ALA OXT HXT  sing N N 12  
ARG N   CA   sing N N 13  
ARG N   H    sing N N 14  
ARG N   H2   sing N N 15  
ARG CA  C    sing N N 16  
ARG CA  CB   sing N N 17  
ARG CA  HA   sing N N 18  
ARG C   O    doub N N 19  
ARG C   OXT  sing N N 20  
ARG CB  CG   sing N N 21  
ARG CB  HB2  sing N N 22  
ARG CB  HB3  sing N N 23  
ARG CG  CD   sing N N 24  
ARG CG  HG2  sing N N 25  
ARG CG  HG3  sing N N 26  
ARG CD  NE   sing N N 27  
ARG CD  HD2  sing N N 28  
ARG CD  HD3  sing N N 29  
ARG NE  CZ   sing N N 30  
ARG NE  HE   sing N N 31  
ARG CZ  NH1  sing N N 32  
ARG CZ  NH2  doub N N 33  
ARG NH1 HH11 sing N N 34  
ARG NH1 HH12 sing N N 35  
ARG NH2 HH21 sing N N 36  
ARG NH2 HH22 sing N N 37  
ARG OXT HXT  sing N N 38  
ASN N   CA   sing N N 39  
ASN N   H    sing N N 40  
ASN N   H2   sing N N 41  
ASN CA  C    sing N N 42  
ASN CA  CB   sing N N 43  
ASN CA  HA   sing N N 44  
ASN C   O    doub N N 45  
ASN C   OXT  sing N N 46  
ASN CB  CG   sing N N 47  
ASN CB  HB2  sing N N 48  
ASN CB  HB3  sing N N 49  
ASN CG  OD1  doub N N 50  
ASN CG  ND2  sing N N 51  
ASN ND2 HD21 sing N N 52  
ASN ND2 HD22 sing N N 53  
ASN OXT HXT  sing N N 54  
ASP N   CA   sing N N 55  
ASP N   H    sing N N 56  
ASP N   H2   sing N N 57  
ASP CA  C    sing N N 58  
ASP CA  CB   sing N N 59  
ASP CA  HA   sing N N 60  
ASP C   O    doub N N 61  
ASP C   OXT  sing N N 62  
ASP CB  CG   sing N N 63  
ASP CB  HB2  sing N N 64  
ASP CB  HB3  sing N N 65  
ASP CG  OD1  doub N N 66  
ASP CG  OD2  sing N N 67  
ASP OD2 HD2  sing N N 68  
ASP OXT HXT  sing N N 69  
BQT CAG CAE  sing N N 70  
BQT CAG CAN  sing N N 71  
BQT CAF CAE  sing N N 72  
BQT CAF CAK  sing N N 73  
BQT CAN SAJ  sing Y N 74  
BQT CAN CAO  doub Y N 75  
BQT CAK CAO  sing N N 76  
BQT CAK OAC  doub N N 77  
BQT SAJ CAM  sing Y N 78  
BQT CAO NAH  sing Y N 79  
BQT O   C    doub N N 80  
BQT NAH CAM  doub Y N 81  
BQT CAM NAI  sing N N 82  
BQT CB  CA   sing N N 83  
BQT C   NAI  sing N N 84  
BQT C   CA   sing N N 85  
BQT CA  N    sing N N 86  
BQT N   H1   sing N N 87  
BQT N   H2   sing N N 88  
BQT CA  H4   sing N N 89  
BQT CB  H5   sing N N 90  
BQT CB  H6   sing N N 91  
BQT CB  H7   sing N N 92  
BQT CAE H8   sing N N 93  
BQT CAE H9   sing N N 94  
BQT CAF H10  sing N N 95  
BQT CAF H11  sing N N 96  
BQT CAG H12  sing N N 97  
BQT CAG H13  sing N N 98  
BQT NAI H14  sing N N 99  
CYS N   CA   sing N N 100 
CYS N   H    sing N N 101 
CYS N   H2   sing N N 102 
CYS CA  C    sing N N 103 
CYS CA  CB   sing N N 104 
CYS CA  HA   sing N N 105 
CYS C   O    doub N N 106 
CYS C   OXT  sing N N 107 
CYS CB  SG   sing N N 108 
CYS CB  HB2  sing N N 109 
CYS CB  HB3  sing N N 110 
CYS SG  HG   sing N N 111 
CYS OXT HXT  sing N N 112 
GLN N   CA   sing N N 113 
GLN N   H    sing N N 114 
GLN N   H2   sing N N 115 
GLN CA  C    sing N N 116 
GLN CA  CB   sing N N 117 
GLN CA  HA   sing N N 118 
GLN C   O    doub N N 119 
GLN C   OXT  sing N N 120 
GLN CB  CG   sing N N 121 
GLN CB  HB2  sing N N 122 
GLN CB  HB3  sing N N 123 
GLN CG  CD   sing N N 124 
GLN CG  HG2  sing N N 125 
GLN CG  HG3  sing N N 126 
GLN CD  OE1  doub N N 127 
GLN CD  NE2  sing N N 128 
GLN NE2 HE21 sing N N 129 
GLN NE2 HE22 sing N N 130 
GLN OXT HXT  sing N N 131 
GLU N   CA   sing N N 132 
GLU N   H    sing N N 133 
GLU N   H2   sing N N 134 
GLU CA  C    sing N N 135 
GLU CA  CB   sing N N 136 
GLU CA  HA   sing N N 137 
GLU C   O    doub N N 138 
GLU C   OXT  sing N N 139 
GLU CB  CG   sing N N 140 
GLU CB  HB2  sing N N 141 
GLU CB  HB3  sing N N 142 
GLU CG  CD   sing N N 143 
GLU CG  HG2  sing N N 144 
GLU CG  HG3  sing N N 145 
GLU CD  OE1  doub N N 146 
GLU CD  OE2  sing N N 147 
GLU OE2 HE2  sing N N 148 
GLU OXT HXT  sing N N 149 
GLY N   CA   sing N N 150 
GLY N   H    sing N N 151 
GLY N   H2   sing N N 152 
GLY CA  C    sing N N 153 
GLY CA  HA2  sing N N 154 
GLY CA  HA3  sing N N 155 
GLY C   O    doub N N 156 
GLY C   OXT  sing N N 157 
GLY OXT HXT  sing N N 158 
HIS N   CA   sing N N 159 
HIS N   H    sing N N 160 
HIS N   H2   sing N N 161 
HIS CA  C    sing N N 162 
HIS CA  CB   sing N N 163 
HIS CA  HA   sing N N 164 
HIS C   O    doub N N 165 
HIS C   OXT  sing N N 166 
HIS CB  CG   sing N N 167 
HIS CB  HB2  sing N N 168 
HIS CB  HB3  sing N N 169 
HIS CG  ND1  sing Y N 170 
HIS CG  CD2  doub Y N 171 
HIS ND1 CE1  doub Y N 172 
HIS ND1 HD1  sing N N 173 
HIS CD2 NE2  sing Y N 174 
HIS CD2 HD2  sing N N 175 
HIS CE1 NE2  sing Y N 176 
HIS CE1 HE1  sing N N 177 
HIS NE2 HE2  sing N N 178 
HIS OXT HXT  sing N N 179 
HOH O   H1   sing N N 180 
HOH O   H2   sing N N 181 
ILE N   CA   sing N N 182 
ILE N   H    sing N N 183 
ILE N   H2   sing N N 184 
ILE CA  C    sing N N 185 
ILE CA  CB   sing N N 186 
ILE CA  HA   sing N N 187 
ILE C   O    doub N N 188 
ILE C   OXT  sing N N 189 
ILE CB  CG1  sing N N 190 
ILE CB  CG2  sing N N 191 
ILE CB  HB   sing N N 192 
ILE CG1 CD1  sing N N 193 
ILE CG1 HG12 sing N N 194 
ILE CG1 HG13 sing N N 195 
ILE CG2 HG21 sing N N 196 
ILE CG2 HG22 sing N N 197 
ILE CG2 HG23 sing N N 198 
ILE CD1 HD11 sing N N 199 
ILE CD1 HD12 sing N N 200 
ILE CD1 HD13 sing N N 201 
ILE OXT HXT  sing N N 202 
LEU N   CA   sing N N 203 
LEU N   H    sing N N 204 
LEU N   H2   sing N N 205 
LEU CA  C    sing N N 206 
LEU CA  CB   sing N N 207 
LEU CA  HA   sing N N 208 
LEU C   O    doub N N 209 
LEU C   OXT  sing N N 210 
LEU CB  CG   sing N N 211 
LEU CB  HB2  sing N N 212 
LEU CB  HB3  sing N N 213 
LEU CG  CD1  sing N N 214 
LEU CG  CD2  sing N N 215 
LEU CG  HG   sing N N 216 
LEU CD1 HD11 sing N N 217 
LEU CD1 HD12 sing N N 218 
LEU CD1 HD13 sing N N 219 
LEU CD2 HD21 sing N N 220 
LEU CD2 HD22 sing N N 221 
LEU CD2 HD23 sing N N 222 
LEU OXT HXT  sing N N 223 
LYS N   CA   sing N N 224 
LYS N   H    sing N N 225 
LYS N   H2   sing N N 226 
LYS CA  C    sing N N 227 
LYS CA  CB   sing N N 228 
LYS CA  HA   sing N N 229 
LYS C   O    doub N N 230 
LYS C   OXT  sing N N 231 
LYS CB  CG   sing N N 232 
LYS CB  HB2  sing N N 233 
LYS CB  HB3  sing N N 234 
LYS CG  CD   sing N N 235 
LYS CG  HG2  sing N N 236 
LYS CG  HG3  sing N N 237 
LYS CD  CE   sing N N 238 
LYS CD  HD2  sing N N 239 
LYS CD  HD3  sing N N 240 
LYS CE  NZ   sing N N 241 
LYS CE  HE2  sing N N 242 
LYS CE  HE3  sing N N 243 
LYS NZ  HZ1  sing N N 244 
LYS NZ  HZ2  sing N N 245 
LYS NZ  HZ3  sing N N 246 
LYS OXT HXT  sing N N 247 
MET N   CA   sing N N 248 
MET N   H    sing N N 249 
MET N   H2   sing N N 250 
MET CA  C    sing N N 251 
MET CA  CB   sing N N 252 
MET CA  HA   sing N N 253 
MET C   O    doub N N 254 
MET C   OXT  sing N N 255 
MET CB  CG   sing N N 256 
MET CB  HB2  sing N N 257 
MET CB  HB3  sing N N 258 
MET CG  SD   sing N N 259 
MET CG  HG2  sing N N 260 
MET CG  HG3  sing N N 261 
MET SD  CE   sing N N 262 
MET CE  HE1  sing N N 263 
MET CE  HE2  sing N N 264 
MET CE  HE3  sing N N 265 
MET OXT HXT  sing N N 266 
PHE N   CA   sing N N 267 
PHE N   H    sing N N 268 
PHE N   H2   sing N N 269 
PHE CA  C    sing N N 270 
PHE CA  CB   sing N N 271 
PHE CA  HA   sing N N 272 
PHE C   O    doub N N 273 
PHE C   OXT  sing N N 274 
PHE CB  CG   sing N N 275 
PHE CB  HB2  sing N N 276 
PHE CB  HB3  sing N N 277 
PHE CG  CD1  doub Y N 278 
PHE CG  CD2  sing Y N 279 
PHE CD1 CE1  sing Y N 280 
PHE CD1 HD1  sing N N 281 
PHE CD2 CE2  doub Y N 282 
PHE CD2 HD2  sing N N 283 
PHE CE1 CZ   doub Y N 284 
PHE CE1 HE1  sing N N 285 
PHE CE2 CZ   sing Y N 286 
PHE CE2 HE2  sing N N 287 
PHE CZ  HZ   sing N N 288 
PHE OXT HXT  sing N N 289 
PRO N   CA   sing N N 290 
PRO N   CD   sing N N 291 
PRO N   H    sing N N 292 
PRO CA  C    sing N N 293 
PRO CA  CB   sing N N 294 
PRO CA  HA   sing N N 295 
PRO C   O    doub N N 296 
PRO C   OXT  sing N N 297 
PRO CB  CG   sing N N 298 
PRO CB  HB2  sing N N 299 
PRO CB  HB3  sing N N 300 
PRO CG  CD   sing N N 301 
PRO CG  HG2  sing N N 302 
PRO CG  HG3  sing N N 303 
PRO CD  HD2  sing N N 304 
PRO CD  HD3  sing N N 305 
PRO OXT HXT  sing N N 306 
SER N   CA   sing N N 307 
SER N   H    sing N N 308 
SER N   H2   sing N N 309 
SER CA  C    sing N N 310 
SER CA  CB   sing N N 311 
SER CA  HA   sing N N 312 
SER C   O    doub N N 313 
SER C   OXT  sing N N 314 
SER CB  OG   sing N N 315 
SER CB  HB2  sing N N 316 
SER CB  HB3  sing N N 317 
SER OG  HG   sing N N 318 
SER OXT HXT  sing N N 319 
SO4 S   O1   doub N N 320 
SO4 S   O2   doub N N 321 
SO4 S   O3   sing N N 322 
SO4 S   O4   sing N N 323 
THR N   CA   sing N N 324 
THR N   H    sing N N 325 
THR N   H2   sing N N 326 
THR CA  C    sing N N 327 
THR CA  CB   sing N N 328 
THR CA  HA   sing N N 329 
THR C   O    doub N N 330 
THR C   OXT  sing N N 331 
THR CB  OG1  sing N N 332 
THR CB  CG2  sing N N 333 
THR CB  HB   sing N N 334 
THR OG1 HG1  sing N N 335 
THR CG2 HG21 sing N N 336 
THR CG2 HG22 sing N N 337 
THR CG2 HG23 sing N N 338 
THR OXT HXT  sing N N 339 
TYR N   CA   sing N N 340 
TYR N   H    sing N N 341 
TYR N   H2   sing N N 342 
TYR CA  C    sing N N 343 
TYR CA  CB   sing N N 344 
TYR CA  HA   sing N N 345 
TYR C   O    doub N N 346 
TYR C   OXT  sing N N 347 
TYR CB  CG   sing N N 348 
TYR CB  HB2  sing N N 349 
TYR CB  HB3  sing N N 350 
TYR CG  CD1  doub Y N 351 
TYR CG  CD2  sing Y N 352 
TYR CD1 CE1  sing Y N 353 
TYR CD1 HD1  sing N N 354 
TYR CD2 CE2  doub Y N 355 
TYR CD2 HD2  sing N N 356 
TYR CE1 CZ   doub Y N 357 
TYR CE1 HE1  sing N N 358 
TYR CE2 CZ   sing Y N 359 
TYR CE2 HE2  sing N N 360 
TYR CZ  OH   sing N N 361 
TYR OH  HH   sing N N 362 
TYR OXT HXT  sing N N 363 
VAL N   CA   sing N N 364 
VAL N   H    sing N N 365 
VAL N   H2   sing N N 366 
VAL CA  C    sing N N 367 
VAL CA  CB   sing N N 368 
VAL CA  HA   sing N N 369 
VAL C   O    doub N N 370 
VAL C   OXT  sing N N 371 
VAL CB  CG1  sing N N 372 
VAL CB  CG2  sing N N 373 
VAL CB  HB   sing N N 374 
VAL CG1 HG11 sing N N 375 
VAL CG1 HG12 sing N N 376 
VAL CG1 HG13 sing N N 377 
VAL CG2 HG21 sing N N 378 
VAL CG2 HG22 sing N N 379 
VAL CG2 HG23 sing N N 380 
VAL OXT HXT  sing N N 381 
# 
_atom_sites.entry_id                    6EPV 
_atom_sites.fract_transf_matrix[1][1]   0.00016325 
_atom_sites.fract_transf_matrix[1][2]   0.00038022 
_atom_sites.fract_transf_matrix[1][3]   -0.01452157 
_atom_sites.fract_transf_matrix[2][1]   -0.00010790 
_atom_sites.fract_transf_matrix[2][2]   -0.01238555 
_atom_sites.fract_transf_matrix[2][3]   -0.00759272 
_atom_sites.fract_transf_matrix[3][1]   -0.00724472 
_atom_sites.fract_transf_matrix[3][2]   0.00011126 
_atom_sites.fract_transf_matrix[3][3]   -0.00007853 
_atom_sites.fract_transf_vector[1]      -0.138932 
_atom_sites.fract_transf_vector[2]      -0.599363 
_atom_sites.fract_transf_vector[3]      1.026435 
# 
loop_
_atom_type.symbol 
C 
N 
O 
S 
# 
loop_
_atom_site.group_PDB 
_atom_site.id 
_atom_site.type_symbol 
_atom_site.label_atom_id 
_atom_site.label_alt_id 
_atom_site.label_comp_id 
_atom_site.label_asym_id 
_atom_site.label_entity_id 
_atom_site.label_seq_id 
_atom_site.pdbx_PDB_ins_code 
_atom_site.Cartn_x 
_atom_site.Cartn_y 
_atom_site.Cartn_z 
_atom_site.occupancy 
_atom_site.B_iso_or_equiv 
_atom_site.pdbx_formal_charge 
_atom_site.auth_seq_id 
_atom_site.auth_comp_id 
_atom_site.auth_asym_id 
_atom_site.auth_atom_id 
_atom_site.pdbx_PDB_model_num 
ATOM   1    N N   . SER A 1 1   ? 6.251   -9.391  24.213  1.00 57.74 ? 979  SER A N   1 
ATOM   2    C CA  . SER A 1 1   ? 7.570   -9.379  24.840  1.00 58.18 ? 979  SER A CA  1 
ATOM   3    C C   . SER A 1 1   ? 8.540   -8.441  24.123  1.00 59.49 ? 979  SER A C   1 
ATOM   4    O O   . SER A 1 1   ? 8.179   -7.782  23.144  1.00 57.86 ? 979  SER A O   1 
ATOM   5    C CB  . SER A 1 1   ? 8.158   -10.790 24.866  1.00 62.20 ? 979  SER A CB  1 
ATOM   6    O OG  . SER A 1 1   ? 8.547   -11.197 23.563  1.00 58.09 ? 979  SER A OG  1 
ATOM   7    N N   . MET A 1 2   ? 9.782   -8.397  24.615  1.00 60.40 ? 980  MET A N   1 
ATOM   8    C CA  . MET A 1 2   ? 10.816  -7.621  23.939  1.00 59.32 ? 980  MET A CA  1 
ATOM   9    C C   . MET A 1 2   ? 11.176  -8.243  22.594  1.00 55.25 ? 980  MET A C   1 
ATOM   10   O O   . MET A 1 2   ? 11.430  -7.524  21.622  1.00 52.34 ? 980  MET A O   1 
ATOM   11   C CB  . MET A 1 2   ? 12.055  -7.506  24.828  1.00 60.42 ? 980  MET A CB  1 
ATOM   12   N N   . GLN A 1 3   ? 11.198  -9.577  22.523  1.00 54.12 ? 981  GLN A N   1 
ATOM   13   C CA  . GLN A 1 3   ? 11.485  -10.253 21.261  1.00 54.38 ? 981  GLN A CA  1 
ATOM   14   C C   . GLN A 1 3   ? 10.405  -9.965  20.222  1.00 51.08 ? 981  GLN A C   1 
ATOM   15   O O   . GLN A 1 3   ? 10.705  -9.755  19.040  1.00 46.79 ? 981  GLN A O   1 
ATOM   16   C CB  . GLN A 1 3   ? 11.618  -11.762 21.492  1.00 56.78 ? 981  GLN A CB  1 
ATOM   17   C CG  . GLN A 1 3   ? 12.979  -12.205 22.030  1.00 63.26 ? 981  GLN A CG  1 
ATOM   18   C CD  . GLN A 1 3   ? 13.141  -11.955 23.527  1.00 67.38 ? 981  GLN A CD  1 
ATOM   19   O OE1 . GLN A 1 3   ? 12.277  -11.350 24.171  1.00 67.11 ? 981  GLN A OE1 1 
ATOM   20   N NE2 . GLN A 1 3   ? 14.259  -12.417 24.086  1.00 62.69 ? 981  GLN A NE2 1 
ATOM   21   N N   . GLU A 1 4   ? 9.141   -9.941  20.647  1.00 48.17 ? 982  GLU A N   1 
ATOM   22   C CA  . GLU A 1 4   ? 8.058   -9.676  19.708  1.00 45.40 ? 982  GLU A CA  1 
ATOM   23   C C   . GLU A 1 4   ? 8.080   -8.228  19.226  1.00 43.63 ? 982  GLU A C   1 
ATOM   24   O O   . GLU A 1 4   ? 7.844   -7.960  18.038  1.00 35.85 ? 982  GLU A O   1 
ATOM   25   C CB  . GLU A 1 4   ? 6.718   -10.033 20.353  1.00 46.73 ? 982  GLU A CB  1 
ATOM   26   C CG  . GLU A 1 4   ? 6.570   -11.549 20.544  1.00 47.79 ? 982  GLU A CG  1 
ATOM   27   C CD  . GLU A 1 4   ? 5.339   -11.941 21.338  1.00 53.03 ? 982  GLU A CD  1 
ATOM   28   O OE1 . GLU A 1 4   ? 4.913   -13.120 21.235  1.00 47.20 ? 982  GLU A OE1 1 
ATOM   29   O OE2 . GLU A 1 4   ? 4.801   -11.072 22.062  1.00 58.46 ? 982  GLU A OE2 1 
ATOM   30   N N   . GLU A 1 5   ? 8.375   -7.278  20.118  1.00 40.87 ? 983  GLU A N   1 
ATOM   31   C CA  . GLU A 1 5   ? 8.435   -5.890  19.675  1.00 42.04 ? 983  GLU A CA  1 
ATOM   32   C C   . GLU A 1 5   ? 9.593   -5.663  18.708  1.00 38.78 ? 983  GLU A C   1 
ATOM   33   O O   . GLU A 1 5   ? 9.468   -4.854  17.782  1.00 33.39 ? 983  GLU A O   1 
ATOM   34   C CB  . GLU A 1 5   ? 8.533   -4.943  20.877  1.00 45.45 ? 983  GLU A CB  1 
ATOM   35   C CG  . GLU A 1 5   ? 7.222   -4.800  21.677  1.00 48.35 ? 983  GLU A CG  1 
ATOM   36   C CD  . GLU A 1 5   ? 5.958   -4.730  20.799  1.00 57.86 ? 983  GLU A CD  1 
ATOM   37   O OE1 . GLU A 1 5   ? 5.892   -3.877  19.878  1.00 56.76 ? 983  GLU A OE1 1 
ATOM   38   O OE2 . GLU A 1 5   ? 5.028   -5.539  21.032  1.00 56.47 ? 983  GLU A OE2 1 
ATOM   39   N N   . ASP A 1 6   ? 10.719  -6.363  18.902  1.00 38.66 ? 984  ASP A N   1 
ATOM   40   C CA  . ASP A 1 6   ? 11.800  -6.334  17.918  1.00 39.11 ? 984  ASP A CA  1 
ATOM   41   C C   . ASP A 1 6   ? 11.325  -6.837  16.558  1.00 35.42 ? 984  ASP A C   1 
ATOM   42   O O   . ASP A 1 6   ? 11.738  -6.317  15.513  1.00 30.90 ? 984  ASP A O   1 
ATOM   43   C CB  . ASP A 1 6   ? 12.978  -7.195  18.380  1.00 42.60 ? 984  ASP A CB  1 
ATOM   44   C CG  . ASP A 1 6   ? 13.751  -6.581  19.528  1.00 48.95 ? 984  ASP A CG  1 
ATOM   45   O OD1 . ASP A 1 6   ? 13.523  -5.396  19.856  1.00 52.28 ? 984  ASP A OD1 1 
ATOM   46   O OD2 . ASP A 1 6   ? 14.593  -7.301  20.102  1.00 56.24 ? 984  ASP A OD2 1 
ATOM   47   N N   . THR A 1 7   ? 10.500  -7.889  16.558  1.00 33.35 ? 985  THR A N   1 
ATOM   48   C CA  . THR A 1 7   ? 10.014  -8.453  15.306  1.00 32.19 ? 985  THR A CA  1 
ATOM   49   C C   . THR A 1 7   ? 9.150   -7.442  14.565  1.00 29.93 ? 985  THR A C   1 
ATOM   50   O O   . THR A 1 7   ? 9.323   -7.224  13.361  1.00 26.46 ? 985  THR A O   1 
ATOM   51   C CB  . THR A 1 7   ? 9.235   -9.743  15.568  1.00 33.65 ? 985  THR A CB  1 
ATOM   52   O OG1 . THR A 1 7   ? 10.095  -10.718 16.178  1.00 37.51 ? 985  THR A OG1 1 
ATOM   53   C CG2 . THR A 1 7   ? 8.701   -10.309 14.262  1.00 30.01 ? 985  THR A CG2 1 
ATOM   54   N N   . PHE A 1 8   ? 8.212   -6.809  15.273  1.00 29.48 ? 986  PHE A N   1 
ATOM   55   C CA  . PHE A 1 8   ? 7.371   -5.817  14.616  1.00 29.17 ? 986  PHE A CA  1 
ATOM   56   C C   . PHE A 1 8   ? 8.175   -4.599  14.186  1.00 27.94 ? 986  PHE A C   1 
ATOM   57   O O   . PHE A 1 8   ? 7.865   -3.991  13.160  1.00 26.60 ? 986  PHE A O   1 
ATOM   58   C CB  . PHE A 1 8   ? 6.220   -5.421  15.534  1.00 30.62 ? 986  PHE A CB  1 
ATOM   59   C CG  . PHE A 1 8   ? 5.226   -6.523  15.747  1.00 35.25 ? 986  PHE A CG  1 
ATOM   60   C CD1 . PHE A 1 8   ? 4.790   -7.294  14.678  1.00 35.79 ? 986  PHE A CD1 1 
ATOM   61   C CD2 . PHE A 1 8   ? 4.739   -6.799  17.006  1.00 40.76 ? 986  PHE A CD2 1 
ATOM   62   C CE1 . PHE A 1 8   ? 3.877   -8.317  14.862  1.00 38.09 ? 986  PHE A CE1 1 
ATOM   63   C CE2 . PHE A 1 8   ? 3.817   -7.820  17.199  1.00 37.65 ? 986  PHE A CE2 1 
ATOM   64   C CZ  . PHE A 1 8   ? 3.392   -8.575  16.133  1.00 38.44 ? 986  PHE A CZ  1 
ATOM   65   N N   . ARG A 1 9   ? 9.214   -4.223  14.938  1.00 26.53 ? 987  ARG A N   1 
ATOM   66   C CA  . ARG A 1 9   ? 10.042  -3.113  14.482  1.00 28.37 ? 987  ARG A CA  1 
ATOM   67   C C   . ARG A 1 9   ? 10.750  -3.452  13.173  1.00 27.04 ? 987  ARG A C   1 
ATOM   68   O O   . ARG A 1 9   ? 10.825  -2.609  12.271  1.00 25.74 ? 987  ARG A O   1 
ATOM   69   C CB  . ARG A 1 9   ? 11.061  -2.718  15.549  1.00 30.98 ? 987  ARG A CB  1 
ATOM   70   C CG  . ARG A 1 9   ? 11.779  -1.441  15.175  1.00 30.65 ? 987  ARG A CG  1 
ATOM   71   C CD  . ARG A 1 9   ? 12.592  -0.840  16.305  1.00 36.17 ? 987  ARG A CD  1 
ATOM   72   N NE  . ARG A 1 9   ? 13.245  0.367   15.805  1.00 45.31 ? 987  ARG A NE  1 
ATOM   73   C CZ  . ARG A 1 9   ? 14.532  0.454   15.478  1.00 43.44 ? 987  ARG A CZ  1 
ATOM   74   N NH1 . ARG A 1 9   ? 15.013  1.603   15.011  1.00 38.98 ? 987  ARG A NH1 1 
ATOM   75   N NH2 . ARG A 1 9   ? 15.344  -0.595  15.631  1.00 42.46 ? 987  ARG A NH2 1 
ATOM   76   N N   . GLU A 1 10  ? 11.297  -4.673  13.057  1.00 25.65 ? 988  GLU A N   1 
ATOM   77   C CA  . GLU A 1 10  ? 11.906  -5.076  11.790  1.00 25.48 ? 988  GLU A CA  1 
ATOM   78   C C   . GLU A 1 10  ? 10.886  -5.036  10.651  1.00 26.72 ? 988  GLU A C   1 
ATOM   79   O O   . GLU A 1 10  ? 11.194  -4.576  9.540   1.00 25.17 ? 988  GLU A O   1 
ATOM   80   C CB  . GLU A 1 10  ? 12.524  -6.470  11.903  1.00 28.28 ? 988  GLU A CB  1 
ATOM   81   C CG  . GLU A 1 10  ? 13.022  -6.978  10.560  1.00 28.70 ? 988  GLU A CG  1 
ATOM   82   C CD  . GLU A 1 10  ? 13.979  -8.149  10.653  1.00 37.73 ? 988  GLU A CD  1 
ATOM   83   O OE1 . GLU A 1 10  ? 14.391  -8.655  9.582   1.00 35.54 ? 988  GLU A OE1 1 
ATOM   84   O OE2 . GLU A 1 10  ? 14.325  -8.555  11.780  1.00 35.22 ? 988  GLU A OE2 1 
ATOM   85   N N   . LEU A 1 11  ? 9.658   -5.491  10.915  1.00 25.86 ? 989  LEU A N   1 
ATOM   86   C CA  . LEU A 1 11  ? 8.613   -5.411  9.898   1.00 24.56 ? 989  LEU A CA  1 
ATOM   87   C C   . LEU A 1 11  ? 8.405   -3.965  9.447   1.00 24.35 ? 989  LEU A C   1 
ATOM   88   O O   . LEU A 1 11  ? 8.375   -3.680  8.248   1.00 24.76 ? 989  LEU A O   1 
ATOM   89   C CB  . LEU A 1 11  ? 7.301   -6.014  10.436  1.00 26.77 ? 989  LEU A CB  1 
ATOM   90   C CG  . LEU A 1 11  ? 6.096   -5.841  9.485   1.00 28.96 ? 989  LEU A CG  1 
ATOM   91   C CD1 . LEU A 1 11  ? 6.309   -6.622  8.194   1.00 29.18 ? 989  LEU A CD1 1 
ATOM   92   C CD2 . LEU A 1 11  ? 4.781   -6.245  10.156  1.00 30.37 ? 989  LEU A CD2 1 
ATOM   93   N N   . ARG A 1 12  ? 8.282   -3.035  10.402  1.00 24.25 ? 990  ARG A N   1 
ATOM   94   C CA  . ARG A 1 12  ? 8.081   -1.625  10.058  1.00 25.64 ? 990  ARG A CA  1 
ATOM   95   C C   . ARG A 1 12  ? 9.227   -1.081  9.212   1.00 25.56 ? 990  ARG A C   1 
ATOM   96   O O   . ARG A 1 12  ? 9.000   -0.353  8.237   1.00 23.95 ? 990  ARG A O   1 
ATOM   97   C CB  . ARG A 1 12  ? 7.906   -0.787  11.331  1.00 26.36 ? 990  ARG A CB  1 
ATOM   98   C CG  . ARG A 1 12  ? 6.607   -1.115  12.095  1.00 25.95 ? 990  ARG A CG  1 
ATOM   99   C CD  . ARG A 1 12  ? 6.289   -0.034  13.133  1.00 28.29 ? 990  ARG A CD  1 
ATOM   100  N NE  . ARG A 1 12  ? 7.313   0.057   14.186  1.00 29.28 ? 990  ARG A NE  1 
ATOM   101  C CZ  . ARG A 1 12  ? 7.324   -0.691  15.291  1.00 30.37 ? 990  ARG A CZ  1 
ATOM   102  N NH1 . ARG A 1 12  ? 6.389   -1.602  15.493  1.00 30.07 ? 990  ARG A NH1 1 
ATOM   103  N NH2 . ARG A 1 12  ? 8.279   -0.531  16.200  1.00 31.80 ? 990  ARG A NH2 1 
ATOM   104  N N   . ILE A 1 13  ? 10.464  -1.411  9.577   1.00 25.40 ? 991  ILE A N   1 
ATOM   105  C CA  . ILE A 1 13  ? 11.613  -0.965  8.790   1.00 24.70 ? 991  ILE A CA  1 
ATOM   106  C C   . ILE A 1 13  ? 11.509  -1.484  7.360   1.00 25.42 ? 991  ILE A C   1 
ATOM   107  O O   . ILE A 1 13  ? 11.733  -0.742  6.390   1.00 24.86 ? 991  ILE A O   1 
ATOM   108  C CB  . ILE A 1 13  ? 12.922  -1.415  9.461   1.00 25.05 ? 991  ILE A CB  1 
ATOM   109  C CG1 . ILE A 1 13  ? 13.101  -0.666  10.785  1.00 29.15 ? 991  ILE A CG1 1 
ATOM   110  C CG2 . ILE A 1 13  ? 14.125  -1.158  8.543   1.00 25.55 ? 991  ILE A CG2 1 
ATOM   111  C CD1 . ILE A 1 13  ? 14.154  -1.290  11.695  1.00 28.76 ? 991  ILE A CD1 1 
ATOM   112  N N   . PHE A 1 14  ? 11.172  -2.764  7.215   1.00 23.66 ? 992  PHE A N   1 
ATOM   113  C CA  . PHE A 1 14  ? 11.007  -3.354  5.891   1.00 26.78 ? 992  PHE A CA  1 
ATOM   114  C C   . PHE A 1 14  ? 9.893   -2.651  5.112   1.00 25.87 ? 992  PHE A C   1 
ATOM   115  O O   . PHE A 1 14  ? 10.079  -2.270  3.949   1.00 23.90 ? 992  PHE A O   1 
ATOM   116  C CB  . PHE A 1 14  ? 10.720  -4.847  6.027   1.00 26.01 ? 992  PHE A CB  1 
ATOM   117  C CG  . PHE A 1 14  ? 10.378  -5.503  4.725   1.00 27.09 ? 992  PHE A CG  1 
ATOM   118  C CD1 . PHE A 1 14  ? 11.366  -5.770  3.789   1.00 29.62 ? 992  PHE A CD1 1 
ATOM   119  C CD2 . PHE A 1 14  ? 9.067   -5.827  4.429   1.00 29.99 ? 992  PHE A CD2 1 
ATOM   120  C CE1 . PHE A 1 14  ? 11.041  -6.366  2.563   1.00 31.65 ? 992  PHE A CE1 1 
ATOM   121  C CE2 . PHE A 1 14  ? 8.739   -6.432  3.217   1.00 32.75 ? 992  PHE A CE2 1 
ATOM   122  C CZ  . PHE A 1 14  ? 9.724   -6.693  2.287   1.00 29.02 ? 992  PHE A CZ  1 
ATOM   123  N N   . LEU A 1 15  ? 8.729   -2.446  5.746   1.00 24.01 ? 993  LEU A N   1 
ATOM   124  C CA  . LEU A 1 15  ? 7.610   -1.814  5.035   1.00 23.34 ? 993  LEU A CA  1 
ATOM   125  C C   . LEU A 1 15  ? 7.921   -0.373  4.638   1.00 24.44 ? 993  LEU A C   1 
ATOM   126  O O   . LEU A 1 15  ? 7.469   0.101   3.586   1.00 24.61 ? 993  LEU A O   1 
ATOM   127  C CB  . LEU A 1 15  ? 6.339   -1.864  5.888   1.00 24.26 ? 993  LEU A CB  1 
ATOM   128  C CG  . LEU A 1 15  ? 5.828   -3.272  6.177   1.00 25.54 ? 993  LEU A CG  1 
ATOM   129  C CD1 . LEU A 1 15  ? 4.562   -3.231  7.070   1.00 26.51 ? 993  LEU A CD1 1 
ATOM   130  C CD2 . LEU A 1 15  ? 5.571   -4.030  4.863   1.00 25.01 ? 993  LEU A CD2 1 
ATOM   131  N N   . ARG A 1 16  ? 8.641   0.363   5.481   1.00 21.95 ? 994  ARG A N   1 
ATOM   132  C CA  . ARG A 1 16  ? 9.015   1.722   5.111   1.00 24.40 ? 994  ARG A CA  1 
ATOM   133  C C   . ARG A 1 16  ? 9.909   1.718   3.880   1.00 25.48 ? 994  ARG A C   1 
ATOM   134  O O   . ARG A 1 16  ? 9.808   2.594   3.014   1.00 24.94 ? 994  ARG A O   1 
ATOM   135  C CB  . ARG A 1 16  ? 9.744   2.408   6.268   1.00 26.60 ? 994  ARG A CB  1 
ATOM   136  C CG  . ARG A 1 16  ? 8.822   2.979   7.310   1.00 27.95 ? 994  ARG A CG  1 
ATOM   137  C CD  . ARG A 1 16  ? 9.600   3.811   8.342   1.00 30.72 ? 994  ARG A CD  1 
ATOM   138  N NE  . ARG A 1 16  ? 8.870   3.759   9.597   1.00 32.53 ? 994  ARG A NE  1 
ATOM   139  C CZ  . ARG A 1 16  ? 9.203   3.003   10.635  1.00 35.18 ? 994  ARG A CZ  1 
ATOM   140  N NH1 . ARG A 1 16  ? 10.303  2.256   10.596  1.00 30.89 ? 994  ARG A NH1 1 
ATOM   141  N NH2 . ARG A 1 16  ? 8.428   3.005   11.718  1.00 33.41 ? 994  ARG A NH2 1 
ATOM   142  N N   . ASN A 1 17  ? 10.818  0.757   3.813   1.00 23.41 ? 995  ASN A N   1 
ATOM   143  C CA  . ASN A 1 17  ? 11.728  0.697   2.675   1.00 23.89 ? 995  ASN A CA  1 
ATOM   144  C C   . ASN A 1 17  ? 10.979  0.366   1.387   1.00 23.99 ? 995  ASN A C   1 
ATOM   145  O O   . ASN A 1 17  ? 11.184  1.017   0.356   1.00 26.39 ? 995  ASN A O   1 
ATOM   146  C CB  . ASN A 1 17  ? 12.822  -0.330  2.951   1.00 25.85 ? 995  ASN A CB  1 
ATOM   147  C CG  . ASN A 1 17  ? 13.710  -0.532  1.755   1.00 29.01 ? 995  ASN A CG  1 
ATOM   148  O OD1 . ASN A 1 17  ? 13.547  -1.489  1.020   1.00 28.32 ? 995  ASN A OD1 1 
ATOM   149  N ND2 . ASN A 1 17  ? 14.631  0.399   1.531   1.00 34.31 ? 995  ASN A ND2 1 
ATOM   150  N N   . VAL A 1 18  ? 10.095  -0.632  1.431   1.00 23.88 ? 996  VAL A N   1 
ATOM   151  C CA  . VAL A 1 18  ? 9.288   -0.957  0.253   1.00 25.11 ? 996  VAL A CA  1 
ATOM   152  C C   . VAL A 1 18  ? 8.461   0.253   -0.170  1.00 25.17 ? 996  VAL A C   1 
ATOM   153  O O   . VAL A 1 18  ? 8.409   0.613   -1.356  1.00 23.97 ? 996  VAL A O   1 
ATOM   154  C CB  . VAL A 1 18  ? 8.384   -2.174  0.528   1.00 24.17 ? 996  VAL A CB  1 
ATOM   155  C CG1 . VAL A 1 18  ? 7.450   -2.420  -0.672  1.00 25.37 ? 996  VAL A CG1 1 
ATOM   156  C CG2 . VAL A 1 18  ? 9.222   -3.419  0.841   1.00 26.17 ? 996  VAL A CG2 1 
ATOM   157  N N   . THR A 1 19  ? 7.797   0.895   0.796   1.00 22.05 ? 997  THR A N   1 
ATOM   158  C CA  . THR A 1 19  ? 6.907   2.014   0.470   1.00 22.69 ? 997  THR A CA  1 
ATOM   159  C C   . THR A 1 19  ? 7.691   3.174   -0.122  1.00 25.25 ? 997  THR A C   1 
ATOM   160  O O   . THR A 1 19  ? 7.233   3.831   -1.068  1.00 26.05 ? 997  THR A O   1 
ATOM   161  C CB  . THR A 1 19  ? 6.138   2.468   1.718   1.00 23.71 ? 997  THR A CB  1 
ATOM   162  O OG1 . THR A 1 19  ? 5.507   1.335   2.335   1.00 24.72 ? 997  THR A OG1 1 
ATOM   163  C CG2 . THR A 1 19  ? 5.061   3.512   1.346   1.00 25.85 ? 997  THR A CG2 1 
ATOM   164  N N   . HIS A 1 20  ? 8.892   3.425   0.407   1.00 23.14 ? 998  HIS A N   1 
ATOM   165  C CA  . HIS A 1 20  ? 9.748   4.460   -0.155  1.00 24.56 ? 998  HIS A CA  1 
ATOM   166  C C   . HIS A 1 20  ? 10.111  4.156   -1.607  1.00 25.15 ? 998  HIS A C   1 
ATOM   167  O O   . HIS A 1 20  ? 10.092  5.049   -2.462  1.00 26.26 ? 998  HIS A O   1 
ATOM   168  C CB  . HIS A 1 20  ? 11.018  4.600   0.692   1.00 28.39 ? 998  HIS A CB  1 
ATOM   169  C CG  . HIS A 1 20  ? 11.913  5.718   0.252   1.00 33.02 ? 998  HIS A CG  1 
ATOM   170  N ND1 . HIS A 1 20  ? 13.153  5.502   -0.316  1.00 40.00 ? 998  HIS A ND1 1 
ATOM   171  C CD2 . HIS A 1 20  ? 11.745  7.063   0.287   1.00 32.55 ? 998  HIS A CD2 1 
ATOM   172  C CE1 . HIS A 1 20  ? 13.710  6.665   -0.610  1.00 36.19 ? 998  HIS A CE1 1 
ATOM   173  N NE2 . HIS A 1 20  ? 12.876  7.627   -0.256  1.00 43.49 ? 998  HIS A NE2 1 
ATOM   174  N N   . ARG A 1 21  ? 10.454  2.902   -1.901  1.00 24.73 ? 999  ARG A N   1 
ATOM   175  C CA  . ARG A 1 21  ? 10.815  2.545   -3.269  1.00 24.80 ? 999  ARG A CA  1 
ATOM   176  C C   . ARG A 1 21  ? 9.639   2.697   -4.224  1.00 27.95 ? 999  ARG A C   1 
ATOM   177  O O   . ARG A 1 21  ? 9.835   3.072   -5.386  1.00 28.45 ? 999  ARG A O   1 
ATOM   178  C CB  . ARG A 1 21  ? 11.377  1.130   -3.301  1.00 26.17 ? 999  ARG A CB  1 
ATOM   179  C CG  . ARG A 1 21  ? 12.785  1.089   -2.710  1.00 27.39 ? 999  ARG A CG  1 
ATOM   180  C CD  . ARG A 1 21  ? 13.108  -0.262  -2.060  1.00 26.81 ? 999  ARG A CD  1 
ATOM   181  N NE  . ARG A 1 21  ? 13.224  -1.317  -3.055  1.00 29.12 ? 999  ARG A NE  1 
ATOM   182  C CZ  . ARG A 1 21  ? 13.334  -2.611  -2.754  1.00 27.01 ? 999  ARG A CZ  1 
ATOM   183  N NH1 . ARG A 1 21  ? 13.354  -3.010  -1.488  1.00 26.98 ? 999  ARG A NH1 1 
ATOM   184  N NH2 . ARG A 1 21  ? 13.423  -3.506  -3.724  1.00 27.41 ? 999  ARG A NH2 1 
ATOM   185  N N   . LEU A 1 22  ? 8.419   2.433   -3.752  1.00 26.46 ? 1000 LEU A N   1 
ATOM   186  C CA  . LEU A 1 22  ? 7.242   2.712   -4.571  1.00 27.36 ? 1000 LEU A CA  1 
ATOM   187  C C   . LEU A 1 22  ? 7.033   4.210   -4.751  1.00 27.55 ? 1000 LEU A C   1 
ATOM   188  O O   . LEU A 1 22  ? 6.719   4.669   -5.857  1.00 28.60 ? 1000 LEU A O   1 
ATOM   189  C CB  . LEU A 1 22  ? 6.000   2.082   -3.942  1.00 24.98 ? 1000 LEU A CB  1 
ATOM   190  C CG  . LEU A 1 22  ? 6.012   0.569   -3.771  1.00 25.60 ? 1000 LEU A CG  1 
ATOM   191  C CD1 . LEU A 1 22  ? 4.758   0.155   -2.980  1.00 26.79 ? 1000 LEU A CD1 1 
ATOM   192  C CD2 . LEU A 1 22  ? 6.058   -0.147  -5.117  1.00 29.12 ? 1000 LEU A CD2 1 
ATOM   193  N N   . ALA A 1 23  ? 7.195   4.986   -3.676  1.00 26.75 ? 1001 ALA A N   1 
ATOM   194  C CA  . ALA A 1 23  ? 6.846   6.401   -3.710  1.00 30.18 ? 1001 ALA A CA  1 
ATOM   195  C C   . ALA A 1 23  ? 7.789   7.220   -4.571  1.00 33.28 ? 1001 ALA A C   1 
ATOM   196  O O   . ALA A 1 23  ? 7.399   8.295   -5.029  1.00 32.67 ? 1001 ALA A O   1 
ATOM   197  C CB  . ALA A 1 23  ? 6.824   6.992   -2.299  1.00 32.05 ? 1001 ALA A CB  1 
ATOM   198  N N   . ILE A 1 24  ? 9.026   6.762   -4.788  1.00 30.11 ? 1002 ILE A N   1 
ATOM   199  C CA  . ILE A 1 24  ? 9.953   7.535   -5.610  1.00 33.44 ? 1002 ILE A CA  1 
ATOM   200  C C   . ILE A 1 24  ? 9.881   7.147   -7.076  1.00 35.19 ? 1002 ILE A C   1 
ATOM   201  O O   . ILE A 1 24  ? 10.557  7.768   -7.909  1.00 35.96 ? 1002 ILE A O   1 
ATOM   202  C CB  . ILE A 1 24  ? 11.405  7.413   -5.097  1.00 31.83 ? 1002 ILE A CB  1 
ATOM   203  C CG1 . ILE A 1 24  ? 11.919  5.983   -5.262  1.00 31.10 ? 1002 ILE A CG1 1 
ATOM   204  C CG2 . ILE A 1 24  ? 11.497  7.868   -3.654  1.00 34.71 ? 1002 ILE A CG2 1 
ATOM   205  C CD1 . ILE A 1 24  ? 13.366  5.783   -4.808  1.00 36.27 ? 1002 ILE A CD1 1 
ATOM   206  N N   . ASP A 1 25  ? 9.082   6.141   -7.423  1.00 32.23 ? 1003 ASP A N   1 
ATOM   207  C CA  . ASP A 1 25  ? 8.919   5.716   -8.806  1.00 34.27 ? 1003 ASP A CA  1 
ATOM   208  C C   . ASP A 1 25  ? 7.975   6.679   -9.528  1.00 35.17 ? 1003 ASP A C   1 
ATOM   209  O O   . ASP A 1 25  ? 6.833   6.881   -9.093  1.00 32.46 ? 1003 ASP A O   1 
ATOM   210  C CB  . ASP A 1 25  ? 8.393   4.282   -8.836  1.00 33.03 ? 1003 ASP A CB  1 
ATOM   211  C CG  . ASP A 1 25  ? 8.438   3.660   -10.215 1.00 34.75 ? 1003 ASP A CG  1 
ATOM   212  O OD1 . ASP A 1 25  ? 8.020   4.316   -11.196 1.00 35.26 ? 1003 ASP A OD1 1 
ATOM   213  O OD2 . ASP A 1 25  ? 8.866   2.489   -10.308 1.00 37.36 ? 1003 ASP A OD2 1 
ATOM   214  N N   . LYS A 1 26  ? 8.452   7.270   -10.635 1.00 33.23 ? 1004 LYS A N   1 
ATOM   215  C CA  . LYS A 1 26  ? 7.679   8.294   -11.340 1.00 33.39 ? 1004 LYS A CA  1 
ATOM   216  C C   . LYS A 1 26  ? 6.315   7.778   -11.790 1.00 32.52 ? 1004 LYS A C   1 
ATOM   217  O O   . LYS A 1 26  ? 5.356   8.555   -11.865 1.00 35.39 ? 1004 LYS A O   1 
ATOM   218  C CB  . LYS A 1 26  ? 8.469   8.816   -12.550 1.00 36.28 ? 1004 LYS A CB  1 
ATOM   219  N N   . ARG A 1 27  ? 6.205   6.479   -12.077 1.00 31.71 ? 1005 ARG A N   1 
ATOM   220  C CA  . ARG A 1 27  ? 4.931   5.919   -12.524 1.00 31.63 ? 1005 ARG A CA  1 
ATOM   221  C C   . ARG A 1 27  ? 3.849   6.059   -11.464 1.00 33.10 ? 1005 ARG A C   1 
ATOM   222  O O   . ARG A 1 27  ? 2.659   6.091   -11.795 1.00 30.86 ? 1005 ARG A O   1 
ATOM   223  C CB  . ARG A 1 27  ? 5.088   4.441   -12.863 1.00 33.52 ? 1005 ARG A CB  1 
ATOM   224  C CG  . ARG A 1 27  ? 5.903   4.161   -14.106 1.00 36.24 ? 1005 ARG A CG  1 
ATOM   225  C CD  . ARG A 1 27  ? 6.076   2.684   -14.252 1.00 33.28 ? 1005 ARG A CD  1 
ATOM   226  N NE  . ARG A 1 27  ? 6.828   2.118   -13.135 1.00 34.60 ? 1005 ARG A NE  1 
ATOM   227  C CZ  . ARG A 1 27  ? 6.940   0.816   -12.903 1.00 35.54 ? 1005 ARG A CZ  1 
ATOM   228  N NH1 . ARG A 1 27  ? 6.334   -0.053  -13.707 1.00 36.69 ? 1005 ARG A NH1 1 
ATOM   229  N NH2 . ARG A 1 27  ? 7.649   0.378   -11.871 1.00 36.82 ? 1005 ARG A NH2 1 
ATOM   230  N N   . PHE A 1 28  ? 4.240   6.124   -10.194 1.00 28.58 ? 1006 PHE A N   1 
ATOM   231  C CA  . PHE A 1 28  ? 3.292   6.018   -9.088  1.00 30.31 ? 1006 PHE A CA  1 
ATOM   232  C C   . PHE A 1 28  ? 3.032   7.355   -8.408  1.00 33.18 ? 1006 PHE A C   1 
ATOM   233  O O   . PHE A 1 28  ? 2.422   7.383   -7.332  1.00 31.82 ? 1006 PHE A O   1 
ATOM   234  C CB  . PHE A 1 28  ? 3.798   4.974   -8.092  1.00 27.88 ? 1006 PHE A CB  1 
ATOM   235  C CG  . PHE A 1 28  ? 4.109   3.640   -8.731  1.00 32.34 ? 1006 PHE A CG  1 
ATOM   236  C CD1 . PHE A 1 28  ? 3.366   3.187   -9.825  1.00 27.58 ? 1006 PHE A CD1 1 
ATOM   237  C CD2 . PHE A 1 28  ? 5.129   2.840   -8.248  1.00 26.60 ? 1006 PHE A CD2 1 
ATOM   238  C CE1 . PHE A 1 28  ? 3.644   1.972   -10.421 1.00 27.60 ? 1006 PHE A CE1 1 
ATOM   239  C CE2 . PHE A 1 28  ? 5.418   1.622   -8.843  1.00 28.38 ? 1006 PHE A CE2 1 
ATOM   240  C CZ  . PHE A 1 28  ? 4.674   1.181   -9.927  1.00 31.13 ? 1006 PHE A CZ  1 
ATOM   241  N N   . ARG A 1 29  ? 3.448   8.467   -9.024  1.00 32.10 ? 1007 ARG A N   1 
ATOM   242  C CA  . ARG A 1 29  ? 3.292   9.767   -8.378  1.00 34.74 ? 1007 ARG A CA  1 
ATOM   243  C C   . ARG A 1 29  ? 1.832   10.063  -8.050  1.00 33.36 ? 1007 ARG A C   1 
ATOM   244  O O   . ARG A 1 29  ? 1.541   10.673  -7.019  1.00 35.40 ? 1007 ARG A O   1 
ATOM   245  C CB  . ARG A 1 29  ? 3.879   10.882  -9.250  1.00 37.59 ? 1007 ARG A CB  1 
ATOM   246  C CG  . ARG A 1 29  ? 3.860   12.246  -8.563  1.00 41.42 ? 1007 ARG A CG  1 
ATOM   247  C CD  . ARG A 1 29  ? 3.731   13.408  -9.544  1.00 51.80 ? 1007 ARG A CD  1 
ATOM   248  N NE  . ARG A 1 29  ? 3.213   12.974  -10.840 1.00 57.48 ? 1007 ARG A NE  1 
ATOM   249  C CZ  . ARG A 1 29  ? 1.943   13.096  -11.233 1.00 56.77 ? 1007 ARG A CZ  1 
ATOM   250  N NH1 . ARG A 1 29  ? 1.035   13.640  -10.428 1.00 54.50 ? 1007 ARG A NH1 1 
ATOM   251  N NH2 . ARG A 1 29  ? 1.578   12.655  -12.436 1.00 56.12 ? 1007 ARG A NH2 1 
ATOM   252  N N   . VAL A 1 30  ? 0.900   9.633   -8.904  1.00 32.63 ? 1008 VAL A N   1 
ATOM   253  C CA  . VAL A 1 30  ? -0.513  9.909   -8.646  1.00 34.98 ? 1008 VAL A CA  1 
ATOM   254  C C   . VAL A 1 30  ? -1.017  9.197   -7.400  1.00 36.75 ? 1008 VAL A C   1 
ATOM   255  O O   . VAL A 1 30  ? -2.080  9.555   -6.875  1.00 35.41 ? 1008 VAL A O   1 
ATOM   256  C CB  . VAL A 1 30  ? -1.400  9.518   -9.841  1.00 36.58 ? 1008 VAL A CB  1 
ATOM   257  C CG1 . VAL A 1 30  ? -1.132  10.445  -11.019 1.00 44.11 ? 1008 VAL A CG1 1 
ATOM   258  C CG2 . VAL A 1 30  ? -1.192  8.043   -10.216 1.00 34.59 ? 1008 VAL A CG2 1 
ATOM   259  N N   . PHE A 1 31  ? -0.279  8.207   -6.898  1.00 32.62 ? 1009 PHE A N   1 
ATOM   260  C CA  . PHE A 1 31  ? -0.686  7.470   -5.710  1.00 34.32 ? 1009 PHE A CA  1 
ATOM   261  C C   . PHE A 1 31  ? 0.062   7.904   -4.450  1.00 32.03 ? 1009 PHE A C   1 
ATOM   262  O O   . PHE A 1 31  ? -0.093  7.262   -3.408  1.00 31.56 ? 1009 PHE A O   1 
ATOM   263  C CB  . PHE A 1 31  ? -0.494  5.968   -5.939  1.00 30.64 ? 1009 PHE A CB  1 
ATOM   264  C CG  . PHE A 1 31  ? -1.162  5.449   -7.185  1.00 31.33 ? 1009 PHE A CG  1 
ATOM   265  C CD1 . PHE A 1 31  ? -2.525  5.657   -7.403  1.00 31.88 ? 1009 PHE A CD1 1 
ATOM   266  C CD2 . PHE A 1 31  ? -0.424  4.767   -8.142  1.00 32.75 ? 1009 PHE A CD2 1 
ATOM   267  C CE1 . PHE A 1 31  ? -3.138  5.174   -8.555  1.00 33.63 ? 1009 PHE A CE1 1 
ATOM   268  C CE2 . PHE A 1 31  ? -1.024  4.282   -9.303  1.00 32.70 ? 1009 PHE A CE2 1 
ATOM   269  C CZ  . PHE A 1 31  ? -2.386  4.485   -9.511  1.00 31.79 ? 1009 PHE A CZ  1 
ATOM   270  N N   . THR A 1 32  ? 0.867   8.967   -4.511  1.00 31.25 ? 1010 THR A N   1 
ATOM   271  C CA  . THR A 1 32  ? 1.724   9.292   -3.377  1.00 34.20 ? 1010 THR A CA  1 
ATOM   272  C C   . THR A 1 32  ? 1.035   10.137  -2.314  1.00 37.73 ? 1010 THR A C   1 
ATOM   273  O O   . THR A 1 32  ? 1.465   10.104  -1.156  1.00 38.52 ? 1010 THR A O   1 
ATOM   274  C CB  . THR A 1 32  ? 2.992   10.019  -3.832  1.00 37.58 ? 1010 THR A CB  1 
ATOM   275  O OG1 . THR A 1 32  ? 2.632   11.178  -4.603  1.00 34.50 ? 1010 THR A OG1 1 
ATOM   276  C CG2 . THR A 1 32  ? 3.885   9.083   -4.649  1.00 32.28 ? 1010 THR A CG2 1 
ATOM   277  N N   . LYS A 1 33  ? -0.013  10.875  -2.657  1.00 38.98 ? 1011 LYS A N   1 
ATOM   278  C CA  . LYS A 1 33  ? -0.642  11.807  -1.737  1.00 39.30 ? 1011 LYS A CA  1 
ATOM   279  C C   . LYS A 1 33  ? -2.156  11.663  -1.783  1.00 39.78 ? 1011 LYS A C   1 
ATOM   280  O O   . LYS A 1 33  ? -2.706  11.127  -2.752  1.00 37.89 ? 1011 LYS A O   1 
ATOM   281  C CB  . LYS A 1 33  ? -0.242  13.256  -2.066  1.00 42.55 ? 1011 LYS A CB  1 
ATOM   282  C CG  . LYS A 1 33  ? 1.169   13.613  -1.615  1.00 47.16 ? 1011 LYS A CG  1 
ATOM   283  C CD  . LYS A 1 33  ? 1.316   13.364  -0.112  1.00 51.87 ? 1011 LYS A CD  1 
ATOM   284  C CE  . LYS A 1 33  ? 2.508   14.097  0.529   1.00 55.68 ? 1011 LYS A CE  1 
ATOM   285  N NZ  . LYS A 1 33  ? 2.087   15.148  1.519   1.00 60.09 ? 1011 LYS A NZ  1 
ATOM   286  N N   . PRO A 1 34  ? -2.860  12.116  -0.742  1.00 42.88 ? 1012 PRO A N   1 
ATOM   287  C CA  . PRO A 1 34  ? -4.328  12.070  -0.775  1.00 46.81 ? 1012 PRO A CA  1 
ATOM   288  C C   . PRO A 1 34  ? -4.886  12.965  -1.870  1.00 46.00 ? 1012 PRO A C   1 
ATOM   289  O O   . PRO A 1 34  ? -4.242  13.905  -2.332  1.00 47.33 ? 1012 PRO A O   1 
ATOM   290  C CB  . PRO A 1 34  ? -4.738  12.582  0.614   1.00 46.43 ? 1012 PRO A CB  1 
ATOM   291  C CG  . PRO A 1 34  ? -3.542  12.411  1.461   1.00 44.10 ? 1012 PRO A CG  1 
ATOM   292  C CD  . PRO A 1 34  ? -2.364  12.626  0.547   1.00 41.62 ? 1012 PRO A CD  1 
ATOM   293  N N   . VAL A 1 35  ? -6.121  12.672  -2.264  1.00 51.43 ? 1013 VAL A N   1 
ATOM   294  C CA  . VAL A 1 35  ? -6.795  13.408  -3.329  1.00 57.03 ? 1013 VAL A CA  1 
ATOM   295  C C   . VAL A 1 35  ? -7.366  14.704  -2.754  1.00 65.30 ? 1013 VAL A C   1 
ATOM   296  O O   . VAL A 1 35  ? -8.302  14.679  -1.951  1.00 65.25 ? 1013 VAL A O   1 
ATOM   297  C CB  . VAL A 1 35  ? -7.895  12.563  -3.979  1.00 55.58 ? 1013 VAL A CB  1 
ATOM   298  C CG1 . VAL A 1 35  ? -8.710  13.404  -4.949  1.00 59.04 ? 1013 VAL A CG1 1 
ATOM   299  C CG2 . VAL A 1 35  ? -7.287  11.368  -4.679  1.00 49.99 ? 1013 VAL A CG2 1 
ATOM   300  N N   . ASP A 1 36  ? -6.813  15.834  -3.182  1.00 69.67 ? 1014 ASP A N   1 
ATOM   301  C CA  . ASP A 1 36  ? -7.311  17.154  -2.804  1.00 74.30 ? 1014 ASP A CA  1 
ATOM   302  C C   . ASP A 1 36  ? -8.721  17.365  -3.354  1.00 76.57 ? 1014 ASP A C   1 
ATOM   303  O O   . ASP A 1 36  ? -8.904  17.358  -4.582  1.00 77.36 ? 1014 ASP A O   1 
ATOM   304  C CB  . ASP A 1 36  ? -6.355  18.226  -3.331  1.00 77.45 ? 1014 ASP A CB  1 
ATOM   305  C CG  . ASP A 1 36  ? -6.822  19.642  -3.032  1.00 82.99 ? 1014 ASP A CG  1 
ATOM   306  O OD1 . ASP A 1 36  ? -7.672  19.824  -2.134  1.00 81.86 ? 1014 ASP A OD1 1 
ATOM   307  O OD2 . ASP A 1 36  ? -6.329  20.579  -3.698  1.00 85.31 ? 1014 ASP A OD2 1 
ATOM   308  N N   . PRO A 1 37  ? -9.735  17.557  -2.502  1.00 79.16 ? 1015 PRO A N   1 
ATOM   309  C CA  . PRO A 1 37  ? -11.107 17.703  -3.022  1.00 80.51 ? 1015 PRO A CA  1 
ATOM   310  C C   . PRO A 1 37  ? -11.306 18.941  -3.882  1.00 81.58 ? 1015 PRO A C   1 
ATOM   311  O O   . PRO A 1 37  ? -12.294 19.008  -4.624  1.00 80.70 ? 1015 PRO A O   1 
ATOM   312  C CB  . PRO A 1 37  ? -11.963 17.756  -1.748  1.00 81.06 ? 1015 PRO A CB  1 
ATOM   313  C CG  . PRO A 1 37  ? -11.029 18.246  -0.687  1.00 78.60 ? 1015 PRO A CG  1 
ATOM   314  C CD  . PRO A 1 37  ? -9.679  17.683  -1.035  1.00 77.51 ? 1015 PRO A CD  1 
ATOM   315  N N   . ASP A 1 38  ? -10.400 19.921  -3.801  1.00 83.12 ? 1016 ASP A N   1 
ATOM   316  C CA  . ASP A 1 38  ? -10.444 21.056  -4.718  1.00 85.45 ? 1016 ASP A CA  1 
ATOM   317  C C   . ASP A 1 38  ? -10.275 20.594  -6.160  1.00 83.26 ? 1016 ASP A C   1 
ATOM   318  O O   . ASP A 1 38  ? -11.102 20.903  -7.026  1.00 81.94 ? 1016 ASP A O   1 
ATOM   319  C CB  . ASP A 1 38  ? -9.355  22.070  -4.358  1.00 87.98 ? 1016 ASP A CB  1 
ATOM   320  C CG  . ASP A 1 38  ? -9.566  22.699  -2.993  1.00 91.52 ? 1016 ASP A CG  1 
ATOM   321  O OD1 . ASP A 1 38  ? -10.658 22.511  -2.410  1.00 89.42 ? 1016 ASP A OD1 1 
ATOM   322  O OD2 . ASP A 1 38  ? -8.636  23.381  -2.505  1.00 93.21 ? 1016 ASP A OD2 1 
ATOM   323  N N   . GLU A 1 39  ? -9.205  19.844  -6.433  1.00 81.36 ? 1017 GLU A N   1 
ATOM   324  C CA  . GLU A 1 39  ? -8.949  19.390  -7.796  1.00 81.29 ? 1017 GLU A CA  1 
ATOM   325  C C   . GLU A 1 39  ? -9.964  18.341  -8.234  1.00 79.49 ? 1017 GLU A C   1 
ATOM   326  O O   . GLU A 1 39  ? -10.452 18.379  -9.371  1.00 79.34 ? 1017 GLU A O   1 
ATOM   327  C CB  . GLU A 1 39  ? -7.528  18.839  -7.907  1.00 82.47 ? 1017 GLU A CB  1 
ATOM   328  C CG  . GLU A 1 39  ? -6.438  19.893  -7.838  1.00 86.01 ? 1017 GLU A CG  1 
ATOM   329  C CD  . GLU A 1 39  ? -5.187  19.396  -7.132  1.00 90.39 ? 1017 GLU A CD  1 
ATOM   330  O OE1 . GLU A 1 39  ? -4.806  19.996  -6.104  1.00 92.17 ? 1017 GLU A OE1 1 
ATOM   331  O OE2 . GLU A 1 39  ? -4.582  18.408  -7.606  1.00 90.03 ? 1017 GLU A OE2 1 
ATOM   332  N N   . VAL A 1 40  ? -10.293 17.397  -7.355  1.00 75.31 ? 1018 VAL A N   1 
ATOM   333  C CA  . VAL A 1 40  ? -11.134 16.264  -7.730  1.00 72.41 ? 1018 VAL A CA  1 
ATOM   334  C C   . VAL A 1 40  ? -12.341 16.194  -6.803  1.00 73.11 ? 1018 VAL A C   1 
ATOM   335  O O   . VAL A 1 40  ? -12.336 15.421  -5.832  1.00 70.64 ? 1018 VAL A O   1 
ATOM   336  C CB  . VAL A 1 40  ? -10.337 14.950  -7.700  1.00 69.59 ? 1018 VAL A CB  1 
ATOM   337  C CG1 . VAL A 1 40  ? -11.045 13.902  -8.498  1.00 65.53 ? 1018 VAL A CG1 1 
ATOM   338  C CG2 . VAL A 1 40  ? -8.934  15.157  -8.245  1.00 68.45 ? 1018 VAL A CG2 1 
ATOM   339  N N   . PRO A 1 41  ? -13.396 16.974  -7.062  1.00 74.53 ? 1019 PRO A N   1 
ATOM   340  C CA  . PRO A 1 41  ? -14.544 16.979  -6.138  1.00 70.43 ? 1019 PRO A CA  1 
ATOM   341  C C   . PRO A 1 41  ? -15.291 15.657  -6.072  1.00 66.08 ? 1019 PRO A C   1 
ATOM   342  O O   . PRO A 1 41  ? -15.753 15.271  -4.992  1.00 69.04 ? 1019 PRO A O   1 
ATOM   343  C CB  . PRO A 1 41  ? -15.430 18.102  -6.699  1.00 69.56 ? 1019 PRO A CB  1 
ATOM   344  C CG  . PRO A 1 41  ? -14.493 18.971  -7.475  1.00 73.24 ? 1019 PRO A CG  1 
ATOM   345  C CD  . PRO A 1 41  ? -13.508 18.023  -8.087  1.00 75.29 ? 1019 PRO A CD  1 
ATOM   346  N N   . ASP A 1 42  ? -15.431 14.953  -7.196  1.00 65.82 ? 1020 ASP A N   1 
ATOM   347  C CA  . ASP A 1 42  ? -16.216 13.723  -7.232  1.00 67.78 ? 1020 ASP A CA  1 
ATOM   348  C C   . ASP A 1 42  ? -15.503 12.526  -6.613  1.00 66.60 ? 1020 ASP A C   1 
ATOM   349  O O   . ASP A 1 42  ? -16.133 11.474  -6.453  1.00 65.29 ? 1020 ASP A O   1 
ATOM   350  C CB  . ASP A 1 42  ? -16.599 13.374  -8.674  1.00 62.92 ? 1020 ASP A CB  1 
ATOM   351  C CG  . ASP A 1 42  ? -15.389 13.211  -9.575  1.00 68.96 ? 1020 ASP A CG  1 
ATOM   352  O OD1 . ASP A 1 42  ? -14.295 13.684  -9.195  1.00 68.07 ? 1020 ASP A OD1 1 
ATOM   353  O OD2 . ASP A 1 42  ? -15.527 12.609  -10.662 1.00 67.63 ? 1020 ASP A OD2 1 
ATOM   354  N N   . TYR A 1 43  ? -14.219 12.651  -6.272  1.00 67.10 ? 1021 TYR A N   1 
ATOM   355  C CA  . TYR A 1 43  ? -13.479 11.501  -5.757  1.00 62.82 ? 1021 TYR A CA  1 
ATOM   356  C C   . TYR A 1 43  ? -13.987 11.097  -4.381  1.00 60.54 ? 1021 TYR A C   1 
ATOM   357  O O   . TYR A 1 43  ? -14.340 9.933   -4.153  1.00 59.27 ? 1021 TYR A O   1 
ATOM   358  C CB  . TYR A 1 43  ? -11.983 11.810  -5.699  1.00 58.11 ? 1021 TYR A CB  1 
ATOM   359  C CG  . TYR A 1 43  ? -11.131 10.590  -5.401  1.00 51.75 ? 1021 TYR A CG  1 
ATOM   360  C CD1 . TYR A 1 43  ? -10.738 9.733   -6.423  1.00 51.48 ? 1021 TYR A CD1 1 
ATOM   361  C CD2 . TYR A 1 43  ? -10.737 10.289  -4.101  1.00 51.93 ? 1021 TYR A CD2 1 
ATOM   362  C CE1 . TYR A 1 43  ? -9.965  8.618   -6.167  1.00 46.21 ? 1021 TYR A CE1 1 
ATOM   363  C CE2 . TYR A 1 43  ? -9.962  9.166   -3.831  1.00 45.51 ? 1021 TYR A CE2 1 
ATOM   364  C CZ  . TYR A 1 43  ? -9.581  8.338   -4.872  1.00 45.72 ? 1021 TYR A CZ  1 
ATOM   365  O OH  . TYR A 1 43  ? -8.809  7.224   -4.642  1.00 41.68 ? 1021 TYR A OH  1 
ATOM   366  N N   . VAL A 1 44  ? -14.032 12.056  -3.448  1.00 63.53 ? 1022 VAL A N   1 
ATOM   367  C CA  . VAL A 1 44  ? -14.376 11.750  -2.060  1.00 62.61 ? 1022 VAL A CA  1 
ATOM   368  C C   . VAL A 1 44  ? -15.744 11.089  -1.968  1.00 65.14 ? 1022 VAL A C   1 
ATOM   369  O O   . VAL A 1 44  ? -16.023 10.352  -1.011  1.00 65.56 ? 1022 VAL A O   1 
ATOM   370  C CB  . VAL A 1 44  ? -14.302 13.025  -1.195  1.00 66.36 ? 1022 VAL A CB  1 
ATOM   371  C CG1 . VAL A 1 44  ? -14.151 12.661  0.271   1.00 67.45 ? 1022 VAL A CG1 1 
ATOM   372  C CG2 . VAL A 1 44  ? -13.141 13.919  -1.642  1.00 69.84 ? 1022 VAL A CG2 1 
ATOM   373  N N   . THR A 1 45  ? -16.609 11.310  -2.960  1.00 65.30 ? 1023 THR A N   1 
ATOM   374  C CA  . THR A 1 45  ? -17.930 10.690  -2.928  1.00 67.20 ? 1023 THR A CA  1 
ATOM   375  C C   . THR A 1 45  ? -17.914 9.287   -3.537  1.00 62.65 ? 1023 THR A C   1 
ATOM   376  O O   . THR A 1 45  ? -18.584 8.380   -3.038  1.00 64.70 ? 1023 THR A O   1 
ATOM   377  C CB  . THR A 1 45  ? -18.946 11.574  -3.657  1.00 70.67 ? 1023 THR A CB  1 
ATOM   378  O OG1 . THR A 1 45  ? -18.311 12.206  -4.785  1.00 71.78 ? 1023 THR A OG1 1 
ATOM   379  C CG2 . THR A 1 45  ? -19.545 12.632  -2.721  1.00 70.68 ? 1023 THR A CG2 1 
ATOM   380  N N   . VAL A 1 46  ? -17.183 9.091   -4.632  1.00 60.25 ? 1024 VAL A N   1 
ATOM   381  C CA  . VAL A 1 46  ? -17.185 7.783   -5.289  1.00 56.13 ? 1024 VAL A CA  1 
ATOM   382  C C   . VAL A 1 46  ? -16.303 6.761   -4.557  1.00 54.70 ? 1024 VAL A C   1 
ATOM   383  O O   . VAL A 1 46  ? -16.652 5.575   -4.505  1.00 52.59 ? 1024 VAL A O   1 
ATOM   384  C CB  . VAL A 1 46  ? -16.773 7.923   -6.769  1.00 58.28 ? 1024 VAL A CB  1 
ATOM   385  C CG1 . VAL A 1 46  ? -16.256 6.594   -7.328  1.00 54.56 ? 1024 VAL A CG1 1 
ATOM   386  C CG2 . VAL A 1 46  ? -17.941 8.422   -7.605  1.00 63.60 ? 1024 VAL A CG2 1 
ATOM   387  N N   . ILE A 1 47  ? -15.175 7.180   -3.986  1.00 50.52 ? 1025 ILE A N   1 
ATOM   388  C CA  . ILE A 1 47  ? -14.255 6.257   -3.326  1.00 47.36 ? 1025 ILE A CA  1 
ATOM   389  C C   . ILE A 1 47  ? -14.494 6.331   -1.824  1.00 44.40 ? 1025 ILE A C   1 
ATOM   390  O O   . ILE A 1 47  ? -14.155 7.329   -1.176  1.00 46.13 ? 1025 ILE A O   1 
ATOM   391  C CB  . ILE A 1 47  ? -12.790 6.558   -3.662  1.00 42.95 ? 1025 ILE A CB  1 
ATOM   392  C CG1 . ILE A 1 47  ? -12.515 6.334   -5.146  1.00 38.56 ? 1025 ILE A CG1 1 
ATOM   393  C CG2 . ILE A 1 47  ? -11.900 5.654   -2.844  1.00 37.25 ? 1025 ILE A CG2 1 
ATOM   394  C CD1 . ILE A 1 47  ? -12.825 4.936   -5.640  1.00 35.03 ? 1025 ILE A CD1 1 
ATOM   395  N N   . LYS A 1 48  ? -15.055 5.261   -1.266  1.00 45.42 ? 1026 LYS A N   1 
ATOM   396  C CA  . LYS A 1 48  ? -15.468 5.265   0.133   1.00 47.47 ? 1026 LYS A CA  1 
ATOM   397  C C   . LYS A 1 48  ? -14.306 5.138   1.108   1.00 47.61 ? 1026 LYS A C   1 
ATOM   398  O O   . LYS A 1 48  ? -14.428 5.580   2.256   1.00 45.89 ? 1026 LYS A O   1 
ATOM   399  C CB  . LYS A 1 48  ? -16.468 4.133   0.380   1.00 49.28 ? 1026 LYS A CB  1 
ATOM   400  C CG  . LYS A 1 48  ? -17.765 4.313   -0.377  1.00 54.26 ? 1026 LYS A CG  1 
ATOM   401  C CD  . LYS A 1 48  ? -18.304 5.714   -0.158  1.00 57.43 ? 1026 LYS A CD  1 
ATOM   402  C CE  . LYS A 1 48  ? -19.398 6.056   -1.153  1.00 59.35 ? 1026 LYS A CE  1 
ATOM   403  N NZ  . LYS A 1 48  ? -20.056 7.352   -0.812  1.00 59.76 ? 1026 LYS A NZ  1 
ATOM   404  N N   . GLN A 1 49  ? -13.186 4.550   0.693   1.00 41.21 ? 1027 GLN A N   1 
ATOM   405  C CA  . GLN A 1 49  ? -12.063 4.298   1.593   1.00 40.83 ? 1027 GLN A CA  1 
ATOM   406  C C   . GLN A 1 49  ? -10.764 4.650   0.889   1.00 39.29 ? 1027 GLN A C   1 
ATOM   407  O O   . GLN A 1 49  ? -10.026 3.765   0.438   1.00 36.09 ? 1027 GLN A O   1 
ATOM   408  C CB  . GLN A 1 49  ? -12.056 2.844   2.060   1.00 41.77 ? 1027 GLN A CB  1 
ATOM   409  C CG  . GLN A 1 49  ? -11.128 2.607   3.226   1.00 41.89 ? 1027 GLN A CG  1 
ATOM   410  C CD  . GLN A 1 49  ? -11.189 1.183   3.727   1.00 43.57 ? 1027 GLN A CD  1 
ATOM   411  O OE1 . GLN A 1 49  ? -11.815 0.312   3.110   1.00 43.54 ? 1027 GLN A OE1 1 
ATOM   412  N NE2 . GLN A 1 49  ? -10.527 0.934   4.853   1.00 51.91 ? 1027 GLN A NE2 1 
ATOM   413  N N   . PRO A 1 50  ? -10.447 5.937   0.787   1.00 37.72 ? 1028 PRO A N   1 
ATOM   414  C CA  . PRO A 1 50  ? -9.252  6.351   0.039   1.00 35.94 ? 1028 PRO A CA  1 
ATOM   415  C C   . PRO A 1 50  ? -7.982  5.817   0.683   1.00 37.60 ? 1028 PRO A C   1 
ATOM   416  O O   . PRO A 1 50  ? -7.903  5.637   1.898   1.00 33.29 ? 1028 PRO A O   1 
ATOM   417  C CB  . PRO A 1 50  ? -9.302  7.883   0.108   1.00 40.06 ? 1028 PRO A CB  1 
ATOM   418  C CG  . PRO A 1 50  ? -10.172 8.188   1.296   1.00 41.52 ? 1028 PRO A CG  1 
ATOM   419  C CD  . PRO A 1 50  ? -11.185 7.089   1.339   1.00 38.81 ? 1028 PRO A CD  1 
ATOM   420  N N   . MET A 1 51  ? -6.974  5.575   -0.146  1.00 30.79 ? 1029 MET A N   1 
ATOM   421  C CA  . MET A 1 51  ? -5.697  5.103   0.370   1.00 31.73 ? 1029 MET A CA  1 
ATOM   422  C C   . MET A 1 51  ? -4.613  5.606   -0.568  1.00 32.20 ? 1029 MET A C   1 
ATOM   423  O O   . MET A 1 51  ? -4.843  5.710   -1.775  1.00 31.92 ? 1029 MET A O   1 
ATOM   424  C CB  . MET A 1 51  ? -5.682  3.572   0.474   1.00 32.31 ? 1029 MET A CB  1 
ATOM   425  C CG  . MET A 1 51  ? -4.439  2.975   1.175   1.00 30.96 ? 1029 MET A CG  1 
ATOM   426  S SD  . MET A 1 51  ? -4.098  3.640   2.818   1.00 36.03 ? 1029 MET A SD  1 
ATOM   427  C CE  . MET A 1 51  ? -5.664  3.299   3.642   1.00 33.38 ? 1029 MET A CE  1 
ATOM   428  N N   . ASP A 1 52  ? -3.454  5.947   -0.008  1.00 31.72 ? 1030 ASP A N   1 
ATOM   429  C CA  . ASP A 1 52  ? -2.331  6.437   -0.793  1.00 32.23 ? 1030 ASP A CA  1 
ATOM   430  C C   . ASP A 1 52  ? -1.058  6.123   -0.025  1.00 32.80 ? 1030 ASP A C   1 
ATOM   431  O O   . ASP A 1 52  ? -1.102  5.725   1.142   1.00 29.32 ? 1030 ASP A O   1 
ATOM   432  C CB  . ASP A 1 52  ? -2.449  7.938   -1.062  1.00 35.36 ? 1030 ASP A CB  1 
ATOM   433  C CG  . ASP A 1 52  ? -2.373  8.751   0.214   1.00 39.41 ? 1030 ASP A CG  1 
ATOM   434  O OD1 . ASP A 1 52  ? -1.255  9.118   0.611   1.00 39.30 ? 1030 ASP A OD1 1 
ATOM   435  O OD2 . ASP A 1 52  ? -3.431  8.998   0.837   1.00 43.14 ? 1030 ASP A OD2 1 
ATOM   436  N N   . LEU A 1 53  ? 0.088   6.317   -0.688  1.00 28.49 ? 1031 LEU A N   1 
ATOM   437  C CA  . LEU A 1 53  ? 1.344   5.869   -0.085  1.00 30.82 ? 1031 LEU A CA  1 
ATOM   438  C C   . LEU A 1 53  ? 1.742   6.725   1.113   1.00 30.34 ? 1031 LEU A C   1 
ATOM   439  O O   . LEU A 1 53  ? 2.424   6.231   2.019   1.00 29.89 ? 1031 LEU A O   1 
ATOM   440  C CB  . LEU A 1 53  ? 2.464   5.864   -1.130  1.00 25.32 ? 1031 LEU A CB  1 
ATOM   441  C CG  . LEU A 1 53  ? 2.218   4.923   -2.310  1.00 28.09 ? 1031 LEU A CG  1 
ATOM   442  C CD1 . LEU A 1 53  ? 3.336   5.117   -3.360  1.00 30.07 ? 1031 LEU A CD1 1 
ATOM   443  C CD2 . LEU A 1 53  ? 2.135   3.467   -1.886  1.00 26.74 ? 1031 LEU A CD2 1 
ATOM   444  N N   . SER A 1 54  ? 1.338   7.999   1.149   1.00 33.98 ? 1032 SER A N   1 
ATOM   445  C CA  . SER A 1 54  ? 1.605   8.797   2.346   1.00 34.67 ? 1032 SER A CA  1 
ATOM   446  C C   . SER A 1 54  ? 0.785   8.294   3.529   1.00 33.50 ? 1032 SER A C   1 
ATOM   447  O O   . SER A 1 54  ? 1.277   8.257   4.664   1.00 34.63 ? 1032 SER A O   1 
ATOM   448  C CB  A SER A 1 54  ? 1.316   10.275  2.078   0.43 38.12 ? 1032 SER A CB  1 
ATOM   449  C CB  B SER A 1 54  ? 1.319   10.277  2.076   0.57 38.14 ? 1032 SER A CB  1 
ATOM   450  O OG  A SER A 1 54  ? -0.073  10.495  1.937   0.43 38.49 ? 1032 SER A OG  1 
ATOM   451  O OG  B SER A 1 54  ? 2.325   10.836  1.253   0.57 39.39 ? 1032 SER A OG  1 
ATOM   452  N N   . SER A 1 55  ? -0.463  7.895   3.281   1.00 32.52 ? 1033 SER A N   1 
ATOM   453  C CA  . SER A 1 55  ? -1.278  7.344   4.359   1.00 35.00 ? 1033 SER A CA  1 
ATOM   454  C C   . SER A 1 55  ? -0.731  6.009   4.826   1.00 33.66 ? 1033 SER A C   1 
ATOM   455  O O   . SER A 1 55  ? -0.806  5.696   6.019   1.00 29.60 ? 1033 SER A O   1 
ATOM   456  C CB  . SER A 1 55  ? -2.730  7.207   3.908   1.00 35.71 ? 1033 SER A CB  1 
ATOM   457  O OG  . SER A 1 55  ? -3.200  8.458   3.436   1.00 41.55 ? 1033 SER A OG  1 
ATOM   458  N N   . VAL A 1 56  ? -0.160  5.227   3.904   1.00 30.33 ? 1034 VAL A N   1 
ATOM   459  C CA  . VAL A 1 56  ? 0.484   3.970   4.277   1.00 28.54 ? 1034 VAL A CA  1 
ATOM   460  C C   . VAL A 1 56  ? 1.650   4.227   5.224   1.00 28.15 ? 1034 VAL A C   1 
ATOM   461  O O   . VAL A 1 56  ? 1.817   3.523   6.228   1.00 27.23 ? 1034 VAL A O   1 
ATOM   462  C CB  . VAL A 1 56  ? 0.937   3.203   3.018   1.00 26.60 ? 1034 VAL A CB  1 
ATOM   463  C CG1 . VAL A 1 56  ? 1.856   2.053   3.397   1.00 26.65 ? 1034 VAL A CG1 1 
ATOM   464  C CG2 . VAL A 1 56  ? -0.276  2.670   2.252   1.00 25.51 ? 1034 VAL A CG2 1 
ATOM   465  N N   . ILE A 1 57  ? 2.496   5.217   4.907   1.00 25.16 ? 1035 ILE A N   1 
ATOM   466  C CA  . ILE A 1 57  ? 3.622   5.535   5.797   1.00 26.59 ? 1035 ILE A CA  1 
ATOM   467  C C   . ILE A 1 57  ? 3.110   5.920   7.185   1.00 28.04 ? 1035 ILE A C   1 
ATOM   468  O O   . ILE A 1 57  ? 3.663   5.506   8.210   1.00 28.68 ? 1035 ILE A O   1 
ATOM   469  C CB  . ILE A 1 57  ? 4.496   6.660   5.208   1.00 32.58 ? 1035 ILE A CB  1 
ATOM   470  C CG1 . ILE A 1 57  ? 5.209   6.212   3.928   1.00 33.02 ? 1035 ILE A CG1 1 
ATOM   471  C CG2 . ILE A 1 57  ? 5.525   7.131   6.244   1.00 32.85 ? 1035 ILE A CG2 1 
ATOM   472  C CD1 . ILE A 1 57  ? 6.376   5.257   4.190   1.00 36.47 ? 1035 ILE A CD1 1 
ATOM   473  N N   . SER A 1 58  ? 2.063   6.747   7.241   1.00 31.63 ? 1036 SER A N   1 
ATOM   474  C CA  . SER A 1 58  ? 1.501   7.120   8.542   1.00 29.03 ? 1036 SER A CA  1 
ATOM   475  C C   . SER A 1 58  ? 1.029   5.896   9.312   1.00 26.71 ? 1036 SER A C   1 
ATOM   476  O O   . SER A 1 58  ? 1.289   5.768   10.519  1.00 30.21 ? 1036 SER A O   1 
ATOM   477  C CB  . SER A 1 58  ? 0.356   8.116   8.359   1.00 33.67 ? 1036 SER A CB  1 
ATOM   478  O OG  . SER A 1 58  ? 0.855   9.319   7.820   1.00 40.94 ? 1036 SER A OG  1 
ATOM   479  N N   . LYS A 1 59  ? 0.353   4.967   8.632   1.00 25.66 ? 1037 LYS A N   1 
ATOM   480  C CA  . LYS A 1 59  ? -0.115  3.765   9.317   1.00 26.13 ? 1037 LYS A CA  1 
ATOM   481  C C   . LYS A 1 59  ? 1.051   2.907   9.791   1.00 26.65 ? 1037 LYS A C   1 
ATOM   482  O O   . LYS A 1 59  ? 1.000   2.332   10.881  1.00 26.46 ? 1037 LYS A O   1 
ATOM   483  C CB  . LYS A 1 59  ? -1.050  2.962   8.413   1.00 27.81 ? 1037 LYS A CB  1 
ATOM   484  C CG  . LYS A 1 59  ? -2.405  3.658   8.211   1.00 26.83 ? 1037 LYS A CG  1 
ATOM   485  C CD  . LYS A 1 59  ? -3.363  2.846   7.336   1.00 30.18 ? 1037 LYS A CD  1 
ATOM   486  C CE  . LYS A 1 59  ? -3.901  1.614   8.045   1.00 30.42 ? 1037 LYS A CE  1 
ATOM   487  N NZ  . LYS A 1 59  ? -4.980  0.940   7.255   1.00 32.75 ? 1037 LYS A NZ  1 
ATOM   488  N N   . ILE A 1 60  ? 2.119   2.814   9.003   1.00 25.97 ? 1038 ILE A N   1 
ATOM   489  C CA  . ILE A 1 60  ? 3.294   2.092   9.490   1.00 24.26 ? 1038 ILE A CA  1 
ATOM   490  C C   . ILE A 1 60  ? 3.757   2.688   10.814  1.00 26.08 ? 1038 ILE A C   1 
ATOM   491  O O   . ILE A 1 60  ? 4.007   1.970   11.792  1.00 28.13 ? 1038 ILE A O   1 
ATOM   492  C CB  . ILE A 1 60  ? 4.431   2.141   8.456   1.00 24.80 ? 1038 ILE A CB  1 
ATOM   493  C CG1 . ILE A 1 60  ? 4.040   1.426   7.158   1.00 25.03 ? 1038 ILE A CG1 1 
ATOM   494  C CG2 . ILE A 1 60  ? 5.721   1.554   9.084   1.00 27.13 ? 1038 ILE A CG2 1 
ATOM   495  C CD1 . ILE A 1 60  ? 5.141   1.581   6.060   1.00 26.37 ? 1038 ILE A CD1 1 
ATOM   496  N N   . ASP A 1 61  ? 3.886   4.016   10.856  1.00 27.83 ? 1039 ASP A N   1 
ATOM   497  C CA  . ASP A 1 61  ? 4.439   4.685   12.028  1.00 29.35 ? 1039 ASP A CA  1 
ATOM   498  C C   . ASP A 1 61  ? 3.483   4.661   13.214  1.00 34.23 ? 1039 ASP A C   1 
ATOM   499  O O   . ASP A 1 61  ? 3.927   4.827   14.356  1.00 34.94 ? 1039 ASP A O   1 
ATOM   500  C CB  . ASP A 1 61  ? 4.813   6.120   11.674  1.00 30.00 ? 1039 ASP A CB  1 
ATOM   501  C CG  . ASP A 1 61  ? 6.019   6.187   10.751  1.00 36.17 ? 1039 ASP A CG  1 
ATOM   502  O OD1 . ASP A 1 61  ? 6.692   5.143   10.593  1.00 35.99 ? 1039 ASP A OD1 1 
ATOM   503  O OD2 . ASP A 1 61  ? 6.288   7.270   10.191  1.00 35.42 ? 1039 ASP A OD2 1 
ATOM   504  N N   . LEU A 1 62  ? 2.194   4.459   12.969  1.00 31.03 ? 1040 LEU A N   1 
ATOM   505  C CA  . LEU A 1 62  ? 1.207   4.255   14.027  1.00 32.06 ? 1040 LEU A CA  1 
ATOM   506  C C   . LEU A 1 62  ? 1.095   2.792   14.446  1.00 33.29 ? 1040 LEU A C   1 
ATOM   507  O O   . LEU A 1 62  ? 0.178   2.438   15.197  1.00 34.70 ? 1040 LEU A O   1 
ATOM   508  C CB  . LEU A 1 62  ? -0.160  4.779   13.572  1.00 30.84 ? 1040 LEU A CB  1 
ATOM   509  C CG  . LEU A 1 62  ? -0.276  6.295   13.445  1.00 33.25 ? 1040 LEU A CG  1 
ATOM   510  C CD1 . LEU A 1 62  ? -1.549  6.666   12.713  1.00 37.17 ? 1040 LEU A CD1 1 
ATOM   511  C CD2 . LEU A 1 62  ? -0.230  6.962   14.818  1.00 37.76 ? 1040 LEU A CD2 1 
ATOM   512  N N   . HIS A 1 63  ? 2.009   1.932   13.985  1.00 31.42 ? 1041 HIS A N   1 
ATOM   513  C CA  . HIS A 1 63  ? 2.004   0.505   14.327  1.00 33.15 ? 1041 HIS A CA  1 
ATOM   514  C C   . HIS A 1 63  ? 0.709   -0.185  13.904  1.00 33.83 ? 1041 HIS A C   1 
ATOM   515  O O   . HIS A 1 63  ? 0.244   -1.112  14.574  1.00 33.65 ? 1041 HIS A O   1 
ATOM   516  C CB  . HIS A 1 63  ? 2.236   0.259   15.831  1.00 33.88 ? 1041 HIS A CB  1 
ATOM   517  C CG  . HIS A 1 63  ? 3.562   0.724   16.352  1.00 34.39 ? 1041 HIS A CG  1 
ATOM   518  N ND1 . HIS A 1 63  ? 4.319   1.703   15.744  1.00 37.37 ? 1041 HIS A ND1 1 
ATOM   519  C CD2 . HIS A 1 63  ? 4.251   0.352   17.456  1.00 32.86 ? 1041 HIS A CD2 1 
ATOM   520  C CE1 . HIS A 1 63  ? 5.417   1.913   16.448  1.00 35.86 ? 1041 HIS A CE1 1 
ATOM   521  N NE2 . HIS A 1 63  ? 5.398   1.108   17.494  1.00 36.97 ? 1041 HIS A NE2 1 
ATOM   522  N N   . LYS A 1 64  ? 0.117   0.241   12.786  1.00 31.65 ? 1042 LYS A N   1 
ATOM   523  C CA  . LYS A 1 64  ? -1.136  -0.355  12.332  1.00 31.80 ? 1042 LYS A CA  1 
ATOM   524  C C   . LYS A 1 64  ? -0.953  -1.652  11.561  1.00 30.98 ? 1042 LYS A C   1 
ATOM   525  O O   . LYS A 1 64  ? -1.931  -2.388  11.393  1.00 32.06 ? 1042 LYS A O   1 
ATOM   526  C CB  . LYS A 1 64  ? -1.906  0.632   11.455  1.00 30.57 ? 1042 LYS A CB  1 
ATOM   527  C CG  . LYS A 1 64  ? -2.281  1.921   12.158  1.00 34.44 ? 1042 LYS A CG  1 
ATOM   528  C CD  . LYS A 1 64  ? -3.390  1.702   13.145  1.00 40.07 ? 1042 LYS A CD  1 
ATOM   529  C CE  . LYS A 1 64  ? -3.926  3.029   13.680  1.00 43.87 ? 1042 LYS A CE  1 
ATOM   530  N NZ  . LYS A 1 64  ? -4.972  2.782   14.708  1.00 49.93 ? 1042 LYS A NZ  1 
ATOM   531  N N   . TYR A 1 65  ? 0.254   -1.950  11.065  1.00 26.65 ? 1043 TYR A N   1 
ATOM   532  C CA  . TYR A 1 65  ? 0.508   -3.168  10.300  1.00 29.79 ? 1043 TYR A CA  1 
ATOM   533  C C   . TYR A 1 65  ? 1.310   -4.123  11.168  1.00 33.07 ? 1043 TYR A C   1 
ATOM   534  O O   . TYR A 1 65  ? 2.470   -3.846  11.487  1.00 31.85 ? 1043 TYR A O   1 
ATOM   535  C CB  . TYR A 1 65  ? 1.275   -2.881  9.009   1.00 28.46 ? 1043 TYR A CB  1 
ATOM   536  C CG  . TYR A 1 65  ? 0.585   -1.913  8.077   1.00 26.56 ? 1043 TYR A CG  1 
ATOM   537  C CD1 . TYR A 1 65  ? -0.694  -2.180  7.562   1.00 28.54 ? 1043 TYR A CD1 1 
ATOM   538  C CD2 . TYR A 1 65  ? 1.206   -0.716  7.723   1.00 27.27 ? 1043 TYR A CD2 1 
ATOM   539  C CE1 . TYR A 1 65  ? -1.319  -1.263  6.697   1.00 27.54 ? 1043 TYR A CE1 1 
ATOM   540  C CE2 . TYR A 1 65  ? 0.600   0.184   6.864   1.00 26.77 ? 1043 TYR A CE2 1 
ATOM   541  C CZ  . TYR A 1 65  ? -0.652  -0.089  6.353   1.00 27.43 ? 1043 TYR A CZ  1 
ATOM   542  O OH  . TYR A 1 65  ? -1.235  0.836   5.508   1.00 27.62 ? 1043 TYR A OH  1 
ATOM   543  N N   . LEU A 1 66  ? 0.706   -5.249  11.528  1.00 28.82 ? 1044 LEU A N   1 
ATOM   544  C CA  . LEU A 1 66  ? 1.422   -6.283  12.261  1.00 31.56 ? 1044 LEU A CA  1 
ATOM   545  C C   . LEU A 1 66  ? 1.844   -7.442  11.378  1.00 32.81 ? 1044 LEU A C   1 
ATOM   546  O O   . LEU A 1 66  ? 2.583   -8.318  11.844  1.00 31.00 ? 1044 LEU A O   1 
ATOM   547  C CB  . LEU A 1 66  ? 0.569   -6.822  13.417  1.00 34.67 ? 1044 LEU A CB  1 
ATOM   548  C CG  . LEU A 1 66  ? 0.207   -5.863  14.548  1.00 38.77 ? 1044 LEU A CG  1 
ATOM   549  C CD1 . LEU A 1 66  ? -0.236  -6.696  15.750  1.00 42.00 ? 1044 LEU A CD1 1 
ATOM   550  C CD2 . LEU A 1 66  ? 1.345   -4.941  14.914  1.00 35.14 ? 1044 LEU A CD2 1 
ATOM   551  N N   . THR A 1 67  ? 1.389   -7.482  10.125  1.00 29.28 ? 1045 THR A N   1 
ATOM   552  C CA  . THR A 1 67  ? 1.800   -8.509  9.182   1.00 27.47 ? 1045 THR A CA  1 
ATOM   553  C C   . THR A 1 67  ? 1.944   -7.881  7.803   1.00 29.31 ? 1045 THR A C   1 
ATOM   554  O O   . THR A 1 67  ? 1.381   -6.824  7.519   1.00 28.93 ? 1045 THR A O   1 
ATOM   555  C CB  . THR A 1 67  ? 0.802   -9.665  9.072   1.00 32.04 ? 1045 THR A CB  1 
ATOM   556  O OG1 . THR A 1 67  ? -0.398  -9.175  8.468   1.00 34.18 ? 1045 THR A OG1 1 
ATOM   557  C CG2 . THR A 1 67  ? 0.474   -10.271 10.443  1.00 33.65 ? 1045 THR A CG2 1 
ATOM   558  N N   . VAL A 1 68  ? 2.685   -8.566  6.933   1.00 28.78 ? 1046 VAL A N   1 
ATOM   559  C CA  . VAL A 1 68  ? 2.783   -8.075  5.563   1.00 28.10 ? 1046 VAL A CA  1 
ATOM   560  C C   . VAL A 1 68  ? 1.431   -8.168  4.876   1.00 30.42 ? 1046 VAL A C   1 
ATOM   561  O O   . VAL A 1 68  ? 1.115   -7.347  4.008   1.00 31.64 ? 1046 VAL A O   1 
ATOM   562  C CB  . VAL A 1 68  ? 3.875   -8.831  4.797   1.00 31.03 ? 1046 VAL A CB  1 
ATOM   563  C CG1 . VAL A 1 68  ? 3.977   -8.317  3.368   1.00 37.55 ? 1046 VAL A CG1 1 
ATOM   564  C CG2 . VAL A 1 68  ? 5.187   -8.609  5.500   1.00 35.23 ? 1046 VAL A CG2 1 
ATOM   565  N N   . LYS A 1 69  ? 0.590   -9.130  5.272   1.00 33.09 ? 1047 LYS A N   1 
ATOM   566  C CA  . LYS A 1 69  ? -0.726  -9.235  4.645   1.00 33.15 ? 1047 LYS A CA  1 
ATOM   567  C C   . LYS A 1 69  ? -1.579  -8.009  4.938   1.00 32.34 ? 1047 LYS A C   1 
ATOM   568  O O   . LYS A 1 69  ? -2.312  -7.534  4.059   1.00 33.26 ? 1047 LYS A O   1 
ATOM   569  C CB  . LYS A 1 69  ? -1.433  -10.515 5.093   1.00 35.23 ? 1047 LYS A CB  1 
ATOM   570  C CG  . LYS A 1 69  ? -0.900  -11.739 4.395   1.00 43.44 ? 1047 LYS A CG  1 
ATOM   571  C CD  . LYS A 1 69  ? -1.790  -12.950 4.590   1.00 51.87 ? 1047 LYS A CD  1 
ATOM   572  C CE  . LYS A 1 69  ? -1.339  -14.083 3.678   1.00 60.04 ? 1047 LYS A CE  1 
ATOM   573  N NZ  . LYS A 1 69  ? -2.457  -14.610 2.834   1.00 68.23 ? 1047 LYS A NZ  1 
ATOM   574  N N   . ASP A 1 70  ? -1.503  -7.479  6.165   1.00 31.29 ? 1048 ASP A N   1 
ATOM   575  C CA  . ASP A 1 70  ? -2.206  -6.239  6.486   1.00 32.08 ? 1048 ASP A CA  1 
ATOM   576  C C   . ASP A 1 70  ? -1.744  -5.098  5.584   1.00 34.02 ? 1048 ASP A C   1 
ATOM   577  O O   . ASP A 1 70  ? -2.552  -4.280  5.130   1.00 30.08 ? 1048 ASP A O   1 
ATOM   578  C CB  . ASP A 1 70  ? -1.971  -5.841  7.946   1.00 33.75 ? 1048 ASP A CB  1 
ATOM   579  C CG  . ASP A 1 70  ? -2.562  -6.823  8.946   1.00 40.55 ? 1048 ASP A CG  1 
ATOM   580  O OD1 . ASP A 1 70  ? -3.426  -7.635  8.558   1.00 41.86 ? 1048 ASP A OD1 1 
ATOM   581  O OD2 . ASP A 1 70  ? -2.150  -6.757  10.131  1.00 45.63 ? 1048 ASP A OD2 1 
ATOM   582  N N   . TYR A 1 71  ? -0.431  -4.994  5.372   1.00 28.16 ? 1049 TYR A N   1 
ATOM   583  C CA  . TYR A 1 71  ? 0.119   -3.988  4.465   1.00 27.50 ? 1049 TYR A CA  1 
ATOM   584  C C   . TYR A 1 71  ? -0.398  -4.176  3.042   1.00 28.89 ? 1049 TYR A C   1 
ATOM   585  O O   . TYR A 1 71  ? -0.845  -3.220  2.395   1.00 27.61 ? 1049 TYR A O   1 
ATOM   586  C CB  . TYR A 1 71  ? 1.638   -4.090  4.500   1.00 27.39 ? 1049 TYR A CB  1 
ATOM   587  C CG  . TYR A 1 71  ? 2.389   -3.225  3.526   1.00 25.13 ? 1049 TYR A CG  1 
ATOM   588  C CD1 . TYR A 1 71  ? 2.654   -1.895  3.819   1.00 23.79 ? 1049 TYR A CD1 1 
ATOM   589  C CD2 . TYR A 1 71  ? 2.888   -3.761  2.336   1.00 24.66 ? 1049 TYR A CD2 1 
ATOM   590  C CE1 . TYR A 1 71  ? 3.390   -1.100  2.943   1.00 25.35 ? 1049 TYR A CE1 1 
ATOM   591  C CE2 . TYR A 1 71  ? 3.611   -2.974  1.454   1.00 23.02 ? 1049 TYR A CE2 1 
ATOM   592  C CZ  . TYR A 1 71  ? 3.857   -1.653  1.758   1.00 24.11 ? 1049 TYR A CZ  1 
ATOM   593  O OH  . TYR A 1 71  ? 4.575   -0.867  0.881   1.00 22.98 ? 1049 TYR A OH  1 
ATOM   594  N N   . LEU A 1 72  ? -0.340  -5.409  2.539   1.00 27.26 ? 1050 LEU A N   1 
ATOM   595  C CA  . LEU A 1 72  ? -0.734  -5.659  1.156   1.00 29.96 ? 1050 LEU A CA  1 
ATOM   596  C C   . LEU A 1 72  ? -2.220  -5.412  0.943   1.00 32.06 ? 1050 LEU A C   1 
ATOM   597  O O   . LEU A 1 72  ? -2.636  -5.099  -0.181  1.00 30.70 ? 1050 LEU A O   1 
ATOM   598  C CB  . LEU A 1 72  ? -0.357  -7.078  0.735   1.00 28.98 ? 1050 LEU A CB  1 
ATOM   599  C CG  . LEU A 1 72  ? 1.150   -7.224  0.503   1.00 30.71 ? 1050 LEU A CG  1 
ATOM   600  C CD1 . LEU A 1 72  ? 1.540   -8.659  0.210   1.00 33.84 ? 1050 LEU A CD1 1 
ATOM   601  C CD2 . LEU A 1 72  ? 1.598   -6.302  -0.631  1.00 32.50 ? 1050 LEU A CD2 1 
ATOM   602  N N   . ARG A 1 73  ? -3.036  -5.528  1.996   1.00 29.14 ? 1051 ARG A N   1 
ATOM   603  C CA  . ARG A 1 73  ? -4.445  -5.160  1.849   1.00 31.22 ? 1051 ARG A CA  1 
ATOM   604  C C   . ARG A 1 73  ? -4.599  -3.678  1.514   1.00 30.70 ? 1051 ARG A C   1 
ATOM   605  O O   . ARG A 1 73  ? -5.465  -3.304  0.711   1.00 29.24 ? 1051 ARG A O   1 
ATOM   606  C CB  . ARG A 1 73  ? -5.226  -5.521  3.119   1.00 36.71 ? 1051 ARG A CB  1 
ATOM   607  C CG  . ARG A 1 73  ? -5.557  -7.014  3.200   1.00 41.18 ? 1051 ARG A CG  1 
ATOM   608  C CD  . ARG A 1 73  ? -6.248  -7.409  4.518   1.00 47.93 ? 1051 ARG A CD  1 
ATOM   609  N NE  . ARG A 1 73  ? -6.836  -6.253  5.189   1.00 50.65 ? 1051 ARG A NE  1 
ATOM   610  C CZ  . ARG A 1 73  ? -6.476  -5.825  6.397   1.00 54.32 ? 1051 ARG A CZ  1 
ATOM   611  N NH1 . ARG A 1 73  ? -5.536  -6.465  7.086   1.00 49.74 ? 1051 ARG A NH1 1 
ATOM   612  N NH2 . ARG A 1 73  ? -7.065  -4.757  6.921   1.00 60.75 ? 1051 ARG A NH2 1 
ATOM   613  N N   . ASP A 1 74  ? -3.758  -2.818  2.098   1.00 29.42 ? 1052 ASP A N   1 
ATOM   614  C CA  . ASP A 1 74  ? -3.830  -1.403  1.745   1.00 26.13 ? 1052 ASP A CA  1 
ATOM   615  C C   . ASP A 1 74  ? -3.194  -1.113  0.381   1.00 29.56 ? 1052 ASP A C   1 
ATOM   616  O O   . ASP A 1 74  ? -3.664  -0.215  -0.326  1.00 26.99 ? 1052 ASP A O   1 
ATOM   617  C CB  . ASP A 1 74  ? -3.187  -0.552  2.837   1.00 27.59 ? 1052 ASP A CB  1 
ATOM   618  C CG  . ASP A 1 74  ? -4.163  -0.223  3.953   1.00 34.97 ? 1052 ASP A CG  1 
ATOM   619  O OD1 . ASP A 1 74  ? -5.383  -0.471  3.755   1.00 33.89 ? 1052 ASP A OD1 1 
ATOM   620  O OD2 . ASP A 1 74  ? -3.717  0.271   5.012   1.00 31.94 ? 1052 ASP A OD2 1 
ATOM   621  N N   . ILE A 1 75  ? -2.141  -1.839  -0.013  1.00 24.97 ? 1053 ILE A N   1 
ATOM   622  C CA  . ILE A 1 75  ? -1.642  -1.693  -1.384  1.00 26.12 ? 1053 ILE A CA  1 
ATOM   623  C C   . ILE A 1 75  ? -2.733  -2.100  -2.372  1.00 28.18 ? 1053 ILE A C   1 
ATOM   624  O O   . ILE A 1 75  ? -3.006  -1.401  -3.358  1.00 29.35 ? 1053 ILE A O   1 
ATOM   625  C CB  . ILE A 1 75  ? -0.362  -2.521  -1.598  1.00 27.75 ? 1053 ILE A CB  1 
ATOM   626  C CG1 . ILE A 1 75  ? 0.783   -2.018  -0.698  1.00 27.96 ? 1053 ILE A CG1 1 
ATOM   627  C CG2 . ILE A 1 75  ? 0.037   -2.495  -3.078  1.00 29.58 ? 1053 ILE A CG2 1 
ATOM   628  C CD1 . ILE A 1 75  ? 1.153   -0.533  -0.882  1.00 28.23 ? 1053 ILE A CD1 1 
ATOM   629  N N   . ASP A 1 76  ? -3.385  -3.238  -2.105  1.00 27.65 ? 1054 ASP A N   1 
ATOM   630  C CA  . ASP A 1 76  ? -4.486  -3.701  -2.949  1.00 28.83 ? 1054 ASP A CA  1 
ATOM   631  C C   . ASP A 1 76  ? -5.613  -2.683  -3.012  1.00 32.15 ? 1054 ASP A C   1 
ATOM   632  O O   . ASP A 1 76  ? -6.276  -2.556  -4.051  1.00 31.54 ? 1054 ASP A O   1 
ATOM   633  C CB  . ASP A 1 76  ? -5.027  -5.036  -2.432  1.00 31.94 ? 1054 ASP A CB  1 
ATOM   634  C CG  . ASP A 1 76  ? -4.121  -6.210  -2.776  1.00 38.80 ? 1054 ASP A CG  1 
ATOM   635  O OD1 . ASP A 1 76  ? -3.436  -6.163  -3.816  1.00 43.10 ? 1054 ASP A OD1 1 
ATOM   636  O OD2 . ASP A 1 76  ? -4.100  -7.187  -2.011  1.00 42.97 ? 1054 ASP A OD2 1 
ATOM   637  N N   . LEU A 1 77  ? -5.849  -1.956  -1.915  1.00 27.55 ? 1055 LEU A N   1 
ATOM   638  C CA  . LEU A 1 77  ? -6.901  -0.948  -1.898  1.00 31.16 ? 1055 LEU A CA  1 
ATOM   639  C C   . LEU A 1 77  ? -6.532  0.235   -2.786  1.00 32.76 ? 1055 LEU A C   1 
ATOM   640  O O   . LEU A 1 77  ? -7.378  0.757   -3.517  1.00 29.02 ? 1055 LEU A O   1 
ATOM   641  C CB  . LEU A 1 77  ? -7.158  -0.501  -0.461  1.00 32.31 ? 1055 LEU A CB  1 
ATOM   642  C CG  . LEU A 1 77  ? -8.205  0.571   -0.181  1.00 37.23 ? 1055 LEU A CG  1 
ATOM   643  C CD1 . LEU A 1 77  ? -9.571  0.113   -0.663  1.00 34.67 ? 1055 LEU A CD1 1 
ATOM   644  C CD2 . LEU A 1 77  ? -8.225  0.882   1.315   1.00 34.28 ? 1055 LEU A CD2 1 
ATOM   645  N N   . ILE A 1 78  ? -5.269  0.673   -2.745  1.00 30.08 ? 1056 ILE A N   1 
ATOM   646  C CA  . ILE A 1 78  ? -4.840  1.715   -3.678  1.00 30.05 ? 1056 ILE A CA  1 
ATOM   647  C C   . ILE A 1 78  ? -5.165  1.296   -5.104  1.00 28.34 ? 1056 ILE A C   1 
ATOM   648  O O   . ILE A 1 78  ? -5.722  2.073   -5.894  1.00 32.57 ? 1056 ILE A O   1 
ATOM   649  C CB  . ILE A 1 78  ? -3.339  2.010   -3.512  1.00 29.81 ? 1056 ILE A CB  1 
ATOM   650  C CG1 . ILE A 1 78  ? -3.069  2.602   -2.128  1.00 28.49 ? 1056 ILE A CG1 1 
ATOM   651  C CG2 . ILE A 1 78  ? -2.880  2.954   -4.610  1.00 29.06 ? 1056 ILE A CG2 1 
ATOM   652  C CD1 . ILE A 1 78  ? -1.578  2.878   -1.832  1.00 28.77 ? 1056 ILE A CD1 1 
ATOM   653  N N   . CYS A 1 79  ? -4.856  0.044   -5.439  1.00 27.49 ? 1057 CYS A N   1 
ATOM   654  C CA  . CYS A 1 79  ? -5.085  -0.454  -6.792  1.00 29.40 ? 1057 CYS A CA  1 
ATOM   655  C C   . CYS A 1 79  ? -6.575  -0.556  -7.110  1.00 35.71 ? 1057 CYS A C   1 
ATOM   656  O O   . CYS A 1 79  ? -7.038  -0.049  -8.141  1.00 32.54 ? 1057 CYS A O   1 
ATOM   657  C CB  . CYS A 1 79  ? -4.418  -1.814  -6.966  1.00 29.65 ? 1057 CYS A CB  1 
ATOM   658  S SG  . CYS A 1 79  ? -4.555  -2.508  -8.624  1.00 41.59 ? 1057 CYS A SG  1 
ATOM   659  N N   . SER A 1 80  ? -7.349  -1.211  -6.237  1.00 28.80 ? 1058 SER A N   1 
ATOM   660  C CA  . SER A 1 80  ? -8.764  -1.413  -6.550  1.00 30.22 ? 1058 SER A CA  1 
ATOM   661  C C   . SER A 1 80  ? -9.515  -0.083  -6.626  1.00 31.56 ? 1058 SER A C   1 
ATOM   662  O O   . SER A 1 80  ? -10.395 0.091   -7.482  1.00 35.21 ? 1058 SER A O   1 
ATOM   663  C CB  . SER A 1 80  ? -9.394  -2.358  -5.516  1.00 33.41 ? 1058 SER A CB  1 
ATOM   664  O OG  . SER A 1 80  ? -9.411  -1.761  -4.236  1.00 35.58 ? 1058 SER A OG  1 
ATOM   665  N N   . ASN A 1 81  ? -9.173  0.870   -5.756  1.00 29.83 ? 1059 ASN A N   1 
ATOM   666  C CA  . ASN A 1 81  ? -9.763  2.206   -5.820  1.00 29.12 ? 1059 ASN A CA  1 
ATOM   667  C C   . ASN A 1 81  ? -9.499  2.864   -7.175  1.00 36.54 ? 1059 ASN A C   1 
ATOM   668  O O   . ASN A 1 81  ? -10.378 3.520   -7.746  1.00 30.79 ? 1059 ASN A O   1 
ATOM   669  C CB  . ASN A 1 81  ? -9.187  3.089   -4.716  1.00 30.41 ? 1059 ASN A CB  1 
ATOM   670  C CG  . ASN A 1 81  ? -9.824  2.847   -3.357  1.00 32.56 ? 1059 ASN A CG  1 
ATOM   671  O OD1 . ASN A 1 81  ? -10.795 2.093   -3.226  1.00 33.00 ? 1059 ASN A OD1 1 
ATOM   672  N ND2 . ASN A 1 81  ? -9.267  3.482   -2.340  1.00 32.62 ? 1059 ASN A ND2 1 
ATOM   673  N N   . ALA A 1 82  ? -8.267  2.745   -7.677  1.00 30.47 ? 1060 ALA A N   1 
ATOM   674  C CA  . ALA A 1 82  ? -7.925  3.340   -8.965  1.00 30.68 ? 1060 ALA A CA  1 
ATOM   675  C C   . ALA A 1 82  ? -8.706  2.693   -10.102 1.00 30.84 ? 1060 ALA A C   1 
ATOM   676  O O   . ALA A 1 82  ? -9.156  3.386   -11.022 1.00 36.12 ? 1060 ALA A O   1 
ATOM   677  C CB  . ALA A 1 82  ? -6.413  3.217   -9.201  1.00 30.18 ? 1060 ALA A CB  1 
ATOM   678  N N   . LEU A 1 83  ? -8.871  1.367   -10.068 1.00 32.96 ? 1061 LEU A N   1 
ATOM   679  C CA  . LEU A 1 83  ? -9.645  0.700   -11.111 1.00 35.64 ? 1061 LEU A CA  1 
ATOM   680  C C   . LEU A 1 83  ? -11.099 1.136   -11.066 1.00 40.24 ? 1061 LEU A C   1 
ATOM   681  O O   . LEU A 1 83  ? -11.731 1.328   -12.113 1.00 36.97 ? 1061 LEU A O   1 
ATOM   682  C CB  . LEU A 1 83  ? -9.551  -0.817  -10.971 1.00 35.19 ? 1061 LEU A CB  1 
ATOM   683  C CG  . LEU A 1 83  ? -8.179  -1.489  -10.976 1.00 38.15 ? 1061 LEU A CG  1 
ATOM   684  C CD1 . LEU A 1 83  ? -8.373  -2.993  -10.996 1.00 44.63 ? 1061 LEU A CD1 1 
ATOM   685  C CD2 . LEU A 1 83  ? -7.357  -1.044  -12.156 1.00 40.39 ? 1061 LEU A CD2 1 
ATOM   686  N N   . GLU A 1 84  ? -11.636 1.308   -9.859  1.00 36.21 ? 1062 GLU A N   1 
ATOM   687  C CA  . GLU A 1 84  ? -13.033 1.697   -9.698  1.00 39.60 ? 1062 GLU A CA  1 
ATOM   688  C C   . GLU A 1 84  ? -13.251 3.142   -10.121 1.00 38.38 ? 1062 GLU A C   1 
ATOM   689  O O   . GLU A 1 84  ? -14.271 3.468   -10.743 1.00 37.90 ? 1062 GLU A O   1 
ATOM   690  C CB  . GLU A 1 84  ? -13.452 1.475   -8.241  1.00 41.33 ? 1062 GLU A CB  1 
ATOM   691  C CG  . GLU A 1 84  ? -14.871 1.871   -7.893  1.00 50.39 ? 1062 GLU A CG  1 
ATOM   692  C CD  . GLU A 1 84  ? -15.104 1.888   -6.386  1.00 58.05 ? 1062 GLU A CD  1 
ATOM   693  O OE1 . GLU A 1 84  ? -16.073 2.551   -5.941  1.00 60.97 ? 1062 GLU A OE1 1 
ATOM   694  O OE2 . GLU A 1 84  ? -14.314 1.244   -5.652  1.00 49.84 ? 1062 GLU A OE2 1 
ATOM   695  N N   . TYR A 1 85  ? -12.294 4.016   -9.823  1.00 35.33 ? 1063 TYR A N   1 
ATOM   696  C CA  . TYR A 1 85  ? -12.413 5.418   -10.192 1.00 36.84 ? 1063 TYR A CA  1 
ATOM   697  C C   . TYR A 1 85  ? -12.119 5.677   -11.666 1.00 39.30 ? 1063 TYR A C   1 
ATOM   698  O O   . TYR A 1 85  ? -12.477 6.751   -12.167 1.00 41.17 ? 1063 TYR A O   1 
ATOM   699  C CB  . TYR A 1 85  ? -11.488 6.272   -9.326  1.00 36.65 ? 1063 TYR A CB  1 
ATOM   700  C CG  . TYR A 1 85  ? -11.716 7.740   -9.521  1.00 41.66 ? 1063 TYR A CG  1 
ATOM   701  C CD1 . TYR A 1 85  ? -12.893 8.339   -9.089  1.00 45.74 ? 1063 TYR A CD1 1 
ATOM   702  C CD2 . TYR A 1 85  ? -10.777 8.524   -10.171 1.00 43.27 ? 1063 TYR A CD2 1 
ATOM   703  C CE1 . TYR A 1 85  ? -13.117 9.685   -9.278  1.00 50.67 ? 1063 TYR A CE1 1 
ATOM   704  C CE2 . TYR A 1 85  ? -10.993 9.872   -10.365 1.00 47.83 ? 1063 TYR A CE2 1 
ATOM   705  C CZ  . TYR A 1 85  ? -12.165 10.444  -9.918  1.00 56.05 ? 1063 TYR A CZ  1 
ATOM   706  O OH  . TYR A 1 85  ? -12.382 11.785  -10.117 1.00 60.75 ? 1063 TYR A OH  1 
ATOM   707  N N   . ASN A 1 86  ? -11.503 4.725   -12.369 1.00 34.93 ? 1064 ASN A N   1 
ATOM   708  C CA  . ASN A 1 86  ? -11.083 4.893   -13.765 1.00 35.98 ? 1064 ASN A CA  1 
ATOM   709  C C   . ASN A 1 86  ? -11.621 3.761   -14.631 1.00 33.67 ? 1064 ASN A C   1 
ATOM   710  O O   . ASN A 1 86  ? -10.855 2.993   -15.215 1.00 34.66 ? 1064 ASN A O   1 
ATOM   711  C CB  . ASN A 1 86  ? -9.554  4.956   -13.864 1.00 35.45 ? 1064 ASN A CB  1 
ATOM   712  C CG  . ASN A 1 86  ? -8.986  6.230   -13.295 1.00 37.44 ? 1064 ASN A CG  1 
ATOM   713  O OD1 . ASN A 1 86  ? -8.913  7.242   -13.985 1.00 38.68 ? 1064 ASN A OD1 1 
ATOM   714  N ND2 . ASN A 1 86  ? -8.568  6.192   -12.023 1.00 34.63 ? 1064 ASN A ND2 1 
ATOM   715  N N   . PRO A 1 87  ? -12.948 3.631   -14.757 1.00 35.61 ? 1065 PRO A N   1 
ATOM   716  C CA  . PRO A 1 87  ? -13.510 2.488   -15.486 1.00 36.57 ? 1065 PRO A CA  1 
ATOM   717  C C   . PRO A 1 87  ? -13.618 2.651   -16.996 1.00 39.55 ? 1065 PRO A C   1 
ATOM   718  O O   . PRO A 1 87  ? -13.850 1.647   -17.680 1.00 42.14 ? 1065 PRO A O   1 
ATOM   719  C CB  . PRO A 1 87  ? -14.909 2.360   -14.864 1.00 36.03 ? 1065 PRO A CB  1 
ATOM   720  C CG  . PRO A 1 87  ? -15.288 3.783   -14.574 1.00 38.49 ? 1065 PRO A CG  1 
ATOM   721  C CD  . PRO A 1 87  ? -14.000 4.516   -14.228 1.00 37.98 ? 1065 PRO A CD  1 
ATOM   722  N N   . ASP A 1 88  ? -13.439 3.857   -17.532 1.00 39.14 ? 1066 ASP A N   1 
ATOM   723  C CA  . ASP A 1 88  ? -13.741 4.159   -18.927 1.00 38.83 ? 1066 ASP A CA  1 
ATOM   724  C C   . ASP A 1 88  ? -12.623 3.686   -19.860 1.00 44.56 ? 1066 ASP A C   1 
ATOM   725  O O   . ASP A 1 88  ? -11.499 3.396   -19.433 1.00 38.16 ? 1066 ASP A O   1 
ATOM   726  C CB  . ASP A 1 88  ? -13.967 5.658   -19.101 1.00 39.19 ? 1066 ASP A CB  1 
ATOM   727  C CG  . ASP A 1 88  ? -15.182 6.165   -18.331 1.00 48.17 ? 1066 ASP A CG  1 
ATOM   728  O OD1 . ASP A 1 88  ? -16.048 5.335   -17.978 1.00 46.01 ? 1066 ASP A OD1 1 
ATOM   729  O OD2 . ASP A 1 88  ? -15.277 7.388   -18.088 1.00 51.64 ? 1066 ASP A OD2 1 
ATOM   730  N N   . ARG A 1 89  ? -12.941 3.616   -21.163 1.00 40.33 ? 1067 ARG A N   1 
ATOM   731  C CA  . ARG A 1 89  ? -11.943 3.225   -22.158 1.00 38.21 ? 1067 ARG A CA  1 
ATOM   732  C C   . ARG A 1 89  ? -11.008 4.363   -22.535 1.00 37.70 ? 1067 ARG A C   1 
ATOM   733  O O   . ARG A 1 89  ? -10.055 4.121   -23.283 1.00 36.99 ? 1067 ARG A O   1 
ATOM   734  C CB  . ARG A 1 89  ? -12.597 2.662   -23.434 1.00 39.13 ? 1067 ARG A CB  1 
ATOM   735  C CG  . ARG A 1 89  ? -13.460 3.622   -24.284 1.00 39.36 ? 1067 ARG A CG  1 
ATOM   736  C CD  . ARG A 1 89  ? -12.681 4.335   -25.409 1.00 36.42 ? 1067 ARG A CD  1 
ATOM   737  N NE  . ARG A 1 89  ? -11.827 3.446   -26.202 1.00 35.74 ? 1067 ARG A NE  1 
ATOM   738  C CZ  . ARG A 1 89  ? -10.686 3.840   -26.774 1.00 38.00 ? 1067 ARG A CZ  1 
ATOM   739  N NH1 . ARG A 1 89  ? -10.298 5.108   -26.659 1.00 37.48 ? 1067 ARG A NH1 1 
ATOM   740  N NH2 . ARG A 1 89  ? -9.942  2.983   -27.465 1.00 37.18 ? 1067 ARG A NH2 1 
ATOM   741  N N   . ASP A 1 90  ? -11.257 5.568   -22.025 1.00 33.22 ? 1068 ASP A N   1 
ATOM   742  C CA  . ASP A 1 90  ? -10.458 6.740   -22.349 1.00 35.76 ? 1068 ASP A CA  1 
ATOM   743  C C   . ASP A 1 90  ? -9.003  6.540   -21.925 1.00 38.14 ? 1068 ASP A C   1 
ATOM   744  O O   . ASP A 1 90  ? -8.724  5.904   -20.903 1.00 34.92 ? 1068 ASP A O   1 
ATOM   745  C CB  . ASP A 1 90  ? -11.024 7.970   -21.647 1.00 37.59 ? 1068 ASP A CB  1 
ATOM   746  C CG  . ASP A 1 90  ? -12.492 8.204   -21.982 1.00 51.10 ? 1068 ASP A CG  1 
ATOM   747  O OD1 . ASP A 1 90  ? -12.789 8.556   -23.146 1.00 52.21 ? 1068 ASP A OD1 1 
ATOM   748  O OD2 . ASP A 1 90  ? -13.346 8.031   -21.087 1.00 53.87 ? 1068 ASP A OD2 1 
ATOM   749  N N   . PRO A 1 91  ? -8.052  7.092   -22.684 1.00 34.64 ? 1069 PRO A N   1 
ATOM   750  C CA  . PRO A 1 91  ? -6.640  6.814   -22.368 1.00 33.63 ? 1069 PRO A CA  1 
ATOM   751  C C   . PRO A 1 91  ? -6.204  7.355   -21.014 1.00 32.41 ? 1069 PRO A C   1 
ATOM   752  O O   . PRO A 1 91  ? -5.300  6.772   -20.398 1.00 31.07 ? 1069 PRO A O   1 
ATOM   753  C CB  . PRO A 1 91  ? -5.878  7.469   -23.530 1.00 32.86 ? 1069 PRO A CB  1 
ATOM   754  C CG  . PRO A 1 91  ? -6.853  8.430   -24.157 1.00 36.20 ? 1069 PRO A CG  1 
ATOM   755  C CD  . PRO A 1 91  ? -8.213  7.846   -23.941 1.00 36.96 ? 1069 PRO A CD  1 
ATOM   756  N N   . GLY A 1 92  ? -6.812  8.439   -20.525 1.00 32.31 ? 1070 GLY A N   1 
ATOM   757  C CA  . GLY A 1 92  ? -6.498  8.892   -19.179 1.00 36.60 ? 1070 GLY A CA  1 
ATOM   758  C C   . GLY A 1 92  ? -6.847  7.850   -18.130 1.00 37.12 ? 1070 GLY A C   1 
ATOM   759  O O   . GLY A 1 92  ? -6.059  7.583   -17.216 1.00 34.20 ? 1070 GLY A O   1 
ATOM   760  N N   . ASP A 1 93  ? -8.025  7.230   -18.267 1.00 34.11 ? 1071 ASP A N   1 
ATOM   761  C CA  . ASP A 1 93  ? -8.410  6.118   -17.402 1.00 36.46 ? 1071 ASP A CA  1 
ATOM   762  C C   . ASP A 1 93  ? -7.471  4.936   -17.572 1.00 33.97 ? 1071 ASP A C   1 
ATOM   763  O O   . ASP A 1 93  ? -7.038  4.327   -16.585 1.00 35.49 ? 1071 ASP A O   1 
ATOM   764  C CB  . ASP A 1 93  ? -9.843  5.660   -17.708 1.00 35.52 ? 1071 ASP A CB  1 
ATOM   765  C CG  . ASP A 1 93  ? -10.885 6.687   -17.325 1.00 42.65 ? 1071 ASP A CG  1 
ATOM   766  O OD1 . ASP A 1 93  ? -10.698 7.876   -17.670 1.00 42.62 ? 1071 ASP A OD1 1 
ATOM   767  O OD2 . ASP A 1 93  ? -11.890 6.297   -16.676 1.00 38.23 ? 1071 ASP A OD2 1 
ATOM   768  N N   . ARG A 1 94  ? -7.178  4.568   -18.825 1.00 32.55 ? 1072 ARG A N   1 
ATOM   769  C CA  . ARG A 1 94  ? -6.365  3.380   -19.062 1.00 32.19 ? 1072 ARG A CA  1 
ATOM   770  C C   . ARG A 1 94  ? -4.958  3.558   -18.509 1.00 33.57 ? 1072 ARG A C   1 
ATOM   771  O O   . ARG A 1 94  ? -4.364  2.594   -18.012 1.00 31.55 ? 1072 ARG A O   1 
ATOM   772  C CB  . ARG A 1 94  ? -6.326  3.040   -20.553 1.00 35.01 ? 1072 ARG A CB  1 
ATOM   773  C CG  . ARG A 1 94  ? -7.634  2.432   -21.082 1.00 39.47 ? 1072 ARG A CG  1 
ATOM   774  C CD  . ARG A 1 94  ? -7.456  1.847   -22.485 1.00 49.98 ? 1072 ARG A CD  1 
ATOM   775  N NE  . ARG A 1 94  ? -7.724  0.406   -22.532 1.00 59.89 ? 1072 ARG A NE  1 
ATOM   776  C CZ  . ARG A 1 94  ? -6.782  -0.533  -22.627 1.00 58.26 ? 1072 ARG A CZ  1 
ATOM   777  N NH1 . ARG A 1 94  ? -5.501  -0.187  -22.686 1.00 54.35 ? 1072 ARG A NH1 1 
ATOM   778  N NH2 . ARG A 1 94  ? -7.118  -1.818  -22.664 1.00 59.80 ? 1072 ARG A NH2 1 
ATOM   779  N N   . LEU A 1 95  ? -4.431  4.787   -18.554 1.00 32.05 ? 1073 LEU A N   1 
ATOM   780  C CA  . LEU A 1 95  ? -3.097  5.054   -18.017 1.00 30.04 ? 1073 LEU A CA  1 
ATOM   781  C C   . LEU A 1 95  ? -3.057  4.848   -16.505 1.00 33.99 ? 1073 LEU A C   1 
ATOM   782  O O   . LEU A 1 95  ? -2.136  4.205   -15.979 1.00 29.59 ? 1073 LEU A O   1 
ATOM   783  C CB  . LEU A 1 95  ? -2.669  6.473   -18.369 1.00 30.85 ? 1073 LEU A CB  1 
ATOM   784  C CG  . LEU A 1 95  ? -1.331  6.953   -17.808 1.00 27.97 ? 1073 LEU A CG  1 
ATOM   785  C CD1 . LEU A 1 95  ? -0.172  6.058   -18.272 1.00 31.36 ? 1073 LEU A CD1 1 
ATOM   786  C CD2 . LEU A 1 95  ? -1.092  8.391   -18.216 1.00 31.49 ? 1073 LEU A CD2 1 
ATOM   787  N N   . ILE A 1 96  ? -4.043  5.388   -15.788 1.00 30.39 ? 1074 ILE A N   1 
ATOM   788  C CA  . ILE A 1 96  ? -4.056  5.231   -14.334 1.00 34.31 ? 1074 ILE A CA  1 
ATOM   789  C C   . ILE A 1 96  ? -4.261  3.771   -13.952 1.00 34.59 ? 1074 ILE A C   1 
ATOM   790  O O   . ILE A 1 96  ? -3.625  3.266   -13.012 1.00 32.43 ? 1074 ILE A O   1 
ATOM   791  C CB  . ILE A 1 96  ? -5.112  6.148   -13.691 1.00 32.20 ? 1074 ILE A CB  1 
ATOM   792  C CG1 . ILE A 1 96  ? -4.823  7.609   -14.040 1.00 34.20 ? 1074 ILE A CG1 1 
ATOM   793  C CG2 . ILE A 1 96  ? -5.118  5.972   -12.154 1.00 32.25 ? 1074 ILE A CG2 1 
ATOM   794  C CD1 . ILE A 1 96  ? -3.379  8.021   -13.774 1.00 36.69 ? 1074 ILE A CD1 1 
ATOM   795  N N   . ARG A 1 97  ? -5.137  3.059   -14.675 1.00 30.33 ? 1075 ARG A N   1 
ATOM   796  C CA  . ARG A 1 97  ? -5.334  1.638   -14.392 1.00 33.43 ? 1075 ARG A CA  1 
ATOM   797  C C   . ARG A 1 97  ? -4.042  0.862   -14.591 1.00 35.53 ? 1075 ARG A C   1 
ATOM   798  O O   . ARG A 1 97  ? -3.699  -0.011  -13.782 1.00 30.66 ? 1075 ARG A O   1 
ATOM   799  C CB  . ARG A 1 97  ? -6.436  1.047   -15.276 1.00 34.79 ? 1075 ARG A CB  1 
ATOM   800  C CG  . ARG A 1 97  ? -7.831  1.548   -14.948 1.00 33.44 ? 1075 ARG A CG  1 
ATOM   801  C CD  . ARG A 1 97  ? -8.907  0.531   -15.329 1.00 33.71 ? 1075 ARG A CD  1 
ATOM   802  N NE  . ARG A 1 97  ? -8.843  0.063   -16.714 1.00 41.44 ? 1075 ARG A NE  1 
ATOM   803  C CZ  . ARG A 1 97  ? -9.450  0.664   -17.741 1.00 38.90 ? 1075 ARG A CZ  1 
ATOM   804  N NH1 . ARG A 1 97  ? -10.153 1.773   -17.548 1.00 38.45 ? 1075 ARG A NH1 1 
ATOM   805  N NH2 . ARG A 1 97  ? -9.351  0.156   -18.963 1.00 44.63 ? 1075 ARG A NH2 1 
ATOM   806  N N   . HIS A 1 98  ? -3.314  1.157   -15.674 1.00 28.33 ? 1076 HIS A N   1 
ATOM   807  C CA  . HIS A 1 98  ? -2.054  0.464   -15.903 1.00 32.35 ? 1076 HIS A CA  1 
ATOM   808  C C   . HIS A 1 98  ? -1.070  0.724   -14.770 1.00 29.42 ? 1076 HIS A C   1 
ATOM   809  O O   . HIS A 1 98  ? -0.366  -0.197  -14.324 1.00 30.64 ? 1076 HIS A O   1 
ATOM   810  C CB  . HIS A 1 98  ? -1.452  0.895   -17.238 1.00 30.05 ? 1076 HIS A CB  1 
ATOM   811  C CG  . HIS A 1 98  ? -0.300  0.051   -17.671 1.00 32.95 ? 1076 HIS A CG  1 
ATOM   812  N ND1 . HIS A 1 98  ? 1.010   0.383   -17.396 1.00 36.38 ? 1076 HIS A ND1 1 
ATOM   813  C CD2 . HIS A 1 98  ? -0.260  -1.126  -18.335 1.00 36.96 ? 1076 HIS A CD2 1 
ATOM   814  C CE1 . HIS A 1 98  ? 1.808   -0.547  -17.890 1.00 37.17 ? 1076 HIS A CE1 1 
ATOM   815  N NE2 . HIS A 1 98  ? 1.062   -1.473  -18.466 1.00 37.98 ? 1076 HIS A NE2 1 
ATOM   816  N N   . ARG A 1 99  ? -0.990  1.969   -14.307 1.00 28.79 ? 1077 ARG A N   1 
ATOM   817  C CA  . ARG A 1 99  ? -0.051  2.302   -13.238 1.00 29.43 ? 1077 ARG A CA  1 
ATOM   818  C C   . ARG A 1 99  ? -0.460  1.638   -11.932 1.00 32.87 ? 1077 ARG A C   1 
ATOM   819  O O   . ARG A 1 99  ? 0.392   1.194   -11.153 1.00 29.16 ? 1077 ARG A O   1 
ATOM   820  C CB  . ARG A 1 99  ? 0.015   3.812   -13.054 1.00 29.22 ? 1077 ARG A CB  1 
ATOM   821  C CG  . ARG A 1 99  ? 0.661   4.546   -14.219 1.00 29.75 ? 1077 ARG A CG  1 
ATOM   822  C CD  . ARG A 1 99  ? 0.438   6.027   -14.099 1.00 31.25 ? 1077 ARG A CD  1 
ATOM   823  N NE  . ARG A 1 99  ? 1.286   6.760   -15.036 1.00 31.02 ? 1077 ARG A NE  1 
ATOM   824  C CZ  . ARG A 1 99  ? 1.216   8.068   -15.256 1.00 33.34 ? 1077 ARG A CZ  1 
ATOM   825  N NH1 . ARG A 1 99  ? 0.328   8.815   -14.610 1.00 33.61 ? 1077 ARG A NH1 1 
ATOM   826  N NH2 . ARG A 1 99  ? 2.039   8.631   -16.133 1.00 36.17 ? 1077 ARG A NH2 1 
ATOM   827  N N   . ALA A 1 100 ? -1.765  1.593   -11.669 1.00 26.32 ? 1078 ALA A N   1 
ATOM   828  C CA  . ALA A 1 100 ? -2.278  0.935   -10.470 1.00 31.03 ? 1078 ALA A CA  1 
ATOM   829  C C   . ALA A 1 100 ? -1.916  -0.543  -10.450 1.00 29.95 ? 1078 ALA A C   1 
ATOM   830  O O   . ALA A 1 100 ? -1.443  -1.071  -9.431  1.00 34.73 ? 1078 ALA A O   1 
ATOM   831  C CB  . ALA A 1 100 ? -3.797  1.119   -10.401 1.00 32.89 ? 1078 ALA A CB  1 
ATOM   832  N N   . CYS A 1 101 ? -2.130  -1.231  -11.567 1.00 30.14 ? 1079 CYS A N   1 
ATOM   833  C CA  . CYS A 1 101 ? -1.755  -2.634  -11.634 1.00 31.85 ? 1079 CYS A CA  1 
ATOM   834  C C   . CYS A 1 101 ? -0.248  -2.801  -11.494 1.00 34.15 ? 1079 CYS A C   1 
ATOM   835  O O   . CYS A 1 101 ? 0.215   -3.750  -10.853 1.00 32.27 ? 1079 CYS A O   1 
ATOM   836  C CB  . CYS A 1 101 ? -2.263  -3.253  -12.931 1.00 35.63 ? 1079 CYS A CB  1 
ATOM   837  S SG  . CYS A 1 101 ? -4.069  -3.478  -12.876 1.00 50.15 ? 1079 CYS A SG  1 
ATOM   838  N N   . ALA A 1 102 ? 0.532   -1.869  -12.052 1.00 30.33 ? 1080 ALA A N   1 
ATOM   839  C CA  . ALA A 1 102 ? 1.988   -1.969  -11.910 1.00 29.01 ? 1080 ALA A CA  1 
ATOM   840  C C   . ALA A 1 102 ? 2.436   -1.715  -10.474 1.00 29.23 ? 1080 ALA A C   1 
ATOM   841  O O   . ALA A 1 102 ? 3.389   -2.347  -10.000 1.00 29.61 ? 1080 ALA A O   1 
ATOM   842  C CB  . ALA A 1 102 ? 2.692   -1.002  -12.857 1.00 29.28 ? 1080 ALA A CB  1 
ATOM   843  N N   . LEU A 1 103 ? 1.801   -0.769  -9.782  1.00 28.95 ? 1081 LEU A N   1 
ATOM   844  C CA  . LEU A 1 103 ? 2.117   -0.538  -8.373  1.00 31.60 ? 1081 LEU A CA  1 
ATOM   845  C C   . LEU A 1 103 ? 1.905   -1.804  -7.555  1.00 33.07 ? 1081 LEU A C   1 
ATOM   846  O O   . LEU A 1 103 ? 2.768   -2.203  -6.764  1.00 28.77 ? 1081 LEU A O   1 
ATOM   847  C CB  . LEU A 1 103 ? 1.255   0.594   -7.812  1.00 29.52 ? 1081 LEU A CB  1 
ATOM   848  C CG  . LEU A 1 103 ? 1.440   0.736   -6.289  1.00 35.58 ? 1081 LEU A CG  1 
ATOM   849  C CD1 . LEU A 1 103 ? 2.454   1.797   -6.003  1.00 34.46 ? 1081 LEU A CD1 1 
ATOM   850  C CD2 . LEU A 1 103 ? 0.127   1.052   -5.601  1.00 37.79 ? 1081 LEU A CD2 1 
ATOM   851  N N   . ARG A 1 104 ? 0.749   -2.446  -7.738  1.00 30.41 ? 1082 ARG A N   1 
ATOM   852  C CA  . ARG A 1 104 ? 0.439   -3.676  -7.016  1.00 35.62 ? 1082 ARG A CA  1 
ATOM   853  C C   . ARG A 1 104 ? 1.423   -4.791  -7.355  1.00 32.92 ? 1082 ARG A C   1 
ATOM   854  O O   . ARG A 1 104 ? 1.971   -5.447  -6.458  1.00 30.19 ? 1082 ARG A O   1 
ATOM   855  C CB  . ARG A 1 104 ? -0.993  -4.099  -7.334  1.00 36.25 ? 1082 ARG A CB  1 
ATOM   856  C CG  . ARG A 1 104 ? -1.407  -5.419  -6.723  1.00 38.26 ? 1082 ARG A CG  1 
ATOM   857  C CD  . ARG A 1 104 ? -2.871  -5.691  -6.977  1.00 42.13 ? 1082 ARG A CD  1 
ATOM   858  N NE  . ARG A 1 104 ? -3.341  -6.812  -6.172  1.00 51.41 ? 1082 ARG A NE  1 
ATOM   859  C CZ  . ARG A 1 104 ? -3.529  -8.040  -6.648  1.00 53.64 ? 1082 ARG A CZ  1 
ATOM   860  N NH1 . ARG A 1 104 ? -3.292  -8.292  -7.931  1.00 53.42 ? 1082 ARG A NH1 1 
ATOM   861  N NH2 . ARG A 1 104 ? -3.951  -9.011  -5.845  1.00 54.06 ? 1082 ARG A NH2 1 
ATOM   862  N N   . ASP A 1 105 ? 1.662   -5.019  -8.651  1.00 30.09 ? 1083 ASP A N   1 
ATOM   863  C CA  . ASP A 1 105 ? 2.599   -6.054  -9.073  1.00 30.75 ? 1083 ASP A CA  1 
ATOM   864  C C   . ASP A 1 105 ? 4.001   -5.794  -8.536  1.00 27.93 ? 1083 ASP A C   1 
ATOM   865  O O   . ASP A 1 105 ? 4.699   -6.735  -8.135  1.00 28.01 ? 1083 ASP A O   1 
ATOM   866  C CB  . ASP A 1 105 ? 2.642   -6.143  -10.595 1.00 33.34 ? 1083 ASP A CB  1 
ATOM   867  C CG  . ASP A 1 105 ? 1.374   -6.761  -11.190 1.00 40.36 ? 1083 ASP A CG  1 
ATOM   868  O OD1 . ASP A 1 105 ? 0.485   -7.193  -10.426 1.00 42.22 ? 1083 ASP A OD1 1 
ATOM   869  O OD2 . ASP A 1 105 ? 1.269   -6.793  -12.429 1.00 45.16 ? 1083 ASP A OD2 1 
ATOM   870  N N   . THR A 1 106 ? 4.427   -4.531  -8.526  1.00 26.77 ? 1084 THR A N   1 
ATOM   871  C CA  . THR A 1 106 ? 5.768   -4.207  -8.039  1.00 26.64 ? 1084 THR A CA  1 
ATOM   872  C C   . THR A 1 106 ? 5.892   -4.505  -6.551  1.00 29.20 ? 1084 THR A C   1 
ATOM   873  O O   . THR A 1 106 ? 6.881   -5.108  -6.104  1.00 27.32 ? 1084 THR A O   1 
ATOM   874  C CB  . THR A 1 106 ? 6.096   -2.739  -8.314  1.00 29.16 ? 1084 THR A CB  1 
ATOM   875  O OG1 . THR A 1 106 ? 6.109   -2.506  -9.731  1.00 27.45 ? 1084 THR A OG1 1 
ATOM   876  C CG2 . THR A 1 106 ? 7.468   -2.391  -7.748  1.00 27.25 ? 1084 THR A CG2 1 
ATOM   877  N N   . ALA A 1 107 ? 4.914   -4.061  -5.761  1.00 25.01 ? 1085 ALA A N   1 
ATOM   878  C CA  . ALA A 1 107 ? 4.945   -4.338  -4.323  1.00 28.84 ? 1085 ALA A CA  1 
ATOM   879  C C   . ALA A 1 107 ? 4.965   -5.838  -4.047  1.00 27.47 ? 1085 ALA A C   1 
ATOM   880  O O   . ALA A 1 107 ? 5.769   -6.323  -3.237  1.00 25.97 ? 1085 ALA A O   1 
ATOM   881  C CB  . ALA A 1 107 ? 3.745   -3.674  -3.637  1.00 27.32 ? 1085 ALA A CB  1 
ATOM   882  N N   . TYR A 1 108 ? 4.094   -6.605  -4.720  1.00 25.69 ? 1086 TYR A N   1 
ATOM   883  C CA  . TYR A 1 108 ? 4.075   -8.049  -4.498  1.00 27.62 ? 1086 TYR A CA  1 
ATOM   884  C C   . TYR A 1 108 ? 5.405   -8.686  -4.892  1.00 28.63 ? 1086 TYR A C   1 
ATOM   885  O O   . TYR A 1 108 ? 5.894   -9.591  -4.204  1.00 28.55 ? 1086 TYR A O   1 
ATOM   886  C CB  . TYR A 1 108 ? 2.915   -8.705  -5.265  1.00 28.08 ? 1086 TYR A CB  1 
ATOM   887  C CG  . TYR A 1 108 ? 1.613   -8.710  -4.487  1.00 28.40 ? 1086 TYR A CG  1 
ATOM   888  C CD1 . TYR A 1 108 ? 0.792   -7.591  -4.456  1.00 32.34 ? 1086 TYR A CD1 1 
ATOM   889  C CD2 . TYR A 1 108 ? 1.209   -9.840  -3.770  1.00 31.30 ? 1086 TYR A CD2 1 
ATOM   890  C CE1 . TYR A 1 108 ? -0.404  -7.589  -3.735  1.00 33.68 ? 1086 TYR A CE1 1 
ATOM   891  C CE2 . TYR A 1 108 ? 0.018   -9.845  -3.050  1.00 32.73 ? 1086 TYR A CE2 1 
ATOM   892  C CZ  . TYR A 1 108 ? -0.781  -8.720  -3.041  1.00 35.56 ? 1086 TYR A CZ  1 
ATOM   893  O OH  . TYR A 1 108 ? -1.956  -8.722  -2.322  1.00 35.02 ? 1086 TYR A OH  1 
ATOM   894  N N   . ALA A 1 109 ? 6.021   -8.207  -5.977  1.00 26.37 ? 1087 ALA A N   1 
ATOM   895  C CA  . ALA A 1 109 ? 7.273   -8.804  -6.440  1.00 30.05 ? 1087 ALA A CA  1 
ATOM   896  C C   . ALA A 1 109 ? 8.419   -8.500  -5.482  1.00 28.46 ? 1087 ALA A C   1 
ATOM   897  O O   . ALA A 1 109 ? 9.278   -9.357  -5.247  1.00 27.41 ? 1087 ALA A O   1 
ATOM   898  C CB  . ALA A 1 109 ? 7.624   -8.307  -7.842  1.00 29.53 ? 1087 ALA A CB  1 
ATOM   899  N N   . ILE A 1 110 ? 8.452   -7.286  -4.926  1.00 26.38 ? 1088 ILE A N   1 
ATOM   900  C CA  . ILE A 1 110 ? 9.495   -6.955  -3.951  1.00 28.12 ? 1088 ILE A CA  1 
ATOM   901  C C   . ILE A 1 110 ? 9.354   -7.841  -2.725  1.00 29.08 ? 1088 ILE A C   1 
ATOM   902  O O   . ILE A 1 110 ? 10.331  -8.406  -2.216  1.00 27.91 ? 1088 ILE A O   1 
ATOM   903  C CB  . ILE A 1 110 ? 9.426   -5.466  -3.570  1.00 26.02 ? 1088 ILE A CB  1 
ATOM   904  C CG1 . ILE A 1 110 ? 9.856   -4.586  -4.742  1.00 27.39 ? 1088 ILE A CG1 1 
ATOM   905  C CG2 . ILE A 1 110 ? 10.263  -5.189  -2.318  1.00 26.88 ? 1088 ILE A CG2 1 
ATOM   906  C CD1 . ILE A 1 110 ? 9.610   -3.113  -4.508  1.00 25.58 ? 1088 ILE A CD1 1 
ATOM   907  N N   . ILE A 1 111 ? 8.121   -7.994  -2.246  1.00 25.67 ? 1089 ILE A N   1 
ATOM   908  C CA  . ILE A 1 111 ? 7.889   -8.814  -1.064  1.00 29.62 ? 1089 ILE A CA  1 
ATOM   909  C C   . ILE A 1 111 ? 8.209   -10.282 -1.350  1.00 31.59 ? 1089 ILE A C   1 
ATOM   910  O O   . ILE A 1 111 ? 8.855   -10.957 -0.542  1.00 30.64 ? 1089 ILE A O   1 
ATOM   911  C CB  . ILE A 1 111 ? 6.445   -8.593  -0.575  1.00 29.65 ? 1089 ILE A CB  1 
ATOM   912  C CG1 . ILE A 1 111 ? 6.352   -7.213  0.086   1.00 31.24 ? 1089 ILE A CG1 1 
ATOM   913  C CG2 . ILE A 1 111 ? 5.993   -9.715  0.360   1.00 33.50 ? 1089 ILE A CG2 1 
ATOM   914  C CD1 . ILE A 1 111 ? 4.973   -6.631  0.116   1.00 34.62 ? 1089 ILE A CD1 1 
ATOM   915  N N   . LYS A 1 112 ? 7.790   -10.800 -2.509  1.00 29.69 ? 1090 LYS A N   1 
ATOM   916  C CA  . LYS A 1 112 ? 8.116   -12.188 -2.843  1.00 31.33 ? 1090 LYS A CA  1 
ATOM   917  C C   . LYS A 1 112 ? 9.622   -12.424 -2.872  1.00 34.05 ? 1090 LYS A C   1 
ATOM   918  O O   . LYS A 1 112 ? 10.101  -13.474 -2.424  1.00 35.24 ? 1090 LYS A O   1 
ATOM   919  C CB  . LYS A 1 112 ? 7.499   -12.576 -4.189  1.00 34.99 ? 1090 LYS A CB  1 
ATOM   920  C CG  . LYS A 1 112 ? 7.662   -14.061 -4.515  1.00 42.51 ? 1090 LYS A CG  1 
ATOM   921  C CD  . LYS A 1 112 ? 7.152   -14.389 -5.908  1.00 50.51 ? 1090 LYS A CD  1 
ATOM   922  C CE  . LYS A 1 112 ? 7.312   -15.872 -6.223  1.00 57.45 ? 1090 LYS A CE  1 
ATOM   923  N NZ  . LYS A 1 112 ? 6.884   -16.174 -7.620  1.00 64.38 ? 1090 LYS A NZ  1 
ATOM   924  N N   . GLU A 1 113 ? 10.390  -11.459 -3.384  1.00 29.92 ? 1091 GLU A N   1 
ATOM   925  C CA  . GLU A 1 113 ? 11.831  -11.643 -3.535  1.00 31.47 ? 1091 GLU A CA  1 
ATOM   926  C C   . GLU A 1 113 ? 12.613  -11.354 -2.259  1.00 33.13 ? 1091 GLU A C   1 
ATOM   927  O O   . GLU A 1 113 ? 13.698  -11.920 -2.068  1.00 35.50 ? 1091 GLU A O   1 
ATOM   928  C CB  . GLU A 1 113 ? 12.374  -10.743 -4.645  1.00 35.94 ? 1091 GLU A CB  1 
ATOM   929  C CG  . GLU A 1 113 ? 12.707  -11.461 -5.934  1.00 48.53 ? 1091 GLU A CG  1 
ATOM   930  C CD  . GLU A 1 113 ? 13.507  -10.589 -6.891  1.00 58.46 ? 1091 GLU A CD  1 
ATOM   931  O OE1 . GLU A 1 113 ? 14.341  -11.142 -7.644  1.00 63.82 ? 1091 GLU A OE1 1 
ATOM   932  O OE2 . GLU A 1 113 ? 13.309  -9.352  -6.884  1.00 60.44 ? 1091 GLU A OE2 1 
ATOM   933  N N   . GLU A 1 114 ? 12.120  -10.466 -1.395  1.00 28.01 ? 1092 GLU A N   1 
ATOM   934  C CA  . GLU A 1 114 ? 12.947  -9.936  -0.317  1.00 28.84 ? 1092 GLU A CA  1 
ATOM   935  C C   . GLU A 1 114 ? 12.457  -10.243 1.094   1.00 32.52 ? 1092 GLU A C   1 
ATOM   936  O O   . GLU A 1 114 ? 13.240  -10.086 2.039   1.00 33.77 ? 1092 GLU A O   1 
ATOM   937  C CB  . GLU A 1 114 ? 13.097  -8.415  -0.463  1.00 29.12 ? 1092 GLU A CB  1 
ATOM   938  C CG  . GLU A 1 114 ? 13.668  -8.011  -1.838  1.00 28.17 ? 1092 GLU A CG  1 
ATOM   939  C CD  . GLU A 1 114 ? 13.835  -6.514  -1.991  1.00 27.44 ? 1092 GLU A CD  1 
ATOM   940  O OE1 . GLU A 1 114 ? 13.890  -5.805  -0.966  1.00 29.23 ? 1092 GLU A OE1 1 
ATOM   941  O OE2 . GLU A 1 114 ? 13.902  -6.039  -3.148  1.00 29.78 ? 1092 GLU A OE2 1 
ATOM   942  N N   . LEU A 1 115 ? 11.207  -10.643 1.280   1.00 29.73 ? 1093 LEU A N   1 
ATOM   943  C CA  . LEU A 1 115 ? 10.709  -10.944 2.615   1.00 31.75 ? 1093 LEU A CA  1 
ATOM   944  C C   . LEU A 1 115 ? 10.755  -12.449 2.847   1.00 35.36 ? 1093 LEU A C   1 
ATOM   945  O O   . LEU A 1 115 ? 10.138  -13.216 2.101   1.00 36.77 ? 1093 LEU A O   1 
ATOM   946  C CB  . LEU A 1 115 ? 9.296   -10.414 2.814   1.00 36.42 ? 1093 LEU A CB  1 
ATOM   947  C CG  . LEU A 1 115 ? 8.819   -10.652 4.246   1.00 38.60 ? 1093 LEU A CG  1 
ATOM   948  C CD1 . LEU A 1 115 ? 9.252   -9.514  5.154   1.00 39.22 ? 1093 LEU A CD1 1 
ATOM   949  C CD2 . LEU A 1 115 ? 7.334   -10.835 4.225   1.00 41.12 ? 1093 LEU A CD2 1 
ATOM   950  N N   . ASP A 1 116 ? 11.475  -12.868 3.887   1.00 34.43 ? 1094 ASP A N   1 
ATOM   951  C CA  . ASP A 1 116 ? 11.549  -14.286 4.215   1.00 32.78 ? 1094 ASP A CA  1 
ATOM   952  C C   . ASP A 1 116 ? 10.184  -14.808 4.653   1.00 31.97 ? 1094 ASP A C   1 
ATOM   953  O O   . ASP A 1 116 ? 9.508   -14.191 5.488   1.00 31.47 ? 1094 ASP A O   1 
ATOM   954  C CB  . ASP A 1 116 ? 12.585  -14.513 5.313   1.00 33.76 ? 1094 ASP A CB  1 
ATOM   955  C CG  . ASP A 1 116 ? 12.891  -15.985 5.530   1.00 39.46 ? 1094 ASP A CG  1 
ATOM   956  O OD1 . ASP A 1 116 ? 11.957  -16.775 5.757   1.00 42.68 ? 1094 ASP A OD1 1 
ATOM   957  O OD2 . ASP A 1 116 ? 14.076  -16.357 5.485   1.00 41.34 ? 1094 ASP A OD2 1 
ATOM   958  N N   . GLU A 1 117 ? 9.792   -15.958 4.091   1.00 30.92 ? 1095 GLU A N   1 
ATOM   959  C CA  . GLU A 1 117 ? 8.494   -16.556 4.410   1.00 36.24 ? 1095 GLU A CA  1 
ATOM   960  C C   . GLU A 1 117 ? 8.364   -16.858 5.898   1.00 33.03 ? 1095 GLU A C   1 
ATOM   961  O O   . GLU A 1 117 ? 7.265   -16.778 6.461   1.00 31.46 ? 1095 GLU A O   1 
ATOM   962  C CB  . GLU A 1 117 ? 8.292   -17.849 3.619   1.00 39.04 ? 1095 GLU A CB  1 
ATOM   963  C CG  . GLU A 1 117 ? 8.144   -17.691 2.121   1.00 50.56 ? 1095 GLU A CG  1 
ATOM   964  C CD  . GLU A 1 117 ? 8.279   -19.025 1.388   1.00 62.89 ? 1095 GLU A CD  1 
ATOM   965  O OE1 . GLU A 1 117 ? 7.365   -19.876 1.509   1.00 63.43 ? 1095 GLU A OE1 1 
ATOM   966  O OE2 . GLU A 1 117 ? 9.309   -19.225 0.704   1.00 66.38 ? 1095 GLU A OE2 1 
ATOM   967  N N   . ASP A 1 118 ? 9.470   -17.243 6.542   1.00 33.84 ? 1096 ASP A N   1 
ATOM   968  C CA  . ASP A 1 118 ? 9.427   -17.556 7.969   1.00 32.98 ? 1096 ASP A CA  1 
ATOM   969  C C   . ASP A 1 118 ? 9.285   -16.299 8.814   1.00 30.83 ? 1096 ASP A C   1 
ATOM   970  O O   . ASP A 1 118 ? 8.713   -16.347 9.910   1.00 28.78 ? 1096 ASP A O   1 
ATOM   971  C CB  . ASP A 1 118 ? 10.683  -18.333 8.379   1.00 30.95 ? 1096 ASP A CB  1 
ATOM   972  C CG  . ASP A 1 118 ? 10.690  -19.749 7.830   1.00 38.81 ? 1096 ASP A CG  1 
ATOM   973  O OD1 . ASP A 1 118 ? 9.591   -20.293 7.620   1.00 39.69 ? 1096 ASP A OD1 1 
ATOM   974  O OD2 . ASP A 1 118 ? 11.785  -20.310 7.604   1.00 44.16 ? 1096 ASP A OD2 1 
ATOM   975  N N   . PHE A 1 119 ? 9.803   -15.166 8.334   1.00 28.79 ? 1097 PHE A N   1 
ATOM   976  C CA  . PHE A 1 119 ? 9.582   -13.915 9.053   1.00 29.42 ? 1097 PHE A CA  1 
ATOM   977  C C   . PHE A 1 119 ? 8.107   -13.522 9.011   1.00 31.02 ? 1097 PHE A C   1 
ATOM   978  O O   . PHE A 1 119 ? 7.527   -13.139 10.037  1.00 30.46 ? 1097 PHE A O   1 
ATOM   979  C CB  . PHE A 1 119 ? 10.466  -12.794 8.482   1.00 27.96 ? 1097 PHE A CB  1 
ATOM   980  C CG  . PHE A 1 119 ? 10.315  -11.478 9.216   1.00 29.02 ? 1097 PHE A CG  1 
ATOM   981  C CD1 . PHE A 1 119 ? 11.043  -11.213 10.370  1.00 28.39 ? 1097 PHE A CD1 1 
ATOM   982  C CD2 . PHE A 1 119 ? 9.412   -10.526 8.770   1.00 28.16 ? 1097 PHE A CD2 1 
ATOM   983  C CE1 . PHE A 1 119 ? 10.880  -10.011 11.053  1.00 31.03 ? 1097 PHE A CE1 1 
ATOM   984  C CE2 . PHE A 1 119 ? 9.239   -9.331  9.439   1.00 29.34 ? 1097 PHE A CE2 1 
ATOM   985  C CZ  . PHE A 1 119 ? 9.975   -9.062  10.582  1.00 28.59 ? 1097 PHE A CZ  1 
ATOM   986  N N   . GLU A 1 120 ? 7.473   -13.642 7.841   1.00 28.31 ? 1098 GLU A N   1 
ATOM   987  C CA  . GLU A 1 120 ? 6.057   -13.304 7.756   1.00 29.76 ? 1098 GLU A CA  1 
ATOM   988  C C   . GLU A 1 120 ? 5.223   -14.257 8.601   1.00 32.56 ? 1098 GLU A C   1 
ATOM   989  O O   . GLU A 1 120 ? 4.281   -13.831 9.274   1.00 31.10 ? 1098 GLU A O   1 
ATOM   990  C CB  . GLU A 1 120 ? 5.584   -13.314 6.298   1.00 34.24 ? 1098 GLU A CB  1 
ATOM   991  C CG  . GLU A 1 120 ? 4.048   -13.277 6.117   1.00 33.66 ? 1098 GLU A CG  1 
ATOM   992  C CD  . GLU A 1 120 ? 3.359   -12.008 6.674   1.00 39.02 ? 1098 GLU A CD  1 
ATOM   993  O OE1 . GLU A 1 120 ? 4.046   -11.091 7.168   1.00 36.68 ? 1098 GLU A OE1 1 
ATOM   994  O OE2 . GLU A 1 120 ? 2.105   -11.913 6.611   1.00 41.84 ? 1098 GLU A OE2 1 
ATOM   995  N N   . GLN A 1 121 ? 5.576   -15.546 8.599   1.00 29.47 ? 1099 GLN A N   1 
ATOM   996  C CA  . GLN A 1 121 ? 4.859   -16.512 9.430   1.00 33.39 ? 1099 GLN A CA  1 
ATOM   997  C C   . GLN A 1 121 ? 4.965   -16.155 10.909  1.00 30.71 ? 1099 GLN A C   1 
ATOM   998  O O   . GLN A 1 121 ? 3.977   -16.235 11.649  1.00 31.63 ? 1099 GLN A O   1 
ATOM   999  C CB  . GLN A 1 121 ? 5.392   -17.920 9.178   1.00 31.49 ? 1099 GLN A CB  1 
ATOM   1000 C CG  . GLN A 1 121 ? 4.605   -19.011 9.918   1.00 34.31 ? 1099 GLN A CG  1 
ATOM   1001 C CD  . GLN A 1 121 ? 3.170   -19.098 9.430   1.00 40.13 ? 1099 GLN A CD  1 
ATOM   1002 O OE1 . GLN A 1 121 ? 2.903   -18.888 8.253   1.00 44.03 ? 1099 GLN A OE1 1 
ATOM   1003 N NE2 . GLN A 1 121 ? 2.242   -19.400 10.331  1.00 40.19 ? 1099 GLN A NE2 1 
ATOM   1004 N N   . LEU A 1 122 ? 6.155   -15.744 11.355  1.00 27.55 ? 1100 LEU A N   1 
ATOM   1005 C CA  . LEU A 1 122 ? 6.322   -15.332 12.745  1.00 27.92 ? 1100 LEU A CA  1 
ATOM   1006 C C   . LEU A 1 122 ? 5.408   -14.168 13.091  1.00 34.59 ? 1100 LEU A C   1 
ATOM   1007 O O   . LEU A 1 122 ? 4.729   -14.186 14.129  1.00 32.34 ? 1100 LEU A O   1 
ATOM   1008 C CB  . LEU A 1 122 ? 7.789   -14.973 13.014  1.00 29.73 ? 1100 LEU A CB  1 
ATOM   1009 C CG  . LEU A 1 122 ? 8.070   -14.433 14.416  1.00 30.63 ? 1100 LEU A CG  1 
ATOM   1010 C CD1 . LEU A 1 122 ? 7.632   -15.443 15.479  1.00 34.13 ? 1100 LEU A CD1 1 
ATOM   1011 C CD2 . LEU A 1 122 ? 9.542   -14.079 14.566  1.00 32.46 ? 1100 LEU A CD2 1 
ATOM   1012 N N   . CYS A 1 123 ? 5.389   -13.127 12.238  1.00 29.90 ? 1101 CYS A N   1 
ATOM   1013 C CA  . CYS A 1 123 ? 4.492   -11.993 12.465  1.00 31.20 ? 1101 CYS A CA  1 
ATOM   1014 C C   . CYS A 1 123 ? 3.054   -12.463 12.624  1.00 33.20 ? 1101 CYS A C   1 
ATOM   1015 O O   . CYS A 1 123 ? 2.341   -12.020 13.533  1.00 33.81 ? 1101 CYS A O   1 
ATOM   1016 C CB  . CYS A 1 123 ? 4.593   -10.990 11.309  1.00 26.83 ? 1101 CYS A CB  1 
ATOM   1017 S SG  . CYS A 1 123 ? 6.177   -10.127 11.280  1.00 30.32 ? 1101 CYS A SG  1 
ATOM   1018 N N   . GLU A 1 124 ? 2.619   -13.370 11.753  1.00 33.18 ? 1102 GLU A N   1 
ATOM   1019 C CA  . GLU A 1 124 ? 1.239   -13.842 11.809  1.00 35.92 ? 1102 GLU A CA  1 
ATOM   1020 C C   . GLU A 1 124 ? 0.962   -14.575 13.117  1.00 40.70 ? 1102 GLU A C   1 
ATOM   1021 O O   . GLU A 1 124 ? -0.101  -14.393 13.726  1.00 39.84 ? 1102 GLU A O   1 
ATOM   1022 C CB  . GLU A 1 124 ? 0.946   -14.733 10.602  1.00 35.02 ? 1102 GLU A CB  1 
ATOM   1023 C CG  . GLU A 1 124 ? 0.888   -13.949 9.297   1.00 42.29 ? 1102 GLU A CG  1 
ATOM   1024 C CD  . GLU A 1 124 ? 0.497   -14.789 8.097   1.00 52.21 ? 1102 GLU A CD  1 
ATOM   1025 O OE1 . GLU A 1 124 ? -0.065  -15.892 8.298   1.00 55.51 ? 1102 GLU A OE1 1 
ATOM   1026 O OE2 . GLU A 1 124 ? 0.745   -14.338 6.949   1.00 52.98 ? 1102 GLU A OE2 1 
ATOM   1027 N N   . GLU A 1 125 ? 1.917   -15.383 13.584  1.00 38.48 ? 1103 GLU A N   1 
ATOM   1028 C CA  . GLU A 1 125 ? 1.680   -16.153 14.800  1.00 42.13 ? 1103 GLU A CA  1 
ATOM   1029 C C   . GLU A 1 125 ? 1.695   -15.267 16.043  1.00 41.09 ? 1103 GLU A C   1 
ATOM   1030 O O   . GLU A 1 125 ? 0.918   -15.508 16.971  1.00 46.21 ? 1103 GLU A O   1 
ATOM   1031 C CB  . GLU A 1 125 ? 2.684   -17.313 14.890  1.00 34.88 ? 1103 GLU A CB  1 
ATOM   1032 C CG  . GLU A 1 125 ? 2.372   -18.382 13.827  1.00 36.13 ? 1103 GLU A CG  1 
ATOM   1033 C CD  . GLU A 1 125 ? 3.276   -19.612 13.854  1.00 38.27 ? 1103 GLU A CD  1 
ATOM   1034 O OE1 . GLU A 1 125 ? 4.028   -19.791 14.835  1.00 36.14 ? 1103 GLU A OE1 1 
ATOM   1035 O OE2 . GLU A 1 125 ? 3.219   -20.409 12.884  1.00 37.21 ? 1103 GLU A OE2 1 
ATOM   1036 N N   . ILE A 1 126 ? 2.523   -14.217 16.071  1.00 37.24 ? 1104 ILE A N   1 
ATOM   1037 C CA  . ILE A 1 126 ? 2.429   -13.243 17.152  1.00 40.58 ? 1104 ILE A CA  1 
ATOM   1038 C C   . ILE A 1 126 ? 1.074   -12.545 17.116  1.00 48.95 ? 1104 ILE A C   1 
ATOM   1039 O O   . ILE A 1 126 ? 0.419   -12.372 18.153  1.00 50.24 ? 1104 ILE A O   1 
ATOM   1040 C CB  . ILE A 1 126 ? 3.579   -12.227 17.078  1.00 39.83 ? 1104 ILE A CB  1 
ATOM   1041 C CG1 . ILE A 1 126 ? 4.942   -12.933 17.049  1.00 38.11 ? 1104 ILE A CG1 1 
ATOM   1042 C CG2 . ILE A 1 126 ? 3.508   -11.267 18.262  1.00 44.94 ? 1104 ILE A CG2 1 
ATOM   1043 C CD1 . ILE A 1 126 ? 6.109   -11.980 16.816  1.00 36.97 ? 1104 ILE A CD1 1 
ATOM   1044 N N   . GLN A 1 127 ? 0.626   -12.146 15.919  1.00 46.57 ? 1105 GLN A N   1 
ATOM   1045 C CA  . GLN A 1 127 ? -0.653  -11.448 15.793  1.00 50.02 ? 1105 GLN A CA  1 
ATOM   1046 C C   . GLN A 1 127 ? -1.814  -12.334 16.238  1.00 51.27 ? 1105 GLN A C   1 
ATOM   1047 O O   . GLN A 1 127 ? -2.695  -11.890 16.985  1.00 53.60 ? 1105 GLN A O   1 
ATOM   1048 C CB  . GLN A 1 127 ? -0.854  -10.973 14.348  1.00 43.17 ? 1105 GLN A CB  1 
ATOM   1049 C CG  . GLN A 1 127 ? -2.058  -10.053 14.150  1.00 45.41 ? 1105 GLN A CG  1 
ATOM   1050 C CD  . GLN A 1 127 ? -2.458  -9.905  12.684  1.00 47.34 ? 1105 GLN A CD  1 
ATOM   1051 O OE1 . GLN A 1 127 ? -2.579  -10.890 11.953  1.00 51.37 ? 1105 GLN A OE1 1 
ATOM   1052 N NE2 . GLN A 1 127 ? -2.657  -8.663  12.248  1.00 47.37 ? 1105 GLN A NE2 1 
ATOM   1053 N N   . GLU A 1 128 ? -1.832  -13.593 15.788  1.00 52.52 ? 1106 GLU A N   1 
ATOM   1054 C CA  . GLU A 1 128 ? -2.908  -14.515 16.146  1.00 51.87 ? 1106 GLU A CA  1 
ATOM   1055 C C   . GLU A 1 128 ? -2.947  -14.828 17.637  1.00 59.10 ? 1106 GLU A C   1 
ATOM   1056 O O   . GLU A 1 128 ? -3.970  -15.326 18.126  1.00 61.37 ? 1106 GLU A O   1 
ATOM   1057 C CB  . GLU A 1 128 ? -2.772  -15.821 15.371  1.00 54.98 ? 1106 GLU A CB  1 
ATOM   1058 C CG  . GLU A 1 128 ? -3.502  -15.849 14.052  1.00 59.84 ? 1106 GLU A CG  1 
ATOM   1059 C CD  . GLU A 1 128 ? -2.763  -16.663 13.009  1.00 65.04 ? 1106 GLU A CD  1 
ATOM   1060 O OE1 . GLU A 1 128 ? -2.594  -16.164 11.873  1.00 69.59 ? 1106 GLU A OE1 1 
ATOM   1061 O OE2 . GLU A 1 128 ? -2.342  -17.798 13.328  1.00 64.81 ? 1106 GLU A OE2 1 
ATOM   1062 N N   . SER A 1 129 ? -1.858  -14.571 18.362  1.00 57.13 ? 1107 SER A N   1 
ATOM   1063 C CA  . SER A 1 129 ? -1.805  -14.794 19.800  1.00 60.87 ? 1107 SER A CA  1 
ATOM   1064 C C   . SER A 1 129 ? -2.314  -13.607 20.607  1.00 63.19 ? 1107 SER A C   1 
ATOM   1065 O O   . SER A 1 129 ? -2.442  -13.722 21.831  1.00 66.23 ? 1107 SER A O   1 
ATOM   1066 C CB  . SER A 1 129 ? -0.370  -15.118 20.237  1.00 56.37 ? 1107 SER A CB  1 
ATOM   1067 O OG  . SER A 1 129 ? 0.390   -13.928 20.433  1.00 58.41 ? 1107 SER A OG  1 
ATOM   1068 N N   . ARG A 1 130 ? -2.603  -12.478 19.960  1.00 64.93 ? 1108 ARG A N   1 
ATOM   1069 C CA  . ARG A 1 130 ? -3.054  -11.277 20.661  1.00 66.80 ? 1108 ARG A CA  1 
ATOM   1070 C C   . ARG A 1 130 ? -4.541  -11.007 20.423  1.00 73.45 ? 1108 ARG A C   1 
ATOM   1071 O O   . ARG A 1 130 ? -5.107  -11.392 19.394  1.00 73.88 ? 1108 ARG A O   1 
ATOM   1072 C CB  . ARG A 1 130 ? -2.225  -10.065 20.232  1.00 63.63 ? 1108 ARG A CB  1 
ATOM   1073 C CG  . ARG A 1 130 ? -0.728  -10.249 20.434  1.00 64.00 ? 1108 ARG A CG  1 
ATOM   1074 C CD  . ARG A 1 130 ? 0.036   -8.943  20.280  1.00 60.80 ? 1108 ARG A CD  1 
ATOM   1075 N NE  . ARG A 1 130 ? 1.405   -9.065  20.775  1.00 59.36 ? 1108 ARG A NE  1 
ATOM   1076 C CZ  . ARG A 1 130 ? 2.326   -8.111  20.672  1.00 57.57 ? 1108 ARG A CZ  1 
ATOM   1077 N NH1 . ARG A 1 130 ? 3.551   -8.307  21.152  1.00 54.65 ? 1108 ARG A NH1 1 
ATOM   1078 N NH2 . ARG A 1 130 ? 2.024   -6.958  20.084  1.00 60.13 ? 1108 ARG A NH2 1 
ATOM   1079 O OXT . ARG A 1 130 ? -5.208  -10.392 21.260  1.00 76.42 ? 1108 ARG A OXT 1 
HETATM 1080 S S   . SO4 B 2 .   ? 10.477  2.252   14.687  1.00 40.15 ? 1201 SO4 A S   1 
HETATM 1081 O O1  . SO4 B 2 .   ? 11.926  2.178   14.501  1.00 45.17 ? 1201 SO4 A O1  1 
HETATM 1082 O O2  . SO4 B 2 .   ? 10.129  1.658   15.975  1.00 37.52 ? 1201 SO4 A O2  1 
HETATM 1083 O O3  . SO4 B 2 .   ? 10.069  3.655   14.614  1.00 38.24 ? 1201 SO4 A O3  1 
HETATM 1084 O O4  . SO4 B 2 .   ? 9.795   1.494   13.636  1.00 38.71 ? 1201 SO4 A O4  1 
HETATM 1085 N N   . BQT C 3 .   ? -9.362  9.313   -15.510 1.00 48.84 ? 1202 BQT A N   1 
HETATM 1086 C CA  . BQT C 3 .   ? -8.888  10.695  -15.363 1.00 51.93 ? 1202 BQT A CA  1 
HETATM 1087 C C   . BQT C 3 .   ? -8.086  10.868  -14.060 1.00 51.06 ? 1202 BQT A C   1 
HETATM 1088 O O   . BQT C 3 .   ? -7.379  11.867  -13.930 1.00 53.99 ? 1202 BQT A O   1 
HETATM 1089 C CB  . BQT C 3 .   ? -8.016  11.104  -16.562 1.00 44.70 ? 1202 BQT A CB  1 
HETATM 1090 C CAE . BQT C 3 .   ? -6.103  9.799   -7.493  1.00 45.62 ? 1202 BQT A CAE 1 
HETATM 1091 C CAF . BQT C 3 .   ? -5.984  8.347   -7.842  1.00 44.41 ? 1202 BQT A CAF 1 
HETATM 1092 C CAG . BQT C 3 .   ? -5.685  10.615  -8.684  1.00 43.67 ? 1202 BQT A CAG 1 
HETATM 1093 C CAK . BQT C 3 .   ? -6.737  8.062   -8.988  1.00 41.73 ? 1202 BQT A CAK 1 
HETATM 1094 C CAM . BQT C 3 .   ? -7.611  9.882   -11.945 1.00 45.80 ? 1202 BQT A CAM 1 
HETATM 1095 C CAN . BQT C 3 .   ? -6.410  10.234  -9.813  1.00 46.86 ? 1202 BQT A CAN 1 
HETATM 1096 C CAO . BQT C 3 .   ? -6.914  8.985   -9.953  1.00 43.06 ? 1202 BQT A CAO 1 
HETATM 1097 N NAH . BQT C 3 .   ? -7.568  8.818   -11.129 1.00 44.54 ? 1202 BQT A NAH 1 
HETATM 1098 N NAI . BQT C 3 .   ? -8.236  9.872   -13.142 1.00 49.55 ? 1202 BQT A NAI 1 
HETATM 1099 O OAC . BQT C 3 .   ? -7.210  6.926   -9.128  1.00 38.83 ? 1202 BQT A OAC 1 
HETATM 1100 S SAJ . BQT C 3 .   ? -6.817  11.113  -11.200 1.00 49.72 ? 1202 BQT A SAJ 1 
HETATM 1101 O O   . HOH D 4 .   ? -4.858  -8.036  0.023   1.00 42.66 ? 1301 HOH A O   1 
HETATM 1102 O O   . HOH D 4 .   ? -7.256  0.120   5.273   1.00 45.13 ? 1302 HOH A O   1 
HETATM 1103 O O   . HOH D 4 .   ? -7.582  5.743   -3.013  1.00 36.66 ? 1303 HOH A O   1 
HETATM 1104 O O   . HOH D 4 .   ? -11.644 -0.197  -3.891  1.00 37.93 ? 1304 HOH A O   1 
HETATM 1105 O O   . HOH D 4 .   ? -8.012  5.896   -6.705  1.00 37.06 ? 1305 HOH A O   1 
HETATM 1106 O O   . HOH D 4 .   ? 11.991  2.888   -6.834  1.00 38.46 ? 1306 HOH A O   1 
HETATM 1107 O O   . HOH D 4 .   ? 1.209   -22.079 12.721  1.00 44.64 ? 1307 HOH A O   1 
HETATM 1108 O O   . HOH D 4 .   ? 4.381   9.072   10.099  1.00 40.88 ? 1308 HOH A O   1 
HETATM 1109 O O   . HOH D 4 .   ? 1.915   -11.383 21.976  1.00 56.90 ? 1309 HOH A O   1 
HETATM 1110 O O   . HOH D 4 .   ? 13.408  -7.034  -5.577  1.00 42.43 ? 1310 HOH A O   1 
HETATM 1111 O O   . HOH D 4 .   ? -2.469  -10.854 8.673   1.00 43.84 ? 1311 HOH A O   1 
HETATM 1112 O O   . HOH D 4 .   ? 6.361   9.130   -7.358  1.00 38.25 ? 1312 HOH A O   1 
HETATM 1113 O O   . HOH D 4 .   ? 14.830  -11.303 9.575   1.00 38.14 ? 1313 HOH A O   1 
HETATM 1114 O O   . HOH D 4 .   ? -2.044  -6.301  -10.150 1.00 48.24 ? 1314 HOH A O   1 
HETATM 1115 O O   . HOH D 4 .   ? 13.196  1.530   6.461   1.00 27.98 ? 1315 HOH A O   1 
HETATM 1116 O O   . HOH D 4 .   ? -3.646  9.218   -4.424  1.00 43.66 ? 1316 HOH A O   1 
HETATM 1117 O O   . HOH D 4 .   ? -7.850  -4.424  0.034   1.00 32.19 ? 1317 HOH A O   1 
HETATM 1118 O O   . HOH D 4 .   ? 8.683   -14.534 0.217   1.00 48.22 ? 1318 HOH A O   1 
HETATM 1119 O O   . HOH D 4 .   ? -0.385  -17.892 17.181  1.00 50.71 ? 1319 HOH A O   1 
HETATM 1120 O O   . HOH D 4 .   ? 5.055   11.031  -12.992 1.00 42.93 ? 1320 HOH A O   1 
HETATM 1121 O O   . HOH D 4 .   ? -4.125  6.512   -4.292  1.00 35.79 ? 1321 HOH A O   1 
HETATM 1122 O O   . HOH D 4 .   ? 13.928  -19.165 6.341   1.00 49.17 ? 1322 HOH A O   1 
HETATM 1123 O O   . HOH D 4 .   ? -12.862 2.366   -1.422  1.00 35.52 ? 1323 HOH A O   1 
HETATM 1124 O O   . HOH D 4 .   ? 8.447   7.321   8.474   1.00 40.85 ? 1324 HOH A O   1 
HETATM 1125 O O   . HOH D 4 .   ? -11.724 7.338   -25.868 1.00 39.29 ? 1325 HOH A O   1 
HETATM 1126 O O   . HOH D 4 .   ? 2.602   2.068   -15.894 1.00 33.63 ? 1326 HOH A O   1 
HETATM 1127 O O   . HOH D 4 .   ? 7.742   10.789  -3.827  1.00 46.41 ? 1327 HOH A O   1 
HETATM 1128 O O   . HOH D 4 .   ? 3.944   -9.328  -8.849  1.00 36.65 ? 1328 HOH A O   1 
HETATM 1129 O O   . HOH D 4 .   ? -4.875  -3.112  6.288   1.00 42.52 ? 1329 HOH A O   1 
HETATM 1130 O O   . HOH D 4 .   ? -11.823 -2.165  -8.408  1.00 43.25 ? 1330 HOH A O   1 
HETATM 1131 O O   . HOH D 4 .   ? 4.221   -11.461 -2.902  1.00 38.69 ? 1331 HOH A O   1 
HETATM 1132 O O   . HOH D 4 .   ? 11.339  -17.136 2.036   1.00 46.50 ? 1332 HOH A O   1 
HETATM 1133 O O   . HOH D 4 .   ? 6.344   6.133   15.041  1.00 40.83 ? 1333 HOH A O   1 
HETATM 1134 O O   . HOH D 4 .   ? -5.936  4.865   -5.448  1.00 34.13 ? 1334 HOH A O   1 
HETATM 1135 O O   . HOH D 4 .   ? 4.771   -17.051 5.137   1.00 46.04 ? 1335 HOH A O   1 
HETATM 1136 O O   . HOH D 4 .   ? -1.588  11.224  4.227   1.00 48.94 ? 1336 HOH A O   1 
HETATM 1137 O O   . HOH D 4 .   ? 12.649  -8.425  7.335   1.00 42.02 ? 1337 HOH A O   1 
HETATM 1138 O O   . HOH D 4 .   ? 14.652  -7.858  3.194   1.00 39.13 ? 1338 HOH A O   1 
HETATM 1139 O O   . HOH D 4 .   ? 11.140  6.678   -11.494 1.00 41.83 ? 1339 HOH A O   1 
HETATM 1140 O O   . HOH D 4 .   ? 1.655   8.805   -11.656 1.00 34.13 ? 1340 HOH A O   1 
HETATM 1141 O O   . HOH D 4 .   ? -8.749  10.394  -21.454 1.00 45.05 ? 1341 HOH A O   1 
HETATM 1142 O O   . HOH D 4 .   ? -3.353  -9.125  1.861   1.00 39.94 ? 1342 HOH A O   1 
HETATM 1143 O O   . HOH D 4 .   ? 3.161   10.306  5.518   1.00 46.12 ? 1343 HOH A O   1 
HETATM 1144 O O   . HOH D 4 .   ? 4.733   0.188   -16.132 1.00 39.15 ? 1344 HOH A O   1 
HETATM 1145 O O   . HOH D 4 .   ? 14.920  -3.054  17.158  0.5  46.06 ? 1345 HOH A O   1 
HETATM 1146 O O   . HOH D 4 .   ? -6.270  -4.824  -5.906  1.00 44.63 ? 1346 HOH A O   1 
HETATM 1147 O O   . HOH D 4 .   ? 17.168  -8.309  8.705   1.00 29.40 ? 1347 HOH A O   1 
HETATM 1148 O O   . HOH D 4 .   ? 0.505   -2.713  -15.553 1.00 41.62 ? 1348 HOH A O   1 
HETATM 1149 O O   . HOH D 4 .   ? 0.224   11.959  -14.961 1.00 49.94 ? 1349 HOH A O   1 
HETATM 1150 O O   . HOH D 4 .   ? 1.979   8.440   11.557  1.00 42.73 ? 1350 HOH A O   1 
HETATM 1151 O O   . HOH D 4 .   ? 2.962   -0.820  11.443  1.00 28.31 ? 1351 HOH A O   1 
HETATM 1152 O O   . HOH D 4 .   ? 16.238  -14.336 5.425   1.00 48.54 ? 1352 HOH A O   1 
HETATM 1153 O O   . HOH D 4 .   ? 9.046   1.120   -7.689  1.00 35.21 ? 1353 HOH A O   1 
HETATM 1154 O O   . HOH D 4 .   ? -8.948  -3.956  -2.298  1.00 38.52 ? 1354 HOH A O   1 
HETATM 1155 O O   . HOH D 4 .   ? -11.265 0.172   -21.238 1.00 48.94 ? 1355 HOH A O   1 
HETATM 1156 O O   . HOH D 4 .   ? -15.808 3.581   -21.973 1.00 43.23 ? 1356 HOH A O   1 
HETATM 1157 O O   . HOH D 4 .   ? 4.771   -14.426 23.918  1.00 59.03 ? 1357 HOH A O   1 
HETATM 1158 O O   . HOH D 4 .   ? 9.559   -12.805 18.270  1.00 44.16 ? 1358 HOH A O   1 
HETATM 1159 O O   . HOH D 4 .   ? -7.397  4.394   -24.681 1.00 35.72 ? 1359 HOH A O   1 
HETATM 1160 O O   . HOH D 4 .   ? 3.866   -2.416  13.995  1.00 32.47 ? 1360 HOH A O   1 
HETATM 1161 O O   . HOH D 4 .   ? 15.200  -12.351 2.808   1.00 47.68 ? 1361 HOH A O   1 
HETATM 1162 O O   . HOH D 4 .   ? 13.104  -10.914 5.692   1.00 42.03 ? 1362 HOH A O   1 
HETATM 1163 O O   . HOH D 4 .   ? -13.375 0.430   0.326   1.00 48.03 ? 1363 HOH A O   1 
HETATM 1164 O O   . HOH D 4 .   ? 12.139  -19.569 3.954   1.00 53.29 ? 1364 HOH A O   1 
HETATM 1165 O O   . HOH D 4 .   ? -10.910 12.751  -13.021 1.00 52.43 ? 1365 HOH A O   1 
HETATM 1166 O O   . HOH D 4 .   ? 3.474   -3.120  16.713  1.00 40.42 ? 1366 HOH A O   1 
HETATM 1167 O O   . HOH D 4 .   ? 12.962  3.560   4.441   1.00 35.78 ? 1367 HOH A O   1 
HETATM 1168 O O   . HOH D 4 .   ? 3.031   8.346   14.289  1.00 45.52 ? 1368 HOH A O   1 
HETATM 1169 O O   . HOH D 4 .   ? 5.049   -11.409 -7.522  1.00 43.90 ? 1369 HOH A O   1 
HETATM 1170 O O   . HOH D 4 .   ? 4.183   -2.163  -16.023 1.00 44.16 ? 1370 HOH A O   1 
HETATM 1171 O O   . HOH D 4 .   ? 4.950   -9.290  -11.049 1.00 50.38 ? 1371 HOH A O   1 
HETATM 1172 O O   . HOH D 4 .   ? -7.550  -7.115  -0.164  1.00 43.72 ? 1372 HOH A O   1 
HETATM 1173 O O   . HOH D 4 .   ? 1.476   -23.255 10.526  1.00 50.30 ? 1373 HOH A O   1 
HETATM 1174 O O   . HOH D 4 .   ? 14.199  -3.784  4.762   1.00 30.93 ? 1374 HOH A O   1 
HETATM 1175 O O   . HOH D 4 .   ? -8.483  -6.062  -4.305  1.00 52.67 ? 1375 HOH A O   1 
HETATM 1176 O O   . HOH D 4 .   ? 3.526   -12.745 -5.506  1.00 44.91 ? 1376 HOH A O   1 
HETATM 1177 O O   . HOH D 4 .   ? 7.368   -12.140 -8.499  1.00 48.57 ? 1377 HOH A O   1 
HETATM 1178 O O   . HOH D 4 .   ? 15.621  0.958   5.671   1.00 38.07 ? 1378 HOH A O   1 
HETATM 1179 O O   . HOH D 4 .   ? 7.645   11.209  -8.333  1.00 49.23 ? 1379 HOH A O   1 
HETATM 1180 O O   . HOH D 4 .   ? -16.164 0.091   0.856   1.00 51.77 ? 1380 HOH A O   1 
HETATM 1181 O O   . HOH D 4 .   ? -10.772 -6.424  -6.040  1.00 56.87 ? 1381 HOH A O   1 
HETATM 1182 O O   . HOH D 4 .   ? 7.581   -10.385 -11.052 1.00 51.90 ? 1382 HOH A O   1 
# 
